data_2G04
#
_entry.id   2G04
#
_cell.length_a   109.562
_cell.length_b   109.562
_cell.length_c   147.973
_cell.angle_alpha   90.00
_cell.angle_beta   90.00
_cell.angle_gamma   120.00
#
_symmetry.space_group_name_H-M   'P 32'
#
loop_
_entity.id
_entity.type
_entity.pdbx_description
1 polymer 'PROBABLE FATTY-ACID-CoA RACEMASE FAR'
2 water water
#
_entity_poly.entity_id   1
_entity_poly.type   'polypeptide(L)'
_entity_poly.pdbx_seq_one_letter_code
;MTTGGPLAGVKVIELGGIGPGPHAGMVLADLGADVVRVRRPGGLTMPSEDRDLLHRGKRIVDLDVKTQPQAMLELAAKAD
VLLDCFRPGTCERLGIGPDDCASVNPRLIFARITGWGQDGPLASTAGHDINYLSQTGALAAFGYADRPPMPPLNLVADFG
GGSMLVLLGIVVALYERERSGVGQVVDAAMVDGVSVLAQMMWTMKGIGSLRDQRESFLLDGGAPFYRCYETSDGKYMAVG
AIEPQFFAALLSGLGLSAADVPTQLDVAGYPQMYDIFAERFASRTRDEWTRVFAGTDACVTPVLAWSEAANNDHLKARST
VITAHGVQQAAPAPRFSRTPAGPVRPPPAAATPIDEINW
;
_entity_poly.pdbx_strand_id   A,B,C,D,E,F
#
# COMPACT_ATOMS: atom_id res chain seq x y z
N GLY A 4 38.39 30.46 -17.14
CA GLY A 4 38.50 29.09 -16.54
C GLY A 4 37.25 28.22 -16.64
N GLY A 5 36.91 27.80 -17.87
CA GLY A 5 35.75 26.97 -18.09
C GLY A 5 34.42 27.72 -18.19
N PRO A 6 33.50 27.28 -19.07
CA PRO A 6 32.21 27.94 -19.23
C PRO A 6 31.33 27.82 -17.99
N LEU A 7 31.56 26.79 -17.19
CA LEU A 7 30.77 26.61 -15.99
C LEU A 7 31.44 27.21 -14.75
N ALA A 8 32.43 28.06 -14.97
CA ALA A 8 33.15 28.71 -13.87
C ALA A 8 32.23 29.53 -12.96
N GLY A 9 32.39 29.35 -11.65
CA GLY A 9 31.55 30.08 -10.71
C GLY A 9 30.42 29.24 -10.15
N VAL A 10 30.21 28.07 -10.74
CA VAL A 10 29.14 27.21 -10.25
C VAL A 10 29.54 26.43 -9.01
N LYS A 11 28.76 26.57 -7.96
CA LYS A 11 29.02 25.87 -6.71
C LYS A 11 28.31 24.54 -6.79
N VAL A 12 29.07 23.44 -6.67
CA VAL A 12 28.48 22.11 -6.75
C VAL A 12 28.82 21.26 -5.52
N ILE A 13 27.82 20.53 -5.04
CA ILE A 13 28.00 19.67 -3.88
C ILE A 13 27.74 18.22 -4.26
N GLU A 14 28.80 17.41 -4.26
CA GLU A 14 28.70 16.01 -4.62
C GLU A 14 28.53 15.19 -3.33
N LEU A 15 27.54 14.29 -3.29
CA LEU A 15 27.30 13.46 -2.10
C LEU A 15 27.67 11.99 -2.24
N GLY A 16 26.82 11.20 -2.90
CA GLY A 16 27.11 9.78 -3.08
C GLY A 16 28.40 9.60 -3.84
N GLY A 17 29.14 8.53 -3.57
CA GLY A 17 30.41 8.35 -4.26
C GLY A 17 30.61 7.10 -5.08
N ILE A 18 29.79 6.93 -6.11
CA ILE A 18 29.88 5.77 -6.98
C ILE A 18 29.30 5.92 -8.37
N GLY A 19 30.15 5.60 -9.35
CA GLY A 19 29.77 5.66 -10.75
C GLY A 19 29.26 6.99 -11.26
N PRO A 20 28.01 7.03 -11.77
CA PRO A 20 27.42 8.26 -12.30
C PRO A 20 27.63 9.51 -11.45
N GLY A 21 27.25 9.46 -10.18
CA GLY A 21 27.42 10.63 -9.34
C GLY A 21 28.75 11.34 -9.53
N PRO A 22 29.84 10.72 -9.09
CA PRO A 22 31.17 11.29 -9.20
C PRO A 22 31.64 11.54 -10.63
N HIS A 23 31.23 10.72 -11.58
CA HIS A 23 31.68 10.96 -12.96
C HIS A 23 31.09 12.27 -13.47
N ALA A 24 29.86 12.57 -13.06
CA ALA A 24 29.22 13.81 -13.46
C ALA A 24 29.99 14.94 -12.81
N GLY A 25 30.25 14.78 -11.52
CA GLY A 25 31.00 15.77 -10.77
C GLY A 25 32.29 16.11 -11.48
N MET A 26 32.98 15.10 -11.99
CA MET A 26 34.23 15.32 -12.70
C MET A 26 34.08 16.28 -13.88
N VAL A 27 33.15 15.98 -14.77
CA VAL A 27 32.89 16.82 -15.95
C VAL A 27 32.59 18.25 -15.51
N LEU A 28 31.76 18.38 -14.48
CA LEU A 28 31.43 19.69 -13.95
C LEU A 28 32.73 20.42 -13.63
N ALA A 29 33.65 19.77 -12.91
CA ALA A 29 34.92 20.38 -12.56
C ALA A 29 35.76 20.65 -13.80
N ASP A 30 35.77 19.69 -14.72
CA ASP A 30 36.52 19.81 -15.97
C ASP A 30 36.12 21.05 -16.73
N LEU A 31 34.86 21.43 -16.57
CA LEU A 31 34.31 22.59 -17.28
C LEU A 31 34.37 23.90 -16.47
N GLY A 32 35.13 23.88 -15.37
CA GLY A 32 35.29 25.09 -14.57
C GLY A 32 34.49 25.21 -13.29
N ALA A 33 33.51 24.35 -13.08
CA ALA A 33 32.70 24.42 -11.87
C ALA A 33 33.50 24.18 -10.60
N ASP A 34 33.03 24.75 -9.50
CA ASP A 34 33.67 24.60 -8.19
C ASP A 34 32.94 23.44 -7.53
N VAL A 35 33.45 22.23 -7.77
CA VAL A 35 32.84 21.03 -7.21
C VAL A 35 33.46 20.65 -5.88
N VAL A 36 32.61 20.30 -4.91
CA VAL A 36 33.07 19.90 -3.59
C VAL A 36 32.35 18.66 -3.10
N ARG A 37 33.11 17.59 -2.91
CA ARG A 37 32.58 16.33 -2.43
C ARG A 37 32.38 16.36 -0.93
N VAL A 38 31.29 15.77 -0.48
CA VAL A 38 30.98 15.73 0.93
C VAL A 38 30.76 14.28 1.33
N ARG A 39 31.65 13.75 2.16
CA ARG A 39 31.55 12.35 2.59
C ARG A 39 32.16 12.07 3.96
N ARG A 40 31.66 11.03 4.62
CA ARG A 40 32.17 10.66 5.94
C ARG A 40 33.65 10.34 5.80
N PRO A 41 34.42 10.53 6.88
CA PRO A 41 35.86 10.29 6.92
C PRO A 41 36.26 8.82 6.80
N GLY A 42 35.50 7.93 7.44
CA GLY A 42 35.82 6.53 7.40
C GLY A 42 35.62 5.89 6.04
N GLY A 43 35.46 6.72 5.02
CA GLY A 43 35.24 6.23 3.67
C GLY A 43 36.08 5.02 3.28
N LEU A 44 35.41 4.02 2.72
CA LEU A 44 36.08 2.80 2.30
C LEU A 44 36.18 2.77 0.77
N THR A 45 36.34 3.94 0.16
CA THR A 45 36.42 4.07 -1.29
C THR A 45 37.62 3.36 -1.89
N MET A 46 37.44 2.88 -3.12
CA MET A 46 38.50 2.21 -3.86
C MET A 46 38.47 2.71 -5.31
N PRO A 47 39.57 3.30 -5.79
CA PRO A 47 40.83 3.53 -5.08
C PRO A 47 40.78 4.76 -4.20
N SER A 48 41.91 5.07 -3.61
CA SER A 48 42.04 6.24 -2.77
C SER A 48 41.62 7.46 -3.60
N GLU A 49 40.73 8.28 -3.05
CA GLU A 49 40.26 9.46 -3.77
C GLU A 49 41.36 10.21 -4.49
N ASP A 50 42.50 10.39 -3.82
CA ASP A 50 43.62 11.12 -4.42
C ASP A 50 44.21 10.43 -5.65
N ARG A 51 43.63 9.29 -6.01
CA ARG A 51 44.08 8.54 -7.18
C ARG A 51 42.91 8.20 -8.11
N ASP A 52 41.77 8.85 -7.89
CA ASP A 52 40.57 8.63 -8.70
C ASP A 52 40.27 9.78 -9.69
N LEU A 53 40.63 9.54 -10.95
CA LEU A 53 40.41 10.51 -12.01
C LEU A 53 39.01 11.13 -12.02
N LEU A 54 38.06 10.48 -11.38
CA LEU A 54 36.71 11.02 -11.35
C LEU A 54 36.59 12.14 -10.34
N HIS A 55 37.67 12.40 -9.62
CA HIS A 55 37.61 13.46 -8.64
C HIS A 55 38.54 14.60 -8.93
N ARG A 56 39.30 14.50 -10.00
CA ARG A 56 40.23 15.54 -10.36
C ARG A 56 39.55 16.93 -10.39
N GLY A 57 40.26 17.94 -9.87
CA GLY A 57 39.75 19.31 -9.84
C GLY A 57 38.70 19.59 -8.80
N LYS A 58 38.36 18.57 -8.02
CA LYS A 58 37.34 18.67 -6.98
C LYS A 58 38.01 18.82 -5.61
N ARG A 59 37.21 19.02 -4.58
CA ARG A 59 37.73 19.14 -3.24
C ARG A 59 36.92 18.27 -2.30
N ILE A 60 37.60 17.39 -1.59
CA ILE A 60 36.95 16.49 -0.65
C ILE A 60 36.76 17.20 0.68
N VAL A 61 35.67 16.90 1.37
CA VAL A 61 35.39 17.51 2.67
C VAL A 61 34.73 16.53 3.62
N ASP A 62 35.42 16.22 4.72
CA ASP A 62 34.87 15.29 5.71
C ASP A 62 33.60 15.94 6.29
N LEU A 63 32.53 15.17 6.40
CA LEU A 63 31.28 15.69 6.93
C LEU A 63 30.17 14.65 7.04
N ASP A 64 30.19 13.89 8.12
CA ASP A 64 29.18 12.85 8.34
C ASP A 64 27.81 13.53 8.43
N VAL A 65 26.80 12.90 7.85
CA VAL A 65 25.47 13.47 7.86
C VAL A 65 24.48 12.58 8.61
N PRO A 69 24.49 15.02 11.87
CA PRO A 69 25.08 16.34 11.68
C PRO A 69 24.55 17.01 10.42
N GLN A 70 23.41 17.67 10.54
CA GLN A 70 22.77 18.34 9.41
C GLN A 70 23.35 19.71 9.08
N ALA A 71 24.47 20.06 9.70
CA ALA A 71 25.09 21.36 9.47
C ALA A 71 25.43 21.64 8.00
N MET A 72 25.06 20.74 7.10
CA MET A 72 25.36 20.91 5.68
C MET A 72 24.32 21.78 4.97
N LEU A 73 23.12 21.82 5.52
CA LEU A 73 22.05 22.63 4.94
C LEU A 73 22.58 24.05 4.83
N GLU A 74 23.50 24.36 5.75
CA GLU A 74 24.12 25.67 5.81
C GLU A 74 25.09 25.84 4.64
N LEU A 75 25.52 24.72 4.08
CA LEU A 75 26.46 24.74 2.97
C LEU A 75 25.71 24.86 1.64
N ALA A 76 24.66 24.07 1.49
CA ALA A 76 23.86 24.09 0.27
C ALA A 76 23.39 25.51 -0.02
N ALA A 77 22.89 26.18 1.00
CA ALA A 77 22.37 27.54 0.85
C ALA A 77 23.32 28.48 0.12
N LYS A 78 24.61 28.15 0.13
CA LYS A 78 25.57 29.01 -0.53
C LYS A 78 25.94 28.44 -1.90
N ALA A 79 25.58 27.17 -2.11
CA ALA A 79 25.89 26.49 -3.37
C ALA A 79 24.79 26.60 -4.43
N ASP A 80 25.16 26.36 -5.67
CA ASP A 80 24.22 26.42 -6.79
C ASP A 80 23.60 25.06 -7.08
N VAL A 81 24.42 24.01 -7.01
CA VAL A 81 23.96 22.67 -7.29
C VAL A 81 24.29 21.65 -6.19
N LEU A 82 23.37 20.72 -5.99
CA LEU A 82 23.53 19.64 -5.02
C LEU A 82 23.35 18.36 -5.79
N LEU A 83 24.42 17.59 -5.96
CA LEU A 83 24.33 16.35 -6.70
C LEU A 83 24.07 15.13 -5.81
N ASP A 84 22.79 14.83 -5.57
CA ASP A 84 22.44 13.67 -4.75
C ASP A 84 22.69 12.38 -5.51
N CYS A 85 23.45 11.47 -4.91
CA CYS A 85 23.78 10.19 -5.53
C CYS A 85 23.39 8.99 -4.65
N PHE A 86 22.61 9.24 -3.60
CA PHE A 86 22.18 8.18 -2.69
C PHE A 86 20.86 7.61 -3.17
N ARG A 87 20.44 6.48 -2.59
CA ARG A 87 19.16 5.87 -2.95
C ARG A 87 18.07 6.92 -2.76
N PRO A 88 16.90 6.71 -3.37
CA PRO A 88 15.83 7.70 -3.19
C PRO A 88 15.38 7.66 -1.75
N GLY A 89 15.12 8.84 -1.19
CA GLY A 89 14.68 8.92 0.19
C GLY A 89 15.79 9.16 1.20
N THR A 90 16.83 8.33 1.16
CA THR A 90 17.96 8.44 2.08
C THR A 90 18.43 9.89 2.19
N CYS A 91 18.47 10.60 1.08
CA CYS A 91 18.90 11.99 1.11
C CYS A 91 17.97 12.84 1.97
N GLU A 92 16.66 12.60 1.87
CA GLU A 92 15.69 13.36 2.66
C GLU A 92 15.39 12.71 4.01
N ARG A 93 15.98 11.55 4.23
CA ARG A 93 15.80 10.84 5.49
C ARG A 93 16.67 11.57 6.50
N LEU A 94 17.69 12.25 5.97
CA LEU A 94 18.60 13.04 6.79
C LEU A 94 18.12 14.47 6.74
N GLY A 95 18.88 15.38 7.31
CA GLY A 95 18.48 16.79 7.30
C GLY A 95 18.23 17.29 5.89
N ILE A 96 19.17 17.05 5.00
CA ILE A 96 19.06 17.48 3.61
C ILE A 96 17.85 16.90 2.87
N GLY A 97 17.48 17.52 1.76
CA GLY A 97 16.34 17.07 0.99
C GLY A 97 15.82 18.21 0.14
N PRO A 98 15.12 17.90 -0.97
CA PRO A 98 14.57 18.93 -1.87
C PRO A 98 13.82 20.02 -1.13
N ASP A 99 12.99 19.61 -0.18
CA ASP A 99 12.18 20.54 0.60
C ASP A 99 13.04 21.46 1.46
N ASP A 100 13.76 20.86 2.41
CA ASP A 100 14.63 21.58 3.32
C ASP A 100 15.57 22.55 2.60
N CYS A 101 16.24 22.07 1.57
CA CYS A 101 17.15 22.91 0.81
C CYS A 101 16.42 24.08 0.18
N ALA A 102 15.21 23.83 -0.30
CA ALA A 102 14.40 24.88 -0.92
C ALA A 102 14.28 26.08 0.00
N SER A 103 14.00 25.80 1.27
CA SER A 103 13.84 26.81 2.30
C SER A 103 15.10 27.66 2.46
N VAL A 104 16.24 26.99 2.60
CA VAL A 104 17.50 27.67 2.78
C VAL A 104 18.03 28.32 1.50
N ASN A 105 17.66 27.77 0.35
CA ASN A 105 18.10 28.33 -0.94
C ASN A 105 17.21 27.92 -2.11
N PRO A 106 16.33 28.82 -2.57
CA PRO A 106 15.43 28.55 -3.69
C PRO A 106 16.15 28.62 -5.04
N ARG A 107 17.43 28.97 -5.01
CA ARG A 107 18.22 29.10 -6.23
C ARG A 107 18.93 27.78 -6.52
N LEU A 108 18.82 26.85 -5.57
CA LEU A 108 19.47 25.54 -5.65
C LEU A 108 18.93 24.60 -6.73
N ILE A 109 19.85 23.87 -7.35
CA ILE A 109 19.51 22.89 -8.37
C ILE A 109 19.71 21.52 -7.73
N PHE A 110 18.63 20.88 -7.33
CA PHE A 110 18.71 19.56 -6.69
C PHE A 110 18.70 18.42 -7.69
N ALA A 111 19.87 18.05 -8.18
CA ALA A 111 20.01 16.96 -9.15
C ALA A 111 20.03 15.61 -8.43
N ARG A 112 19.51 14.57 -9.09
CA ARG A 112 19.49 13.25 -8.48
C ARG A 112 19.68 12.13 -9.52
N ILE A 113 20.82 11.43 -9.49
CA ILE A 113 21.06 10.36 -10.44
C ILE A 113 20.73 9.02 -9.83
N THR A 114 19.86 8.28 -10.48
CA THR A 114 19.44 6.98 -9.99
C THR A 114 19.26 6.01 -11.14
N GLY A 115 19.40 4.73 -10.83
CA GLY A 115 19.20 3.73 -11.86
C GLY A 115 17.73 3.53 -12.15
N TRP A 116 16.93 3.53 -11.09
CA TRP A 116 15.49 3.34 -11.23
C TRP A 116 14.68 4.63 -11.15
N GLY A 117 15.32 5.72 -10.70
CA GLY A 117 14.63 6.99 -10.58
C GLY A 117 14.04 7.14 -9.19
N GLN A 118 13.30 8.23 -8.96
CA GLN A 118 12.70 8.43 -7.64
C GLN A 118 11.42 7.63 -7.40
N ASP A 119 10.45 7.79 -8.31
CA ASP A 119 9.16 7.09 -8.20
C ASP A 119 9.24 5.71 -8.81
N GLY A 120 8.21 4.90 -8.60
CA GLY A 120 8.20 3.56 -9.17
C GLY A 120 8.46 2.46 -8.17
N PRO A 121 8.02 1.23 -8.47
CA PRO A 121 8.21 0.08 -7.57
C PRO A 121 9.68 -0.27 -7.37
N LEU A 122 10.42 -0.35 -8.47
CA LEU A 122 11.82 -0.68 -8.40
C LEU A 122 12.68 0.39 -7.72
N ALA A 123 12.15 1.61 -7.63
CA ALA A 123 12.87 2.74 -7.03
C ALA A 123 13.69 2.40 -5.78
N SER A 124 13.11 1.61 -4.90
CA SER A 124 13.80 1.24 -3.67
C SER A 124 14.83 0.15 -3.94
N THR A 125 14.57 -0.70 -4.93
CA THR A 125 15.48 -1.78 -5.25
C THR A 125 16.89 -1.32 -5.64
N ALA A 126 17.88 -2.13 -5.26
CA ALA A 126 19.28 -1.84 -5.55
C ALA A 126 19.66 -2.46 -6.87
N GLY A 127 20.61 -1.86 -7.58
CA GLY A 127 21.02 -2.42 -8.85
C GLY A 127 22.19 -1.69 -9.48
N HIS A 128 22.73 -2.26 -10.56
CA HIS A 128 23.85 -1.68 -11.27
C HIS A 128 23.60 -1.56 -12.76
N ASP A 129 24.57 -0.97 -13.46
CA ASP A 129 24.46 -0.77 -14.89
C ASP A 129 23.86 -1.97 -15.62
N ILE A 130 24.47 -3.13 -15.48
CA ILE A 130 23.93 -4.29 -16.15
C ILE A 130 22.44 -4.46 -15.85
N ASN A 131 22.02 -4.20 -14.61
CA ASN A 131 20.61 -4.35 -14.28
C ASN A 131 19.70 -3.35 -14.99
N TYR A 132 20.00 -2.06 -14.88
CA TYR A 132 19.16 -1.05 -15.50
C TYR A 132 18.99 -1.31 -16.99
N LEU A 133 20.03 -1.84 -17.62
CA LEU A 133 19.98 -2.15 -19.03
C LEU A 133 19.04 -3.32 -19.32
N SER A 134 18.83 -4.18 -18.34
CA SER A 134 17.97 -5.34 -18.53
C SER A 134 16.48 -4.99 -18.68
N GLN A 135 16.06 -3.87 -18.06
CA GLN A 135 14.67 -3.45 -18.12
C GLN A 135 14.30 -2.64 -19.36
N THR A 136 15.25 -1.89 -19.90
CA THR A 136 15.01 -1.06 -21.08
C THR A 136 14.96 -1.87 -22.37
N GLY A 137 15.50 -3.07 -22.34
CA GLY A 137 15.48 -3.89 -23.53
C GLY A 137 16.69 -3.70 -24.41
N ALA A 138 17.58 -2.78 -24.01
CA ALA A 138 18.80 -2.51 -24.75
C ALA A 138 19.75 -3.68 -24.55
N LEU A 139 19.78 -4.23 -23.35
CA LEU A 139 20.68 -5.34 -23.10
C LEU A 139 20.32 -6.57 -23.91
N ALA A 140 19.03 -6.88 -24.01
CA ALA A 140 18.59 -8.06 -24.75
C ALA A 140 18.89 -7.96 -26.24
N ALA A 141 19.41 -6.82 -26.67
CA ALA A 141 19.74 -6.63 -28.08
C ALA A 141 21.24 -6.63 -28.28
N PHE A 142 21.98 -7.04 -27.24
CA PHE A 142 23.43 -7.05 -27.29
C PHE A 142 24.04 -8.44 -27.42
N GLY A 143 25.19 -8.51 -28.09
CA GLY A 143 25.93 -9.76 -28.23
C GLY A 143 25.55 -10.77 -29.28
N TYR A 144 26.26 -11.90 -29.28
CA TYR A 144 26.01 -12.98 -30.23
C TYR A 144 24.74 -13.73 -29.86
N ALA A 145 24.09 -14.29 -30.86
CA ALA A 145 22.85 -15.04 -30.69
C ALA A 145 22.87 -16.20 -29.67
N ASP A 146 23.88 -17.05 -29.74
CA ASP A 146 24.02 -18.19 -28.85
C ASP A 146 24.35 -17.84 -27.39
N ARG A 147 25.51 -17.21 -27.18
CA ARG A 147 25.93 -16.81 -25.83
C ARG A 147 24.98 -15.76 -25.26
N PRO A 148 24.88 -15.68 -23.92
CA PRO A 148 24.00 -14.68 -23.31
C PRO A 148 24.49 -13.25 -23.59
N PRO A 149 23.64 -12.25 -23.30
CA PRO A 149 24.03 -10.86 -23.54
C PRO A 149 25.19 -10.47 -22.62
N MET A 150 26.13 -9.70 -23.16
CA MET A 150 27.28 -9.24 -22.40
C MET A 150 27.28 -7.71 -22.39
N PRO A 151 27.25 -7.10 -21.19
CA PRO A 151 27.24 -5.65 -20.98
C PRO A 151 28.50 -4.94 -21.42
N PRO A 152 28.36 -3.78 -22.07
CA PRO A 152 29.49 -2.97 -22.56
C PRO A 152 30.11 -2.26 -21.34
N LEU A 153 30.70 -3.03 -20.44
CA LEU A 153 31.25 -2.48 -19.21
C LEU A 153 30.07 -1.77 -18.57
N ASN A 154 30.24 -0.51 -18.17
CA ASN A 154 29.12 0.21 -17.57
C ASN A 154 29.01 1.57 -18.25
N LEU A 155 29.37 1.60 -19.53
CA LEU A 155 29.31 2.83 -20.29
C LEU A 155 27.93 3.25 -20.71
N VAL A 156 27.05 2.31 -21.00
CA VAL A 156 25.73 2.68 -21.47
C VAL A 156 24.82 3.36 -20.46
N ALA A 157 24.56 2.69 -19.34
CA ALA A 157 23.66 3.21 -18.30
C ALA A 157 24.29 4.17 -17.30
N ASP A 158 25.36 3.72 -16.67
CA ASP A 158 26.06 4.52 -15.66
C ASP A 158 26.52 5.87 -16.17
N PHE A 159 27.20 5.90 -17.31
CA PHE A 159 27.68 7.16 -17.85
C PHE A 159 26.94 7.69 -19.06
N GLY A 160 26.84 6.88 -20.11
CA GLY A 160 26.16 7.32 -21.32
C GLY A 160 24.74 7.77 -21.12
N GLY A 161 24.03 7.12 -20.21
CA GLY A 161 22.66 7.46 -19.93
C GLY A 161 22.43 7.77 -18.47
N GLY A 162 23.51 7.91 -17.72
CA GLY A 162 23.40 8.22 -16.31
C GLY A 162 24.11 9.54 -16.03
N SER A 163 25.43 9.48 -16.00
CA SER A 163 26.25 10.66 -15.78
C SER A 163 25.84 11.80 -16.71
N MET A 164 25.85 11.53 -18.02
CA MET A 164 25.46 12.53 -19.02
C MET A 164 24.04 13.05 -18.86
N LEU A 165 23.13 12.19 -18.41
CA LEU A 165 21.73 12.59 -18.22
C LEU A 165 21.63 13.66 -17.13
N VAL A 166 22.21 13.37 -15.97
CA VAL A 166 22.16 14.32 -14.86
C VAL A 166 22.99 15.54 -15.21
N LEU A 167 24.03 15.35 -16.02
CA LEU A 167 24.85 16.46 -16.45
C LEU A 167 23.98 17.38 -17.30
N LEU A 168 23.24 16.79 -18.23
CA LEU A 168 22.35 17.57 -19.11
C LEU A 168 21.29 18.27 -18.25
N GLY A 169 20.64 17.49 -17.40
CA GLY A 169 19.62 18.02 -16.51
C GLY A 169 20.14 19.22 -15.74
N ILE A 170 21.34 19.12 -15.19
CA ILE A 170 21.93 20.22 -14.42
C ILE A 170 22.13 21.48 -15.24
N VAL A 171 23.01 21.39 -16.24
CA VAL A 171 23.30 22.54 -17.08
C VAL A 171 22.03 23.10 -17.68
N VAL A 172 21.00 22.27 -17.82
CA VAL A 172 19.73 22.75 -18.33
C VAL A 172 19.04 23.48 -17.19
N ALA A 173 18.97 22.84 -16.03
CA ALA A 173 18.33 23.46 -14.89
C ALA A 173 19.02 24.77 -14.55
N LEU A 174 20.28 24.88 -14.97
CA LEU A 174 21.03 26.11 -14.73
C LEU A 174 20.51 27.19 -15.67
N TYR A 175 20.44 26.85 -16.96
CA TYR A 175 19.95 27.82 -17.96
C TYR A 175 18.54 28.27 -17.61
N GLU A 176 17.77 27.35 -17.04
CA GLU A 176 16.40 27.64 -16.64
C GLU A 176 16.43 28.71 -15.57
N ARG A 177 16.85 28.33 -14.36
CA ARG A 177 16.93 29.26 -13.25
C ARG A 177 17.69 30.53 -13.60
N GLU A 178 18.61 30.44 -14.54
CA GLU A 178 19.39 31.59 -14.96
C GLU A 178 18.51 32.57 -15.75
N ARG A 179 17.20 32.38 -15.61
CA ARG A 179 16.20 33.22 -16.29
C ARG A 179 14.96 33.29 -15.41
N SER A 180 14.62 32.17 -14.77
CA SER A 180 13.48 32.10 -13.89
C SER A 180 13.92 32.44 -12.48
N GLY A 181 15.21 32.68 -12.32
CA GLY A 181 15.74 33.02 -11.02
C GLY A 181 15.37 32.02 -9.94
N VAL A 182 14.94 30.82 -10.33
CA VAL A 182 14.56 29.80 -9.35
C VAL A 182 14.99 28.42 -9.82
N GLY A 183 15.70 27.70 -8.96
CA GLY A 183 16.13 26.37 -9.31
C GLY A 183 15.00 25.39 -9.06
N GLN A 184 15.28 24.11 -9.20
CA GLN A 184 14.27 23.07 -9.00
C GLN A 184 14.93 21.73 -8.80
N VAL A 185 14.15 20.67 -8.91
CA VAL A 185 14.67 19.30 -8.72
C VAL A 185 14.82 18.63 -10.09
N VAL A 186 15.93 17.93 -10.29
CA VAL A 186 16.19 17.22 -11.54
C VAL A 186 16.29 15.73 -11.26
N ASP A 187 15.39 14.95 -11.87
CA ASP A 187 15.39 13.50 -11.67
C ASP A 187 16.00 12.80 -12.87
N ALA A 188 17.22 12.31 -12.70
CA ALA A 188 17.92 11.61 -13.76
C ALA A 188 17.87 10.12 -13.50
N ALA A 189 16.98 9.41 -14.21
CA ALA A 189 16.88 7.97 -14.06
C ALA A 189 17.64 7.30 -15.19
N MET A 190 18.59 6.44 -14.83
CA MET A 190 19.38 5.74 -15.84
C MET A 190 18.50 4.94 -16.78
N VAL A 191 17.48 4.27 -16.24
CA VAL A 191 16.59 3.49 -17.07
C VAL A 191 15.95 4.47 -18.10
N ASP A 192 15.78 5.74 -17.69
CA ASP A 192 15.23 6.78 -18.54
C ASP A 192 16.21 7.21 -19.64
N GLY A 193 17.42 7.52 -19.23
CA GLY A 193 18.43 7.94 -20.19
C GLY A 193 18.71 6.86 -21.22
N VAL A 194 18.92 5.64 -20.76
CA VAL A 194 19.18 4.56 -21.67
C VAL A 194 18.04 4.42 -22.69
N SER A 195 16.79 4.50 -22.22
CA SER A 195 15.67 4.38 -23.13
C SER A 195 15.69 5.48 -24.20
N VAL A 196 16.17 6.67 -23.84
CA VAL A 196 16.27 7.80 -24.76
C VAL A 196 17.46 7.59 -25.68
N LEU A 197 18.46 6.85 -25.19
CA LEU A 197 19.64 6.55 -25.99
C LEU A 197 19.23 5.54 -27.03
N ALA A 198 18.16 4.81 -26.72
CA ALA A 198 17.66 3.79 -27.62
C ALA A 198 16.54 4.25 -28.55
N GLN A 199 16.17 5.52 -28.52
CA GLN A 199 15.09 5.99 -29.40
C GLN A 199 15.17 5.41 -30.81
N MET A 200 16.34 5.54 -31.43
CA MET A 200 16.52 5.03 -32.77
C MET A 200 15.92 3.63 -32.89
N MET A 201 16.19 2.79 -31.89
CA MET A 201 15.67 1.43 -31.89
C MET A 201 14.15 1.47 -31.86
N TRP A 202 13.58 2.25 -30.96
CA TRP A 202 12.13 2.33 -30.87
C TRP A 202 11.57 2.72 -32.23
N THR A 203 12.21 3.68 -32.88
CA THR A 203 11.78 4.10 -34.19
C THR A 203 11.70 2.87 -35.09
N MET A 204 12.77 2.08 -35.07
CA MET A 204 12.86 0.88 -35.88
C MET A 204 11.79 -0.10 -35.49
N LYS A 205 11.58 -0.26 -34.19
CA LYS A 205 10.59 -1.18 -33.67
C LYS A 205 9.22 -0.91 -34.27
N GLY A 206 8.80 0.35 -34.30
CA GLY A 206 7.50 0.68 -34.85
C GLY A 206 7.42 0.54 -36.35
N ILE A 207 8.55 0.77 -37.01
CA ILE A 207 8.66 0.69 -38.44
C ILE A 207 8.74 -0.73 -38.95
N GLY A 208 9.13 -1.65 -38.09
CA GLY A 208 9.23 -3.03 -38.52
C GLY A 208 10.58 -3.45 -39.05
N SER A 209 11.62 -2.70 -38.68
CA SER A 209 12.97 -3.01 -39.13
C SER A 209 13.66 -3.99 -38.21
N LEU A 210 13.09 -4.23 -37.04
CA LEU A 210 13.69 -5.16 -36.08
C LEU A 210 13.08 -6.55 -36.17
N ARG A 211 13.88 -7.53 -35.80
CA ARG A 211 13.41 -8.90 -35.81
C ARG A 211 13.43 -9.39 -34.37
N ASP A 212 13.17 -10.66 -34.16
CA ASP A 212 13.14 -11.17 -32.82
C ASP A 212 14.50 -11.66 -32.30
N GLN A 213 15.27 -12.33 -33.16
CA GLN A 213 16.58 -12.84 -32.76
C GLN A 213 17.70 -11.80 -32.88
N ARG A 214 18.80 -12.03 -32.20
CA ARG A 214 19.92 -11.09 -32.28
C ARG A 214 20.72 -11.30 -33.54
N GLU A 215 21.72 -10.46 -33.78
CA GLU A 215 22.55 -10.55 -34.97
C GLU A 215 21.69 -10.55 -36.24
N SER A 216 20.63 -9.73 -36.24
CA SER A 216 19.71 -9.65 -37.38
C SER A 216 19.52 -8.23 -37.94
N PHE A 217 19.72 -7.25 -37.08
CA PHE A 217 19.59 -5.84 -37.43
C PHE A 217 20.87 -5.40 -38.16
N LEU A 218 20.96 -4.11 -38.44
CA LEU A 218 22.12 -3.54 -39.13
C LEU A 218 23.29 -3.25 -38.19
N LEU A 219 22.96 -2.82 -36.97
CA LEU A 219 23.98 -2.46 -35.99
C LEU A 219 24.26 -3.44 -34.86
N ASP A 220 23.76 -4.66 -34.99
CA ASP A 220 23.98 -5.67 -33.95
C ASP A 220 24.78 -6.88 -34.44
N GLY A 221 25.50 -6.71 -35.54
CA GLY A 221 26.29 -7.81 -36.07
C GLY A 221 25.59 -8.60 -37.15
N GLY A 222 24.32 -8.30 -37.41
CA GLY A 222 23.58 -9.03 -38.42
C GLY A 222 24.01 -8.68 -39.83
N ALA A 223 24.96 -7.75 -39.94
CA ALA A 223 25.46 -7.33 -41.24
C ALA A 223 26.96 -7.43 -41.27
N PRO A 224 27.48 -8.34 -42.10
CA PRO A 224 28.92 -8.51 -42.21
C PRO A 224 29.71 -7.22 -42.48
N PHE A 225 29.05 -6.21 -43.05
CA PHE A 225 29.79 -4.99 -43.33
C PHE A 225 29.78 -3.98 -42.17
N TYR A 226 29.36 -4.48 -41.01
CA TYR A 226 29.30 -3.69 -39.78
C TYR A 226 29.55 -4.58 -38.57
N ARG A 227 30.80 -4.96 -38.38
CA ARG A 227 31.20 -5.81 -37.26
C ARG A 227 32.71 -5.90 -37.22
N CYS A 228 33.21 -6.85 -36.43
CA CYS A 228 34.65 -7.02 -36.32
C CYS A 228 35.12 -8.36 -36.86
N TYR A 229 36.33 -8.34 -37.39
CA TYR A 229 36.98 -9.52 -37.96
C TYR A 229 38.38 -9.72 -37.36
N GLU A 230 38.69 -10.95 -37.01
CA GLU A 230 39.99 -11.27 -36.43
C GLU A 230 41.05 -11.29 -37.53
N THR A 231 42.23 -10.78 -37.22
CA THR A 231 43.31 -10.74 -38.18
C THR A 231 44.24 -11.96 -38.01
N SER A 232 45.32 -12.01 -38.80
CA SER A 232 46.28 -13.10 -38.72
C SER A 232 46.95 -13.13 -37.35
N ASP A 233 47.47 -11.98 -36.92
CA ASP A 233 48.14 -11.89 -35.64
C ASP A 233 47.18 -11.78 -34.47
N GLY A 234 46.10 -12.57 -34.50
CA GLY A 234 45.11 -12.58 -33.42
C GLY A 234 44.48 -11.27 -32.95
N LYS A 235 44.68 -10.20 -33.72
CA LYS A 235 44.13 -8.89 -33.40
C LYS A 235 42.75 -8.78 -34.04
N TYR A 236 42.22 -7.56 -34.05
CA TYR A 236 40.91 -7.33 -34.61
C TYR A 236 40.81 -6.04 -35.39
N MET A 237 39.96 -6.04 -36.39
CA MET A 237 39.72 -4.87 -37.22
C MET A 237 38.22 -4.54 -37.14
N ALA A 238 37.88 -3.27 -36.99
CA ALA A 238 36.47 -2.90 -36.93
C ALA A 238 35.95 -2.38 -38.25
N VAL A 239 34.92 -3.01 -38.78
CA VAL A 239 34.38 -2.58 -40.05
C VAL A 239 33.02 -1.92 -39.91
N GLY A 240 32.80 -0.86 -40.66
CA GLY A 240 31.52 -0.21 -40.57
C GLY A 240 31.11 0.36 -41.91
N ALA A 241 31.46 -0.36 -42.97
CA ALA A 241 31.14 0.12 -44.31
C ALA A 241 29.63 0.00 -44.53
N ILE A 242 28.88 0.99 -44.08
CA ILE A 242 27.44 0.92 -44.26
C ILE A 242 27.03 1.49 -45.62
N GLU A 243 27.33 2.76 -45.84
CA GLU A 243 27.00 3.40 -47.10
C GLU A 243 27.58 2.58 -48.27
N PRO A 244 26.84 2.50 -49.40
CA PRO A 244 27.31 1.75 -50.56
C PRO A 244 28.69 2.22 -51.06
N GLN A 245 28.93 3.52 -50.98
CA GLN A 245 30.21 4.08 -51.40
C GLN A 245 31.35 3.52 -50.57
N PHE A 246 31.14 3.48 -49.25
CA PHE A 246 32.12 2.97 -48.32
C PHE A 246 32.27 1.45 -48.46
N PHE A 247 31.17 0.78 -48.77
CA PHE A 247 31.19 -0.67 -48.95
C PHE A 247 32.11 -0.97 -50.11
N ALA A 248 32.18 -0.02 -51.03
CA ALA A 248 33.02 -0.14 -52.21
C ALA A 248 34.46 -0.20 -51.74
N ALA A 249 34.86 0.84 -51.01
CA ALA A 249 36.20 0.93 -50.47
C ALA A 249 36.55 -0.36 -49.71
N LEU A 250 35.64 -0.79 -48.85
CA LEU A 250 35.87 -1.99 -48.08
C LEU A 250 36.23 -3.12 -49.01
N LEU A 251 35.42 -3.32 -50.04
CA LEU A 251 35.65 -4.40 -50.99
C LEU A 251 36.94 -4.19 -51.79
N SER A 252 37.29 -2.93 -52.04
CA SER A 252 38.49 -2.61 -52.78
C SER A 252 39.76 -2.98 -52.01
N GLY A 253 40.05 -2.22 -50.97
CA GLY A 253 41.24 -2.49 -50.18
C GLY A 253 41.35 -3.95 -49.75
N LEU A 254 40.20 -4.60 -49.59
CA LEU A 254 40.16 -5.99 -49.16
C LEU A 254 40.60 -6.88 -50.31
N GLY A 255 40.81 -6.28 -51.47
CA GLY A 255 41.22 -7.03 -52.65
C GLY A 255 40.13 -7.97 -53.16
N LEU A 256 38.89 -7.50 -53.21
CA LEU A 256 37.76 -8.29 -53.70
C LEU A 256 37.00 -7.55 -54.79
N SER A 257 36.56 -8.29 -55.79
CA SER A 257 35.79 -7.68 -56.88
C SER A 257 34.33 -7.69 -56.51
N ALA A 258 33.65 -6.59 -56.82
CA ALA A 258 32.24 -6.48 -56.53
C ALA A 258 31.53 -7.78 -56.92
N ALA A 259 31.83 -8.29 -58.11
CA ALA A 259 31.21 -9.50 -58.60
C ALA A 259 31.52 -10.74 -57.77
N ASP A 260 32.61 -10.68 -57.00
CA ASP A 260 33.03 -11.80 -56.16
C ASP A 260 32.16 -11.95 -54.91
N VAL A 261 31.96 -10.85 -54.21
CA VAL A 261 31.18 -10.86 -52.98
C VAL A 261 29.73 -10.48 -53.24
N PRO A 262 28.81 -11.08 -52.48
CA PRO A 262 27.38 -10.77 -52.65
C PRO A 262 27.12 -9.26 -52.46
N THR A 263 25.94 -8.81 -52.86
CA THR A 263 25.58 -7.39 -52.74
C THR A 263 24.96 -7.08 -51.38
N GLN A 264 25.16 -5.84 -50.92
CA GLN A 264 24.61 -5.43 -49.63
C GLN A 264 23.15 -5.79 -49.54
N LEU A 265 22.44 -5.63 -50.65
CA LEU A 265 21.02 -5.92 -50.70
C LEU A 265 20.72 -7.43 -50.57
N ASP A 266 21.66 -8.28 -50.96
CA ASP A 266 21.46 -9.74 -50.89
C ASP A 266 21.58 -10.30 -49.48
N VAL A 267 20.76 -9.80 -48.57
CA VAL A 267 20.78 -10.25 -47.18
C VAL A 267 20.90 -11.77 -47.06
N ALA A 268 20.17 -12.49 -47.90
CA ALA A 268 20.18 -13.95 -47.88
C ALA A 268 21.59 -14.50 -48.08
N GLY A 269 22.45 -13.72 -48.71
CA GLY A 269 23.81 -14.17 -48.93
C GLY A 269 24.80 -13.60 -47.94
N TYR A 270 24.29 -12.98 -46.87
CA TYR A 270 25.17 -12.39 -45.85
C TYR A 270 26.07 -13.44 -45.23
N PRO A 271 25.49 -14.56 -44.78
CA PRO A 271 26.35 -15.59 -44.18
C PRO A 271 27.57 -15.86 -45.06
N GLN A 272 27.37 -15.82 -46.37
CA GLN A 272 28.45 -16.06 -47.31
C GLN A 272 29.41 -14.89 -47.30
N MET A 273 28.87 -13.67 -47.39
CA MET A 273 29.67 -12.44 -47.39
C MET A 273 30.57 -12.41 -46.15
N TYR A 274 30.05 -12.93 -45.04
CA TYR A 274 30.77 -12.98 -43.79
C TYR A 274 32.02 -13.84 -43.93
N ASP A 275 31.85 -15.00 -44.54
CA ASP A 275 32.96 -15.90 -44.74
C ASP A 275 34.02 -15.24 -45.61
N ILE A 276 33.59 -14.64 -46.71
CA ILE A 276 34.54 -13.98 -47.60
C ILE A 276 35.28 -12.88 -46.85
N PHE A 277 34.57 -12.15 -46.01
CA PHE A 277 35.22 -11.09 -45.26
C PHE A 277 36.17 -11.63 -44.19
N ALA A 278 35.73 -12.64 -43.45
CA ALA A 278 36.54 -13.26 -42.41
C ALA A 278 37.81 -13.84 -43.04
N GLU A 279 37.63 -14.51 -44.16
CA GLU A 279 38.73 -15.13 -44.90
C GLU A 279 39.85 -14.12 -45.14
N ARG A 280 39.56 -13.14 -45.99
CA ARG A 280 40.54 -12.11 -46.35
C ARG A 280 41.12 -11.36 -45.13
N PHE A 281 40.26 -10.90 -44.24
CA PHE A 281 40.72 -10.18 -43.06
C PHE A 281 41.71 -10.97 -42.20
N ALA A 282 41.51 -12.28 -42.10
CA ALA A 282 42.38 -13.12 -41.29
C ALA A 282 43.69 -13.55 -41.97
N SER A 283 43.90 -13.09 -43.21
CA SER A 283 45.10 -13.45 -43.96
C SER A 283 46.19 -12.38 -43.84
N ARG A 284 46.00 -11.41 -42.96
CA ARG A 284 46.99 -10.36 -42.77
C ARG A 284 46.95 -9.85 -41.33
N THR A 285 47.97 -9.08 -40.94
CA THR A 285 48.04 -8.55 -39.58
C THR A 285 47.33 -7.21 -39.47
N ARG A 286 46.82 -6.90 -38.29
CA ARG A 286 46.13 -5.65 -38.07
C ARG A 286 46.94 -4.50 -38.65
N ASP A 287 48.24 -4.54 -38.41
CA ASP A 287 49.12 -3.49 -38.90
C ASP A 287 48.98 -3.31 -40.40
N GLU A 288 49.25 -4.37 -41.15
CA GLU A 288 49.16 -4.32 -42.62
C GLU A 288 47.80 -3.76 -43.04
N TRP A 289 46.73 -4.36 -42.50
CA TRP A 289 45.36 -3.95 -42.80
C TRP A 289 45.18 -2.45 -42.53
N THR A 290 45.64 -2.00 -41.37
CA THR A 290 45.53 -0.60 -41.00
C THR A 290 46.16 0.26 -42.08
N ARG A 291 47.26 -0.22 -42.65
CA ARG A 291 47.96 0.50 -43.70
C ARG A 291 47.10 0.58 -44.94
N VAL A 292 46.59 -0.58 -45.35
CA VAL A 292 45.75 -0.68 -46.53
C VAL A 292 44.59 0.33 -46.49
N PHE A 293 43.64 0.10 -45.57
CA PHE A 293 42.49 0.96 -45.45
C PHE A 293 42.77 2.33 -44.87
N ALA A 294 44.04 2.60 -44.58
CA ALA A 294 44.42 3.89 -44.01
C ALA A 294 44.04 5.08 -44.89
N GLY A 295 43.44 6.09 -44.26
CA GLY A 295 43.04 7.29 -44.98
C GLY A 295 41.85 7.19 -45.92
N THR A 296 41.44 5.97 -46.27
CA THR A 296 40.32 5.76 -47.19
C THR A 296 38.97 5.79 -46.46
N ASP A 297 37.93 6.14 -47.17
CA ASP A 297 36.61 6.18 -46.54
C ASP A 297 36.00 4.78 -46.43
N ALA A 298 36.85 3.77 -46.35
CA ALA A 298 36.37 2.41 -46.23
C ALA A 298 35.73 2.13 -44.87
N CYS A 299 35.92 3.03 -43.90
CA CYS A 299 35.38 2.82 -42.57
C CYS A 299 35.92 1.55 -41.95
N VAL A 300 37.22 1.33 -42.13
CA VAL A 300 37.91 0.15 -41.59
C VAL A 300 39.05 0.63 -40.73
N THR A 301 38.92 0.39 -39.43
CA THR A 301 39.92 0.81 -38.46
C THR A 301 40.37 -0.35 -37.58
N PRO A 302 41.54 -0.18 -36.93
CA PRO A 302 42.10 -1.20 -36.04
C PRO A 302 41.51 -1.04 -34.64
N VAL A 303 41.12 -2.15 -34.04
CA VAL A 303 40.58 -2.11 -32.69
C VAL A 303 41.77 -1.98 -31.77
N LEU A 304 41.95 -0.82 -31.15
CA LEU A 304 43.09 -0.61 -30.25
C LEU A 304 42.76 -0.87 -28.81
N ALA A 305 43.75 -1.32 -28.04
CA ALA A 305 43.53 -1.58 -26.62
C ALA A 305 43.83 -0.27 -25.87
N TRP A 306 43.40 -0.21 -24.61
CA TRP A 306 43.62 0.99 -23.80
C TRP A 306 45.06 1.52 -23.98
N SER A 307 46.03 0.65 -23.76
CA SER A 307 47.44 1.00 -23.89
C SER A 307 47.72 1.58 -25.26
N GLU A 308 47.26 0.86 -26.29
CA GLU A 308 47.44 1.28 -27.69
C GLU A 308 46.74 2.58 -28.05
N ALA A 309 45.57 2.80 -27.47
CA ALA A 309 44.81 4.01 -27.74
C ALA A 309 45.52 5.25 -27.25
N ALA A 310 46.06 5.19 -26.04
CA ALA A 310 46.73 6.33 -25.46
C ALA A 310 47.86 6.86 -26.32
N ASN A 311 48.43 5.99 -27.15
CA ASN A 311 49.53 6.39 -28.03
C ASN A 311 49.10 6.52 -29.49
N ASN A 312 47.79 6.47 -29.72
CA ASN A 312 47.24 6.60 -31.07
C ASN A 312 47.56 7.98 -31.65
N ASP A 313 47.91 8.02 -32.92
CA ASP A 313 48.24 9.27 -33.57
C ASP A 313 47.14 10.32 -33.48
N HIS A 314 45.95 9.95 -33.92
CA HIS A 314 44.82 10.87 -33.91
C HIS A 314 44.49 11.36 -32.49
N LEU A 315 44.15 10.44 -31.60
CA LEU A 315 43.82 10.80 -30.24
C LEU A 315 44.89 11.65 -29.58
N LYS A 316 46.13 11.55 -30.07
CA LYS A 316 47.24 12.33 -29.51
C LYS A 316 47.20 13.75 -30.06
N ALA A 317 47.08 13.86 -31.37
CA ALA A 317 47.02 15.17 -32.02
C ALA A 317 45.94 16.02 -31.37
N ARG A 318 44.71 15.51 -31.38
CA ARG A 318 43.59 16.23 -30.78
C ARG A 318 43.72 16.22 -29.27
N SER A 319 44.74 15.53 -28.77
CA SER A 319 44.98 15.42 -27.34
C SER A 319 43.72 15.01 -26.55
N THR A 320 43.14 13.88 -26.95
CA THR A 320 41.95 13.35 -26.28
C THR A 320 42.39 12.60 -25.03
N VAL A 321 43.36 11.70 -25.19
CA VAL A 321 43.91 10.94 -24.08
C VAL A 321 45.29 11.53 -23.82
N ILE A 322 45.38 12.35 -22.79
CA ILE A 322 46.62 13.01 -22.42
C ILE A 322 47.17 12.46 -21.11
N THR A 323 48.46 12.66 -20.89
CA THR A 323 49.12 12.22 -19.66
C THR A 323 49.28 13.45 -18.76
N ALA A 324 48.33 13.63 -17.84
CA ALA A 324 48.37 14.77 -16.91
C ALA A 324 49.09 14.34 -15.64
N HIS A 325 49.90 15.27 -15.10
CA HIS A 325 50.68 15.04 -13.89
C HIS A 325 50.31 13.76 -13.21
N GLY A 326 51.00 12.70 -13.60
CA GLY A 326 50.74 11.40 -13.02
C GLY A 326 50.48 10.38 -14.10
N VAL A 327 49.23 9.96 -14.26
CA VAL A 327 48.92 8.95 -15.26
C VAL A 327 48.00 9.38 -16.41
N GLN A 328 47.86 8.46 -17.36
CA GLN A 328 47.04 8.63 -18.55
C GLN A 328 45.57 8.80 -18.20
N GLN A 329 44.88 9.70 -18.90
CA GLN A 329 43.47 9.97 -18.67
C GLN A 329 42.81 10.64 -19.88
N ALA A 330 41.53 10.97 -19.75
CA ALA A 330 40.80 11.59 -20.85
C ALA A 330 40.66 13.10 -20.67
N ALA A 331 41.02 13.86 -21.70
CA ALA A 331 40.90 15.32 -21.62
C ALA A 331 39.44 15.74 -21.55
N PRO A 332 39.18 16.91 -20.96
CA PRO A 332 37.81 17.43 -20.83
C PRO A 332 37.07 17.47 -22.17
N ALA A 333 35.74 17.46 -22.12
CA ALA A 333 34.91 17.49 -23.33
C ALA A 333 33.49 17.93 -23.01
N PRO A 334 32.81 18.54 -23.99
CA PRO A 334 33.31 18.83 -25.33
C PRO A 334 34.24 20.02 -25.25
N ARG A 335 34.69 20.48 -26.41
CA ARG A 335 35.62 21.61 -26.50
C ARG A 335 34.96 22.91 -26.92
N PHE A 336 35.26 23.97 -26.18
CA PHE A 336 34.72 25.30 -26.45
C PHE A 336 35.81 26.19 -27.06
N SER A 337 35.41 27.08 -27.99
CA SER A 337 36.34 27.96 -28.69
C SER A 337 36.75 29.25 -27.99
N ARG A 338 35.85 29.84 -27.19
CA ARG A 338 36.19 31.09 -26.50
C ARG A 338 36.42 30.89 -24.99
N THR A 339 35.75 29.90 -24.40
CA THR A 339 35.92 29.64 -22.98
C THR A 339 36.26 28.17 -22.75
N PRO A 340 37.36 27.68 -23.34
CA PRO A 340 37.77 26.29 -23.20
C PRO A 340 37.99 25.89 -21.76
N ALA A 341 38.26 24.61 -21.56
CA ALA A 341 38.50 24.06 -20.23
C ALA A 341 39.98 24.26 -19.91
N GLY A 342 40.26 24.71 -18.70
CA GLY A 342 41.63 24.91 -18.29
C GLY A 342 42.35 23.57 -18.25
N PRO A 343 43.67 23.56 -18.03
CA PRO A 343 44.39 22.29 -17.97
C PRO A 343 43.86 21.45 -16.80
N VAL A 344 43.92 20.14 -16.93
CA VAL A 344 43.41 19.26 -15.89
C VAL A 344 44.20 19.25 -14.60
N ARG A 345 43.51 19.50 -13.49
CA ARG A 345 44.13 19.48 -12.18
C ARG A 345 44.09 18.04 -11.70
N PRO A 346 44.83 17.72 -10.65
CA PRO A 346 44.84 16.35 -10.12
C PRO A 346 43.76 16.14 -9.08
N PRO A 347 43.50 14.88 -8.71
CA PRO A 347 42.48 14.61 -7.70
C PRO A 347 42.96 15.18 -6.36
N PRO A 348 42.03 15.43 -5.44
CA PRO A 348 42.36 15.98 -4.12
C PRO A 348 43.45 15.19 -3.42
N ALA A 349 44.61 15.82 -3.23
CA ALA A 349 45.74 15.19 -2.56
C ALA A 349 45.40 14.96 -1.10
N ALA A 350 44.56 15.84 -0.56
CA ALA A 350 44.13 15.74 0.83
C ALA A 350 42.85 16.54 1.02
N ALA A 351 42.01 16.09 1.94
CA ALA A 351 40.75 16.77 2.21
C ALA A 351 40.98 18.20 2.66
N THR A 352 40.18 19.13 2.15
CA THR A 352 40.29 20.53 2.54
C THR A 352 39.34 20.72 3.72
N PRO A 353 39.77 21.49 4.74
CA PRO A 353 38.97 21.78 5.95
C PRO A 353 37.47 21.82 5.75
N ILE A 354 36.92 23.02 5.70
CA ILE A 354 35.48 23.19 5.52
C ILE A 354 35.18 24.65 5.66
N ASP A 355 35.92 25.32 6.54
CA ASP A 355 35.71 26.75 6.73
C ASP A 355 36.59 27.47 5.73
N GLU A 356 37.37 26.70 4.97
CA GLU A 356 38.25 27.30 3.97
C GLU A 356 37.59 27.22 2.60
N ILE A 357 36.26 27.09 2.61
CA ILE A 357 35.46 27.01 1.38
C ILE A 357 35.70 28.14 0.39
N ASN A 358 34.73 29.05 0.29
CA ASN A 358 34.79 30.18 -0.62
C ASN A 358 33.38 30.73 -0.72
N TRP A 359 32.41 29.88 -0.43
CA TRP A 359 31.01 30.27 -0.51
C TRP A 359 30.49 30.77 0.84
N GLY B 4 6.41 25.42 -21.12
CA GLY B 4 6.69 24.29 -22.06
C GLY B 4 8.15 23.93 -22.19
N GLY B 5 8.71 23.27 -21.17
CA GLY B 5 10.11 22.88 -21.21
C GLY B 5 11.10 23.95 -20.76
N PRO B 6 12.17 23.56 -20.03
CA PRO B 6 13.18 24.52 -19.54
C PRO B 6 13.95 25.18 -20.67
N LEU B 7 14.04 24.52 -21.82
CA LEU B 7 14.76 25.09 -22.95
C LEU B 7 13.86 25.84 -23.92
N ALA B 8 12.68 26.22 -23.44
CA ALA B 8 11.68 26.94 -24.24
C ALA B 8 12.17 28.32 -24.73
N GLY B 9 12.02 28.58 -26.02
CA GLY B 9 12.46 29.86 -26.55
C GLY B 9 13.75 29.74 -27.31
N VAL B 10 14.44 28.61 -27.16
CA VAL B 10 15.71 28.42 -27.85
C VAL B 10 15.52 28.07 -29.32
N LYS B 11 16.11 28.88 -30.18
CA LYS B 11 16.02 28.65 -31.61
C LYS B 11 17.15 27.70 -32.01
N VAL B 12 16.81 26.57 -32.62
CA VAL B 12 17.84 25.62 -33.02
C VAL B 12 17.75 25.26 -34.50
N ILE B 13 18.90 25.15 -35.17
CA ILE B 13 18.94 24.81 -36.59
C ILE B 13 19.70 23.51 -36.77
N GLU B 14 18.98 22.47 -37.13
CA GLU B 14 19.58 21.16 -37.34
C GLU B 14 19.93 21.00 -38.82
N LEU B 15 21.17 20.60 -39.14
CA LEU B 15 21.58 20.43 -40.54
C LEU B 15 21.74 19.00 -41.02
N GLY B 16 22.87 18.37 -40.70
CA GLY B 16 23.10 16.99 -41.12
C GLY B 16 22.01 16.10 -40.56
N GLY B 17 21.70 15.02 -41.26
CA GLY B 17 20.63 14.15 -40.79
C GLY B 17 20.94 12.69 -40.54
N ILE B 18 21.80 12.43 -39.57
CA ILE B 18 22.16 11.06 -39.27
C ILE B 18 22.74 10.86 -37.89
N GLY B 19 22.12 9.91 -37.19
CA GLY B 19 22.56 9.54 -35.85
C GLY B 19 22.62 10.64 -34.83
N PRO B 20 23.80 10.91 -34.27
CA PRO B 20 23.98 11.95 -33.25
C PRO B 20 23.30 13.28 -33.57
N GLY B 21 23.56 13.85 -34.74
CA GLY B 21 22.97 15.13 -35.08
C GLY B 21 21.50 15.21 -34.71
N PRO B 22 20.65 14.49 -35.44
CA PRO B 22 19.20 14.46 -35.20
C PRO B 22 18.77 14.00 -33.81
N HIS B 23 19.49 13.05 -33.23
CA HIS B 23 19.12 12.60 -31.89
C HIS B 23 19.27 13.73 -30.88
N ALA B 24 20.27 14.59 -31.05
CA ALA B 24 20.46 15.70 -30.14
C ALA B 24 19.27 16.63 -30.35
N GLY B 25 19.03 16.93 -31.62
CA GLY B 25 17.93 17.79 -31.99
C GLY B 25 16.71 17.33 -31.24
N MET B 26 16.39 16.04 -31.31
CA MET B 26 15.21 15.52 -30.61
C MET B 26 15.11 15.98 -29.17
N VAL B 27 16.12 15.64 -28.38
CA VAL B 27 16.15 16.00 -26.95
C VAL B 27 15.91 17.49 -26.77
N LEU B 28 16.57 18.29 -27.60
CA LEU B 28 16.40 19.74 -27.55
C LEU B 28 14.89 20.05 -27.65
N ALA B 29 14.22 19.47 -28.65
CA ALA B 29 12.79 19.66 -28.84
C ALA B 29 12.02 19.15 -27.64
N ASP B 30 12.39 17.96 -27.18
CA ASP B 30 11.73 17.35 -26.03
C ASP B 30 11.78 18.26 -24.82
N LEU B 31 12.83 19.05 -24.74
CA LEU B 31 12.96 19.96 -23.60
C LEU B 31 12.39 21.36 -23.87
N GLY B 32 11.60 21.49 -24.94
CA GLY B 32 10.96 22.77 -25.24
C GLY B 32 11.56 23.68 -26.29
N ALA B 33 12.78 23.38 -26.74
CA ALA B 33 13.43 24.20 -27.74
C ALA B 33 12.69 24.17 -29.07
N ASP B 34 12.82 25.25 -29.82
CA ASP B 34 12.18 25.38 -31.12
C ASP B 34 13.20 24.87 -32.12
N VAL B 35 13.15 23.57 -32.40
CA VAL B 35 14.11 22.98 -33.32
C VAL B 35 13.57 22.98 -34.75
N VAL B 36 14.43 23.32 -35.71
CA VAL B 36 14.04 23.36 -37.12
C VAL B 36 15.11 22.76 -38.01
N ARG B 37 14.76 21.65 -38.66
CA ARG B 37 15.67 20.95 -39.56
C ARG B 37 15.74 21.63 -40.91
N VAL B 38 16.94 21.72 -41.46
CA VAL B 38 17.16 22.34 -42.76
C VAL B 38 17.84 21.33 -43.68
N ARG B 39 17.12 20.86 -44.70
CA ARG B 39 17.68 19.87 -45.62
C ARG B 39 17.12 19.94 -47.04
N ARG B 40 17.90 19.44 -48.01
CA ARG B 40 17.45 19.45 -49.39
C ARG B 40 16.17 18.63 -49.52
N PRO B 41 15.32 18.99 -50.48
CA PRO B 41 14.04 18.31 -50.71
C PRO B 41 14.17 16.86 -51.18
N GLY B 42 15.12 16.61 -52.06
CA GLY B 42 15.32 15.25 -52.58
C GLY B 42 15.84 14.26 -51.56
N GLY B 43 15.79 14.66 -50.29
CA GLY B 43 16.27 13.80 -49.22
C GLY B 43 15.96 12.33 -49.40
N LEU B 44 16.98 11.50 -49.24
CA LEU B 44 16.82 10.07 -49.37
C LEU B 44 16.83 9.43 -48.00
N THR B 45 16.26 10.12 -47.01
CA THR B 45 16.22 9.63 -45.65
C THR B 45 15.36 8.39 -45.43
N MET B 46 15.79 7.56 -44.48
CA MET B 46 15.08 6.33 -44.12
C MET B 46 15.05 6.18 -42.60
N PRO B 47 13.85 6.12 -42.00
CA PRO B 47 12.55 6.18 -42.66
C PRO B 47 12.12 7.59 -43.00
N SER B 48 10.90 7.69 -43.49
CA SER B 48 10.30 8.95 -43.83
C SER B 48 10.34 9.84 -42.58
N GLU B 49 10.82 11.06 -42.72
CA GLU B 49 10.92 11.95 -41.56
C GLU B 49 9.68 11.95 -40.69
N ASP B 50 8.51 11.96 -41.30
CA ASP B 50 7.26 11.97 -40.55
C ASP B 50 7.04 10.70 -39.74
N ARG B 51 7.99 9.78 -39.80
CA ARG B 51 7.90 8.54 -39.03
C ARG B 51 9.19 8.29 -38.22
N ASP B 52 10.04 9.32 -38.14
CA ASP B 52 11.30 9.23 -37.41
C ASP B 52 11.24 9.90 -36.01
N LEU B 53 11.02 9.08 -34.98
CA LEU B 53 10.96 9.59 -33.59
C LEU B 53 12.10 10.55 -33.24
N LEU B 54 13.17 10.56 -34.02
CA LEU B 54 14.27 11.46 -33.74
C LEU B 54 13.94 12.84 -34.24
N HIS B 55 12.76 13.01 -34.79
CA HIS B 55 12.40 14.32 -35.29
C HIS B 55 11.16 14.91 -34.64
N ARG B 56 10.51 14.13 -33.78
CA ARG B 56 9.32 14.59 -33.09
C ARG B 56 9.51 15.96 -32.44
N GLY B 57 8.49 16.81 -32.60
CA GLY B 57 8.49 18.16 -32.07
C GLY B 57 9.26 19.16 -32.91
N LYS B 58 9.88 18.68 -33.97
CA LYS B 58 10.69 19.52 -34.85
C LYS B 58 9.94 19.97 -36.07
N ARG B 59 10.57 20.79 -36.89
CA ARG B 59 9.93 21.27 -38.12
C ARG B 59 10.91 21.17 -39.26
N ILE B 60 10.52 20.45 -40.30
CA ILE B 60 11.38 20.29 -41.45
C ILE B 60 11.22 21.49 -42.38
N VAL B 61 12.30 21.86 -43.06
CA VAL B 61 12.28 22.99 -43.99
C VAL B 61 13.17 22.75 -45.20
N ASP B 62 12.58 22.62 -46.37
CA ASP B 62 13.37 22.41 -47.58
C ASP B 62 14.28 23.62 -47.75
N LEU B 63 15.54 23.38 -48.08
CA LEU B 63 16.48 24.48 -48.27
C LEU B 63 17.86 24.01 -48.70
N ASP B 64 18.02 23.75 -49.99
CA ASP B 64 19.30 23.30 -50.50
C ASP B 64 20.34 24.38 -50.24
N VAL B 65 21.56 23.95 -49.91
CA VAL B 65 22.62 24.92 -49.62
C VAL B 65 23.78 24.80 -50.61
N PRO B 69 22.75 28.11 -52.61
CA PRO B 69 21.77 28.99 -51.98
C PRO B 69 22.14 29.25 -50.53
N GLN B 70 22.93 30.30 -50.28
CA GLN B 70 23.37 30.63 -48.93
C GLN B 70 22.37 31.48 -48.14
N ALA B 71 21.16 31.62 -48.65
CA ALA B 71 20.14 32.42 -47.98
C ALA B 71 19.84 31.99 -46.54
N MET B 72 20.55 30.99 -46.03
CA MET B 72 20.33 30.51 -44.67
C MET B 72 21.04 31.34 -43.63
N LEU B 73 22.14 31.96 -44.02
CA LEU B 73 22.89 32.80 -43.10
C LEU B 73 21.93 33.79 -42.49
N GLU B 74 20.87 34.09 -43.25
CA GLU B 74 19.82 35.03 -42.86
C GLU B 74 18.93 34.42 -41.78
N LEU B 75 18.94 33.08 -41.73
CA LEU B 75 18.14 32.34 -40.77
C LEU B 75 18.89 32.19 -39.45
N ALA B 76 20.16 31.80 -39.53
CA ALA B 76 21.00 31.63 -38.36
C ALA B 76 21.00 32.88 -37.50
N ALA B 77 21.11 34.04 -38.16
CA ALA B 77 21.15 35.32 -37.49
C ALA B 77 20.01 35.51 -36.50
N LYS B 78 18.91 34.81 -36.72
CA LYS B 78 17.76 34.94 -35.84
C LYS B 78 17.72 33.78 -34.84
N ALA B 79 18.49 32.74 -35.14
CA ALA B 79 18.54 31.56 -34.28
C ALA B 79 19.59 31.65 -33.18
N ASP B 80 19.42 30.83 -32.15
CA ASP B 80 20.34 30.77 -31.02
C ASP B 80 21.41 29.70 -31.25
N VAL B 81 20.97 28.54 -31.73
CA VAL B 81 21.87 27.41 -31.96
C VAL B 81 21.82 26.87 -33.40
N LEU B 82 23.00 26.47 -33.90
CA LEU B 82 23.15 25.88 -35.23
C LEU B 82 23.85 24.54 -35.02
N LEU B 83 23.11 23.45 -35.21
CA LEU B 83 23.66 22.14 -35.02
C LEU B 83 24.27 21.53 -36.28
N ASP B 84 25.56 21.77 -36.53
CA ASP B 84 26.23 21.23 -37.71
C ASP B 84 26.49 19.75 -37.52
N CYS B 85 26.09 18.95 -38.50
CA CYS B 85 26.28 17.51 -38.43
C CYS B 85 26.96 16.96 -39.67
N PHE B 86 27.54 17.84 -40.48
CA PHE B 86 28.25 17.44 -41.70
C PHE B 86 29.72 17.21 -41.39
N ARG B 87 30.43 16.61 -42.33
CA ARG B 87 31.86 16.38 -42.14
C ARG B 87 32.53 17.73 -41.84
N PRO B 88 33.74 17.72 -41.25
CA PRO B 88 34.39 19.00 -40.96
C PRO B 88 34.71 19.69 -42.27
N GLY B 89 34.50 21.01 -42.30
CA GLY B 89 34.79 21.78 -43.49
C GLY B 89 33.61 21.98 -44.42
N THR B 90 32.94 20.89 -44.76
CA THR B 90 31.79 20.97 -45.65
C THR B 90 30.88 22.11 -45.22
N CYS B 91 30.62 22.24 -43.93
CA CYS B 91 29.74 23.31 -43.50
C CYS B 91 30.28 24.69 -43.88
N GLU B 92 31.59 24.91 -43.79
CA GLU B 92 32.18 26.21 -44.14
C GLU B 92 32.60 26.28 -45.61
N ARG B 93 32.43 25.16 -46.30
CA ARG B 93 32.77 25.08 -47.71
C ARG B 93 31.65 25.85 -48.41
N LEU B 94 30.48 25.84 -47.77
CA LEU B 94 29.31 26.52 -48.29
C LEU B 94 29.28 27.90 -47.64
N GLY B 95 28.19 28.62 -47.83
CA GLY B 95 28.08 29.95 -47.26
C GLY B 95 28.23 29.95 -45.75
N ILE B 96 27.49 29.05 -45.09
CA ILE B 96 27.52 28.93 -43.65
C ILE B 96 28.91 28.59 -43.10
N GLY B 97 29.11 28.78 -41.81
CA GLY B 97 30.39 28.50 -41.20
C GLY B 97 30.56 29.30 -39.92
N PRO B 98 31.43 28.85 -38.99
CA PRO B 98 31.65 29.55 -37.72
C PRO B 98 31.96 31.03 -37.89
N ASP B 99 32.77 31.35 -38.89
CA ASP B 99 33.16 32.73 -39.17
C ASP B 99 31.98 33.56 -39.70
N ASP B 100 31.43 33.14 -40.82
CA ASP B 100 30.29 33.82 -41.44
C ASP B 100 29.15 34.06 -40.45
N CYS B 101 28.72 33.00 -39.78
CA CYS B 101 27.65 33.11 -38.81
C CYS B 101 27.97 34.12 -37.73
N ALA B 102 29.24 34.16 -37.34
CA ALA B 102 29.68 35.08 -36.29
C ALA B 102 29.35 36.51 -36.68
N SER B 103 29.58 36.82 -37.95
CA SER B 103 29.33 38.16 -38.50
C SER B 103 27.84 38.52 -38.41
N VAL B 104 27.00 37.59 -38.83
CA VAL B 104 25.56 37.81 -38.82
C VAL B 104 24.94 37.71 -37.42
N ASN B 105 25.55 36.89 -36.56
CA ASN B 105 25.04 36.72 -35.19
C ASN B 105 26.10 36.23 -34.22
N PRO B 106 26.60 37.15 -33.37
CA PRO B 106 27.63 36.80 -32.38
C PRO B 106 27.03 36.09 -31.16
N ARG B 107 25.70 35.94 -31.15
CA ARG B 107 25.00 35.29 -30.03
C ARG B 107 24.76 33.82 -30.34
N LEU B 108 25.15 33.43 -31.55
CA LEU B 108 25.00 32.07 -32.06
C LEU B 108 25.90 31.05 -31.39
N ILE B 109 25.36 29.84 -31.20
CA ILE B 109 26.09 28.74 -30.60
C ILE B 109 26.33 27.74 -31.72
N PHE B 110 27.55 27.72 -32.25
CA PHE B 110 27.89 26.81 -33.35
C PHE B 110 28.35 25.44 -32.87
N ALA B 111 27.40 24.53 -32.67
CA ALA B 111 27.72 23.18 -32.22
C ALA B 111 28.12 22.28 -33.38
N ARG B 112 29.02 21.32 -33.14
CA ARG B 112 29.46 20.41 -34.20
C ARG B 112 29.72 19.00 -33.68
N ILE B 113 28.89 18.03 -34.09
CA ILE B 113 29.08 16.65 -33.65
C ILE B 113 29.78 15.85 -34.72
N THR B 114 30.91 15.25 -34.36
CA THR B 114 31.70 14.47 -35.29
C THR B 114 32.26 13.27 -34.59
N GLY B 115 32.61 12.26 -35.36
CA GLY B 115 33.19 11.07 -34.76
C GLY B 115 34.65 11.29 -34.48
N TRP B 116 35.32 12.00 -35.39
CA TRP B 116 36.73 12.27 -35.25
C TRP B 116 37.02 13.66 -34.71
N GLY B 117 36.05 14.57 -34.84
CA GLY B 117 36.29 15.92 -34.36
C GLY B 117 36.72 16.80 -35.51
N GLN B 118 36.98 18.08 -35.25
CA GLN B 118 37.37 18.97 -36.34
C GLN B 118 38.81 18.82 -36.79
N ASP B 119 39.74 18.90 -35.84
CA ASP B 119 41.17 18.77 -36.14
C ASP B 119 41.62 17.33 -36.11
N GLY B 120 42.87 17.10 -36.54
CA GLY B 120 43.40 15.75 -36.52
C GLY B 120 43.44 15.11 -37.88
N PRO B 121 44.30 14.09 -38.06
CA PRO B 121 44.45 13.37 -39.34
C PRO B 121 43.18 12.65 -39.75
N LEU B 122 42.61 11.90 -38.82
CA LEU B 122 41.40 11.17 -39.11
C LEU B 122 40.17 12.06 -39.36
N ALA B 123 40.24 13.32 -38.94
CA ALA B 123 39.13 14.25 -39.11
C ALA B 123 38.40 14.20 -40.46
N SER B 124 39.15 14.02 -41.54
CA SER B 124 38.55 13.96 -42.87
C SER B 124 37.96 12.59 -43.14
N THR B 125 38.57 11.56 -42.57
CA THR B 125 38.10 10.20 -42.76
C THR B 125 36.64 10.00 -42.34
N ALA B 126 35.97 9.08 -43.03
CA ALA B 126 34.59 8.76 -42.76
C ALA B 126 34.55 7.56 -41.81
N GLY B 127 33.52 7.48 -40.97
CA GLY B 127 33.43 6.35 -40.06
C GLY B 127 32.12 6.33 -39.31
N HIS B 128 31.87 5.25 -38.57
CA HIS B 128 30.64 5.11 -37.78
C HIS B 128 30.93 4.76 -36.35
N ASP B 129 29.87 4.56 -35.57
CA ASP B 129 30.01 4.24 -34.16
C ASP B 129 31.03 3.14 -33.89
N ILE B 130 30.87 1.98 -34.50
CA ILE B 130 31.81 0.91 -34.28
C ILE B 130 33.24 1.40 -34.47
N ASN B 131 33.48 2.25 -35.47
CA ASN B 131 34.84 2.73 -35.73
C ASN B 131 35.39 3.63 -34.61
N TYR B 132 34.70 4.72 -34.29
CA TYR B 132 35.15 5.63 -33.24
C TYR B 132 35.50 4.88 -31.97
N LEU B 133 34.75 3.82 -31.70
CA LEU B 133 34.99 3.02 -30.52
C LEU B 133 36.26 2.19 -30.67
N SER B 134 36.71 1.99 -31.90
CA SER B 134 37.91 1.18 -32.09
C SER B 134 39.18 1.94 -31.69
N GLN B 135 39.16 3.26 -31.85
CA GLN B 135 40.33 4.06 -31.51
C GLN B 135 40.50 4.37 -30.03
N THR B 136 39.40 4.45 -29.29
CA THR B 136 39.41 4.77 -27.87
C THR B 136 39.83 3.63 -26.97
N GLY B 137 39.76 2.41 -27.48
CA GLY B 137 40.13 1.29 -26.66
C GLY B 137 38.95 0.73 -25.90
N ALA B 138 37.80 1.36 -26.02
CA ALA B 138 36.60 0.90 -25.36
C ALA B 138 36.07 -0.36 -26.02
N LEU B 139 36.13 -0.39 -27.35
CA LEU B 139 35.62 -1.54 -28.07
C LEU B 139 36.41 -2.78 -27.76
N ALA B 140 37.74 -2.63 -27.74
CA ALA B 140 38.61 -3.78 -27.49
C ALA B 140 38.42 -4.41 -26.13
N ALA B 141 37.58 -3.79 -25.29
CA ALA B 141 37.30 -4.29 -23.95
C ALA B 141 35.91 -4.88 -23.84
N PHE B 142 35.29 -5.07 -25.00
CA PHE B 142 33.93 -5.60 -25.06
C PHE B 142 33.86 -7.04 -25.53
N GLY B 143 32.81 -7.73 -25.08
CA GLY B 143 32.56 -9.09 -25.50
C GLY B 143 33.39 -10.22 -24.93
N TYR B 144 33.08 -11.43 -25.40
CA TYR B 144 33.79 -12.61 -24.95
C TYR B 144 35.21 -12.69 -25.47
N ALA B 145 36.07 -13.36 -24.72
CA ALA B 145 37.48 -13.52 -25.06
C ALA B 145 37.77 -14.09 -26.45
N ASP B 146 37.15 -15.22 -26.77
CA ASP B 146 37.33 -15.90 -28.05
C ASP B 146 36.81 -15.12 -29.25
N ARG B 147 35.49 -14.90 -29.31
CA ARG B 147 34.86 -14.17 -30.41
C ARG B 147 35.33 -12.73 -30.45
N PRO B 148 35.37 -12.13 -31.65
CA PRO B 148 35.81 -10.73 -31.76
C PRO B 148 34.88 -9.83 -30.95
N PRO B 149 35.26 -8.54 -30.80
CA PRO B 149 34.47 -7.56 -30.04
C PRO B 149 33.18 -7.25 -30.80
N MET B 150 32.07 -7.17 -30.07
CA MET B 150 30.80 -6.86 -30.69
C MET B 150 30.24 -5.57 -30.10
N PRO B 151 30.07 -4.54 -30.96
CA PRO B 151 29.55 -3.23 -30.58
C PRO B 151 28.13 -3.23 -30.02
N PRO B 152 27.89 -2.47 -28.96
CA PRO B 152 26.58 -2.35 -28.30
C PRO B 152 25.73 -1.45 -29.20
N LEU B 153 25.27 -2.00 -30.34
CA LEU B 153 24.52 -1.20 -31.31
C LEU B 153 25.36 0.07 -31.52
N ASN B 154 24.74 1.23 -31.43
CA ASN B 154 25.52 2.44 -31.61
C ASN B 154 25.20 3.38 -30.47
N LEU B 155 24.97 2.79 -29.31
CA LEU B 155 24.63 3.57 -28.12
C LEU B 155 25.82 4.22 -27.44
N VAL B 156 27.00 3.61 -27.54
CA VAL B 156 28.13 4.21 -26.84
C VAL B 156 28.69 5.49 -27.44
N ALA B 157 29.02 5.45 -28.73
CA ALA B 157 29.62 6.61 -29.38
C ALA B 157 28.65 7.59 -30.02
N ASP B 158 27.73 7.07 -30.82
CA ASP B 158 26.75 7.91 -31.51
C ASP B 158 25.88 8.71 -30.55
N PHE B 159 25.35 8.07 -29.53
CA PHE B 159 24.49 8.74 -28.57
C PHE B 159 25.09 9.02 -27.19
N GLY B 160 25.52 7.96 -26.51
CA GLY B 160 26.10 8.10 -25.18
C GLY B 160 27.26 9.05 -25.07
N GLY B 161 28.08 9.08 -26.12
CA GLY B 161 29.22 9.97 -26.15
C GLY B 161 29.26 10.84 -27.39
N GLY B 162 28.13 10.92 -28.08
CA GLY B 162 28.04 11.76 -29.26
C GLY B 162 26.92 12.78 -29.06
N SER B 163 25.69 12.28 -29.16
CA SER B 163 24.50 13.10 -28.97
C SER B 163 24.54 13.84 -27.63
N MET B 164 24.74 13.09 -26.54
CA MET B 164 24.83 13.66 -25.19
C MET B 164 25.98 14.66 -25.04
N LEU B 165 27.08 14.43 -25.74
CA LEU B 165 28.23 15.32 -25.66
C LEU B 165 27.91 16.70 -26.24
N VAL B 166 27.36 16.71 -27.45
CA VAL B 166 27.02 17.95 -28.09
C VAL B 166 25.86 18.58 -27.36
N LEU B 167 25.02 17.74 -26.78
CA LEU B 167 23.88 18.27 -26.01
C LEU B 167 24.43 19.02 -24.83
N LEU B 168 25.39 18.41 -24.13
CA LEU B 168 26.02 19.00 -22.96
C LEU B 168 26.72 20.28 -23.35
N GLY B 169 27.52 20.20 -24.41
CA GLY B 169 28.22 21.37 -24.90
C GLY B 169 27.26 22.50 -25.23
N ILE B 170 26.13 22.20 -25.89
CA ILE B 170 25.16 23.23 -26.25
C ILE B 170 24.56 23.93 -25.04
N VAL B 171 23.90 23.16 -24.18
CA VAL B 171 23.29 23.73 -22.98
C VAL B 171 24.32 24.43 -22.13
N VAL B 172 25.58 24.02 -22.26
CA VAL B 172 26.65 24.67 -21.51
C VAL B 172 26.96 25.97 -22.27
N ALA B 173 27.23 25.88 -23.56
CA ALA B 173 27.53 27.10 -24.31
C ALA B 173 26.38 28.11 -24.16
N LEU B 174 25.19 27.63 -23.79
CA LEU B 174 24.04 28.51 -23.59
C LEU B 174 24.22 29.23 -22.27
N TYR B 175 24.40 28.47 -21.20
CA TYR B 175 24.58 29.08 -19.89
C TYR B 175 25.75 30.08 -19.93
N GLU B 176 26.75 29.78 -20.77
CA GLU B 176 27.91 30.65 -20.92
C GLU B 176 27.43 31.98 -21.48
N ARG B 177 27.12 31.99 -22.77
CA ARG B 177 26.65 33.19 -23.46
C ARG B 177 25.53 33.89 -22.70
N GLU B 178 24.79 33.13 -21.88
CA GLU B 178 23.69 33.69 -21.10
C GLU B 178 24.23 34.51 -19.96
N ARG B 179 25.50 34.87 -20.06
CA ARG B 179 26.18 35.68 -19.04
C ARG B 179 27.25 36.47 -19.75
N SER B 180 27.86 35.85 -20.74
CA SER B 180 28.91 36.50 -21.51
C SER B 180 28.28 37.20 -22.71
N GLY B 181 26.96 37.04 -22.87
CA GLY B 181 26.27 37.66 -23.98
C GLY B 181 26.91 37.38 -25.33
N VAL B 182 27.75 36.35 -25.40
CA VAL B 182 28.40 36.01 -26.67
C VAL B 182 28.54 34.51 -26.79
N GLY B 183 28.06 33.96 -27.90
CA GLY B 183 28.14 32.53 -28.12
C GLY B 183 29.52 32.14 -28.63
N GLN B 184 29.66 30.88 -29.00
CA GLN B 184 30.94 30.39 -29.51
C GLN B 184 30.74 29.08 -30.26
N VAL B 185 31.86 28.41 -30.55
CA VAL B 185 31.86 27.14 -31.27
C VAL B 185 32.04 25.99 -30.28
N VAL B 186 31.27 24.93 -30.46
CA VAL B 186 31.37 23.78 -29.59
C VAL B 186 31.77 22.58 -30.45
N ASP B 187 32.93 21.99 -30.17
CA ASP B 187 33.42 20.85 -30.93
C ASP B 187 33.16 19.57 -30.15
N ALA B 188 32.13 18.82 -30.54
CA ALA B 188 31.81 17.56 -29.86
C ALA B 188 32.34 16.39 -30.66
N ALA B 189 33.45 15.81 -30.21
CA ALA B 189 34.04 14.68 -30.92
C ALA B 189 33.66 13.37 -30.23
N MET B 190 33.05 12.46 -30.97
CA MET B 190 32.63 11.20 -30.39
C MET B 190 33.78 10.46 -29.74
N VAL B 191 34.91 10.40 -30.43
CA VAL B 191 36.07 9.72 -29.88
C VAL B 191 36.42 10.38 -28.52
N ASP B 192 36.15 11.69 -28.40
CA ASP B 192 36.39 12.44 -27.17
C ASP B 192 35.39 12.00 -26.08
N GLY B 193 34.11 12.05 -26.42
CA GLY B 193 33.07 11.66 -25.47
C GLY B 193 33.29 10.25 -24.94
N VAL B 194 33.40 9.30 -25.84
CA VAL B 194 33.63 7.94 -25.43
C VAL B 194 34.83 7.88 -24.47
N SER B 195 35.93 8.53 -24.81
CA SER B 195 37.09 8.49 -23.93
C SER B 195 36.81 9.00 -22.52
N VAL B 196 35.87 9.94 -22.41
CA VAL B 196 35.48 10.50 -21.12
C VAL B 196 34.52 9.54 -20.44
N LEU B 197 33.73 8.82 -21.24
CA LEU B 197 32.78 7.87 -20.70
C LEU B 197 33.60 6.72 -20.16
N ALA B 198 34.85 6.63 -20.59
CA ALA B 198 35.69 5.55 -20.14
C ALA B 198 36.65 5.91 -19.01
N GLN B 199 36.61 7.16 -18.53
CA GLN B 199 37.51 7.60 -17.45
C GLN B 199 37.74 6.55 -16.38
N MET B 200 36.65 5.99 -15.83
CA MET B 200 36.75 4.97 -14.79
C MET B 200 37.76 3.90 -15.18
N MET B 201 37.74 3.53 -16.45
CA MET B 201 38.67 2.53 -16.93
C MET B 201 40.08 3.11 -16.84
N TRP B 202 40.29 4.31 -17.34
CA TRP B 202 41.62 4.91 -17.28
C TRP B 202 42.09 4.93 -15.84
N THR B 203 41.19 5.26 -14.94
CA THR B 203 41.54 5.26 -13.53
C THR B 203 42.12 3.90 -13.21
N MET B 204 41.39 2.86 -13.60
CA MET B 204 41.78 1.48 -13.36
C MET B 204 43.11 1.15 -14.00
N LYS B 205 43.24 1.56 -15.25
CA LYS B 205 44.43 1.29 -16.03
C LYS B 205 45.70 1.78 -15.32
N GLY B 206 45.62 2.94 -14.68
CA GLY B 206 46.78 3.50 -13.98
C GLY B 206 47.02 2.81 -12.66
N ILE B 207 45.93 2.42 -12.03
CA ILE B 207 45.95 1.74 -10.75
C ILE B 207 46.37 0.28 -10.85
N GLY B 208 46.29 -0.28 -12.04
CA GLY B 208 46.70 -1.66 -12.19
C GLY B 208 45.61 -2.68 -11.94
N SER B 209 44.35 -2.27 -12.05
CA SER B 209 43.22 -3.18 -11.86
C SER B 209 42.82 -3.92 -13.14
N LEU B 210 43.35 -3.47 -14.27
CA LEU B 210 43.06 -4.07 -15.56
C LEU B 210 44.11 -5.11 -15.97
N ARG B 211 43.69 -6.08 -16.78
CA ARG B 211 44.62 -7.08 -17.26
C ARG B 211 44.66 -6.96 -18.76
N ASP B 212 45.31 -7.89 -19.43
CA ASP B 212 45.41 -7.77 -20.88
C ASP B 212 44.27 -8.42 -21.64
N GLN B 213 43.83 -9.60 -21.19
CA GLN B 213 42.75 -10.34 -21.85
C GLN B 213 41.36 -9.87 -21.40
N ARG B 214 40.35 -10.23 -22.18
CA ARG B 214 39.00 -9.83 -21.83
C ARG B 214 38.40 -10.78 -20.82
N GLU B 215 37.20 -10.46 -20.34
CA GLU B 215 36.53 -11.28 -19.34
C GLU B 215 37.41 -11.48 -18.11
N SER B 216 38.15 -10.43 -17.75
CA SER B 216 39.07 -10.46 -16.61
C SER B 216 38.76 -9.43 -15.51
N PHE B 217 38.20 -8.29 -15.93
CA PHE B 217 37.84 -7.18 -15.04
C PHE B 217 36.57 -7.53 -14.27
N LEU B 218 36.05 -6.56 -13.54
CA LEU B 218 34.83 -6.73 -12.75
C LEU B 218 33.56 -6.52 -13.55
N LEU B 219 33.65 -5.59 -14.49
CA LEU B 219 32.51 -5.21 -15.33
C LEU B 219 32.53 -5.70 -16.76
N ASP B 220 33.40 -6.65 -17.09
CA ASP B 220 33.46 -7.16 -18.46
C ASP B 220 33.13 -8.64 -18.59
N GLY B 221 32.51 -9.21 -17.56
CA GLY B 221 32.18 -10.61 -17.60
C GLY B 221 33.19 -11.49 -16.88
N GLY B 222 34.28 -10.88 -16.42
CA GLY B 222 35.29 -11.63 -15.70
C GLY B 222 34.86 -12.03 -14.30
N ALA B 223 33.67 -11.61 -13.90
CA ALA B 223 33.16 -11.94 -12.59
C ALA B 223 31.79 -12.57 -12.70
N PRO B 224 31.66 -13.85 -12.32
CA PRO B 224 30.35 -14.52 -12.41
C PRO B 224 29.20 -13.79 -11.74
N PHE B 225 29.49 -12.96 -10.74
CA PHE B 225 28.41 -12.24 -10.07
C PHE B 225 28.00 -10.91 -10.74
N TYR B 226 28.45 -10.74 -11.98
CA TYR B 226 28.18 -9.56 -12.79
C TYR B 226 28.17 -9.91 -14.27
N ARG B 227 27.12 -10.61 -14.70
CA ARG B 227 26.99 -11.02 -16.10
C ARG B 227 25.58 -11.60 -16.32
N CYS B 228 25.40 -12.28 -17.45
CA CYS B 228 24.09 -12.88 -17.74
C CYS B 228 24.09 -14.41 -17.80
N TYR B 229 23.02 -14.99 -17.29
CA TYR B 229 22.82 -16.44 -17.25
C TYR B 229 21.54 -16.86 -17.97
N GLU B 230 21.65 -17.86 -18.83
CA GLU B 230 20.50 -18.36 -19.58
C GLU B 230 19.59 -19.15 -18.65
N THR B 231 18.30 -19.03 -18.85
CA THR B 231 17.34 -19.74 -18.02
C THR B 231 16.85 -20.99 -18.73
N SER B 232 15.99 -21.76 -18.07
CA SER B 232 15.46 -22.98 -18.66
C SER B 232 14.76 -22.71 -19.99
N ASP B 233 13.82 -21.76 -19.96
CA ASP B 233 13.08 -21.40 -21.15
C ASP B 233 13.86 -20.48 -22.10
N GLY B 234 15.11 -20.83 -22.36
CA GLY B 234 15.95 -20.06 -23.27
C GLY B 234 16.08 -18.55 -23.14
N LYS B 235 15.58 -17.99 -22.04
CA LYS B 235 15.65 -16.55 -21.77
C LYS B 235 16.93 -16.26 -21.02
N TYR B 236 17.05 -15.03 -20.53
CA TYR B 236 18.24 -14.63 -19.82
C TYR B 236 17.93 -13.79 -18.60
N MET B 237 18.79 -13.89 -17.59
CA MET B 237 18.64 -13.10 -16.37
C MET B 237 19.91 -12.29 -16.19
N ALA B 238 19.79 -11.03 -15.77
CA ALA B 238 20.98 -10.22 -15.58
C ALA B 238 21.35 -10.09 -14.10
N VAL B 239 22.56 -10.53 -13.75
CA VAL B 239 23.02 -10.46 -12.38
C VAL B 239 24.09 -9.35 -12.21
N GLY B 240 24.02 -8.65 -11.10
CA GLY B 240 25.00 -7.61 -10.87
C GLY B 240 25.31 -7.50 -9.41
N ALA B 241 25.20 -8.64 -8.72
CA ALA B 241 25.46 -8.69 -7.29
C ALA B 241 26.93 -8.36 -7.03
N ILE B 242 27.26 -7.07 -6.95
CA ILE B 242 28.65 -6.70 -6.71
C ILE B 242 28.98 -6.59 -5.24
N GLU B 243 28.28 -5.72 -4.55
CA GLU B 243 28.48 -5.53 -3.11
C GLU B 243 28.30 -6.87 -2.41
N PRO B 244 29.10 -7.14 -1.37
CA PRO B 244 28.99 -8.41 -0.65
C PRO B 244 27.56 -8.68 -0.13
N GLN B 245 26.89 -7.64 0.36
CA GLN B 245 25.52 -7.76 0.88
C GLN B 245 24.57 -8.27 -0.20
N PHE B 246 24.71 -7.71 -1.41
CA PHE B 246 23.89 -8.12 -2.53
C PHE B 246 24.27 -9.52 -3.00
N PHE B 247 25.56 -9.85 -2.90
CA PHE B 247 26.04 -11.19 -3.29
C PHE B 247 25.35 -12.22 -2.42
N ALA B 248 25.04 -11.82 -1.19
CA ALA B 248 24.36 -12.69 -0.23
C ALA B 248 22.99 -13.02 -0.81
N ALA B 249 22.21 -11.98 -1.06
CA ALA B 249 20.90 -12.13 -1.64
C ALA B 249 20.98 -13.06 -2.84
N LEU B 250 21.93 -12.80 -3.73
CA LEU B 250 22.07 -13.62 -4.93
C LEU B 250 22.20 -15.10 -4.55
N LEU B 251 23.09 -15.37 -3.62
CA LEU B 251 23.30 -16.75 -3.19
C LEU B 251 22.07 -17.31 -2.49
N SER B 252 21.36 -16.44 -1.77
CA SER B 252 20.16 -16.86 -1.05
C SER B 252 19.05 -17.31 -2.02
N GLY B 253 18.47 -16.34 -2.73
CA GLY B 253 17.40 -16.66 -3.67
C GLY B 253 17.76 -17.75 -4.65
N LEU B 254 19.06 -17.91 -4.89
CA LEU B 254 19.51 -18.92 -5.84
C LEU B 254 19.47 -20.30 -5.17
N GLY B 255 19.15 -20.31 -3.89
CA GLY B 255 19.10 -21.57 -3.16
C GLY B 255 20.47 -22.20 -3.01
N LEU B 256 21.45 -21.36 -2.63
CA LEU B 256 22.83 -21.81 -2.43
C LEU B 256 23.36 -21.32 -1.08
N SER B 257 24.10 -22.19 -0.39
CA SER B 257 24.67 -21.84 0.91
C SER B 257 26.03 -21.20 0.66
N ALA B 258 26.32 -20.14 1.41
CA ALA B 258 27.59 -19.44 1.27
C ALA B 258 28.74 -20.47 1.20
N ALA B 259 28.68 -21.48 2.07
CA ALA B 259 29.71 -22.52 2.12
C ALA B 259 29.80 -23.36 0.85
N ASP B 260 28.70 -23.40 0.09
CA ASP B 260 28.66 -24.18 -1.16
C ASP B 260 29.43 -23.51 -2.30
N VAL B 261 29.20 -22.22 -2.46
CA VAL B 261 29.84 -21.48 -3.52
C VAL B 261 31.10 -20.76 -3.06
N PRO B 262 32.11 -20.67 -3.93
CA PRO B 262 33.35 -19.99 -3.59
C PRO B 262 33.06 -18.55 -3.15
N THR B 263 34.04 -17.91 -2.52
CA THR B 263 33.88 -16.54 -2.04
C THR B 263 34.22 -15.50 -3.11
N GLN B 264 33.58 -14.33 -3.03
CA GLN B 264 33.84 -13.30 -4.01
C GLN B 264 35.31 -13.06 -4.18
N LEU B 265 36.02 -13.12 -3.05
CA LEU B 265 37.45 -12.95 -3.01
C LEU B 265 38.23 -14.08 -3.70
N ASP B 266 37.69 -15.29 -3.70
CA ASP B 266 38.38 -16.42 -4.32
C ASP B 266 38.40 -16.39 -5.85
N VAL B 267 38.92 -15.32 -6.42
CA VAL B 267 38.98 -15.20 -7.87
C VAL B 267 39.35 -16.49 -8.58
N ALA B 268 40.35 -17.17 -8.04
CA ALA B 268 40.83 -18.42 -8.64
C ALA B 268 39.71 -19.43 -8.82
N GLY B 269 38.70 -19.35 -7.96
CA GLY B 269 37.60 -20.28 -8.09
C GLY B 269 36.42 -19.71 -8.86
N TYR B 270 36.60 -18.56 -9.51
CA TYR B 270 35.49 -17.97 -10.25
C TYR B 270 34.95 -18.94 -11.29
N PRO B 271 35.83 -19.52 -12.11
CA PRO B 271 35.34 -20.46 -13.12
C PRO B 271 34.36 -21.46 -12.53
N GLN B 272 34.61 -21.87 -11.29
CA GLN B 272 33.74 -22.83 -10.62
C GLN B 272 32.42 -22.16 -10.21
N MET B 273 32.53 -20.95 -9.63
CA MET B 273 31.36 -20.19 -9.21
C MET B 273 30.41 -20.00 -10.38
N TYR B 274 30.98 -19.77 -11.56
CA TYR B 274 30.23 -19.56 -12.80
C TYR B 274 29.37 -20.77 -13.11
N ASP B 275 29.97 -21.95 -13.00
CA ASP B 275 29.28 -23.20 -13.25
C ASP B 275 28.13 -23.35 -12.26
N ILE B 276 28.40 -23.14 -10.98
CA ILE B 276 27.37 -23.24 -9.94
C ILE B 276 26.23 -22.26 -10.24
N PHE B 277 26.58 -21.06 -10.68
CA PHE B 277 25.58 -20.05 -11.00
C PHE B 277 24.81 -20.46 -12.26
N ALA B 278 25.54 -20.89 -13.29
CA ALA B 278 24.93 -21.30 -14.55
C ALA B 278 23.97 -22.45 -14.31
N GLU B 279 24.44 -23.43 -13.55
CA GLU B 279 23.66 -24.61 -13.19
C GLU B 279 22.30 -24.20 -12.65
N ARG B 280 22.29 -23.56 -11.49
CA ARG B 280 21.05 -23.15 -10.83
C ARG B 280 20.15 -22.25 -11.70
N PHE B 281 20.74 -21.21 -12.30
CA PHE B 281 19.98 -20.30 -13.14
C PHE B 281 19.26 -20.95 -14.32
N ALA B 282 19.85 -22.00 -14.88
CA ALA B 282 19.25 -22.68 -16.03
C ALA B 282 18.26 -23.79 -15.66
N SER B 283 17.98 -23.94 -14.36
CA SER B 283 17.04 -24.95 -13.88
C SER B 283 15.64 -24.38 -13.66
N ARG B 284 15.43 -23.14 -14.09
CA ARG B 284 14.14 -22.50 -13.95
C ARG B 284 13.90 -21.50 -15.07
N THR B 285 12.68 -21.01 -15.19
CA THR B 285 12.32 -20.05 -16.24
C THR B 285 12.52 -18.62 -15.75
N ARG B 286 12.80 -17.73 -16.70
CA ARG B 286 13.00 -16.33 -16.37
C ARG B 286 11.90 -15.84 -15.44
N ASP B 287 10.67 -16.23 -15.74
CA ASP B 287 9.53 -15.83 -14.96
C ASP B 287 9.69 -16.23 -13.50
N GLU B 288 9.84 -17.52 -13.26
CA GLU B 288 10.02 -18.03 -11.89
C GLU B 288 11.13 -17.25 -11.17
N TRP B 289 12.29 -17.17 -11.82
CA TRP B 289 13.45 -16.46 -11.30
C TRP B 289 13.13 -15.01 -10.96
N THR B 290 12.45 -14.33 -11.87
CA THR B 290 12.08 -12.93 -11.66
C THR B 290 11.28 -12.84 -10.36
N ARG B 291 10.41 -13.83 -10.13
CA ARG B 291 9.58 -13.86 -8.94
C ARG B 291 10.47 -13.97 -7.70
N VAL B 292 11.32 -14.99 -7.69
CA VAL B 292 12.22 -15.23 -6.58
C VAL B 292 12.97 -13.97 -6.18
N PHE B 293 13.88 -13.50 -7.02
CA PHE B 293 14.66 -12.30 -6.70
C PHE B 293 13.87 -11.00 -6.72
N ALA B 294 12.57 -11.10 -6.98
CA ALA B 294 11.75 -9.92 -7.03
C ALA B 294 11.79 -9.11 -5.74
N GLY B 295 11.94 -7.79 -5.89
CA GLY B 295 11.97 -6.89 -4.75
C GLY B 295 13.19 -6.96 -3.85
N THR B 296 13.98 -8.03 -3.94
CA THR B 296 15.18 -8.17 -3.11
C THR B 296 16.37 -7.38 -3.66
N ASP B 297 17.31 -7.00 -2.80
CA ASP B 297 18.49 -6.25 -3.26
C ASP B 297 19.56 -7.16 -3.87
N ALA B 298 19.11 -8.29 -4.39
CA ALA B 298 20.00 -9.26 -5.02
C ALA B 298 20.58 -8.77 -6.34
N CYS B 299 20.05 -7.68 -6.88
CA CYS B 299 20.54 -7.17 -8.15
C CYS B 299 20.40 -8.22 -9.25
N VAL B 300 19.26 -8.89 -9.26
CA VAL B 300 18.96 -9.89 -10.28
C VAL B 300 17.65 -9.52 -10.94
N THR B 301 17.74 -9.20 -12.23
CA THR B 301 16.59 -8.82 -13.01
C THR B 301 16.51 -9.60 -14.31
N PRO B 302 15.32 -9.63 -14.92
CA PRO B 302 15.11 -10.35 -16.18
C PRO B 302 15.51 -9.47 -17.35
N VAL B 303 16.24 -10.06 -18.30
CA VAL B 303 16.63 -9.32 -19.48
C VAL B 303 15.40 -9.24 -20.36
N LEU B 304 14.82 -8.04 -20.48
CA LEU B 304 13.61 -7.88 -21.31
C LEU B 304 13.88 -7.43 -22.72
N ALA B 305 13.03 -7.86 -23.64
CA ALA B 305 13.21 -7.45 -25.03
C ALA B 305 12.43 -6.14 -25.21
N TRP B 306 12.72 -5.45 -26.33
CA TRP B 306 12.05 -4.21 -26.65
C TRP B 306 10.54 -4.33 -26.39
N SER B 307 9.92 -5.32 -27.03
CA SER B 307 8.49 -5.54 -26.88
C SER B 307 8.14 -5.68 -25.42
N GLU B 308 8.93 -6.50 -24.71
CA GLU B 308 8.74 -6.80 -23.29
C GLU B 308 8.91 -5.60 -22.36
N ALA B 309 9.89 -4.77 -22.71
CA ALA B 309 10.20 -3.57 -21.93
C ALA B 309 9.09 -2.54 -21.97
N ALA B 310 8.52 -2.32 -23.14
CA ALA B 310 7.46 -1.32 -23.28
C ALA B 310 6.25 -1.61 -22.37
N ASN B 311 6.11 -2.87 -21.94
CA ASN B 311 4.99 -3.27 -21.09
C ASN B 311 5.45 -3.60 -19.67
N ASN B 312 6.71 -3.25 -19.37
CA ASN B 312 7.27 -3.48 -18.04
C ASN B 312 6.57 -2.62 -17.01
N ASP B 313 6.26 -3.22 -15.87
CA ASP B 313 5.58 -2.51 -14.80
C ASP B 313 6.25 -1.22 -14.38
N HIS B 314 7.53 -1.31 -14.04
CA HIS B 314 8.26 -0.13 -13.61
C HIS B 314 8.32 0.96 -14.71
N LEU B 315 8.88 0.61 -15.87
CA LEU B 315 8.98 1.56 -16.98
C LEU B 315 7.63 2.17 -17.37
N LYS B 316 6.54 1.50 -17.01
CA LYS B 316 5.19 2.00 -17.32
C LYS B 316 4.78 3.01 -16.23
N ALA B 317 4.91 2.60 -14.98
CA ALA B 317 4.58 3.47 -13.86
C ALA B 317 5.26 4.83 -14.04
N ARG B 318 6.59 4.82 -14.17
CA ARG B 318 7.34 6.07 -14.36
C ARG B 318 7.13 6.61 -15.76
N SER B 319 6.37 5.87 -16.56
CA SER B 319 6.09 6.25 -17.94
C SER B 319 7.37 6.63 -18.71
N THR B 320 8.33 5.70 -18.74
CA THR B 320 9.57 5.92 -19.45
C THR B 320 9.34 5.62 -20.93
N VAL B 321 8.74 4.46 -21.19
CA VAL B 321 8.41 4.06 -22.54
C VAL B 321 6.90 4.22 -22.66
N ILE B 322 6.49 5.26 -23.36
CA ILE B 322 5.08 5.55 -23.53
C ILE B 322 4.66 5.39 -24.98
N THR B 323 3.36 5.22 -25.18
CA THR B 323 2.78 5.10 -26.53
C THR B 323 2.14 6.43 -26.88
N ALA B 324 2.91 7.29 -27.55
CA ALA B 324 2.42 8.60 -27.95
C ALA B 324 1.78 8.49 -29.32
N HIS B 325 0.68 9.22 -29.52
CA HIS B 325 -0.03 9.22 -30.78
C HIS B 325 0.73 8.52 -31.89
N GLY B 326 0.46 7.24 -32.07
CA GLY B 326 1.17 6.49 -33.08
C GLY B 326 1.83 5.27 -32.51
N VAL B 327 3.16 5.30 -32.36
CA VAL B 327 3.84 4.14 -31.82
C VAL B 327 4.58 4.32 -30.49
N GLN B 328 5.11 3.20 -29.99
CA GLN B 328 5.85 3.14 -28.72
C GLN B 328 7.14 3.91 -28.85
N GLN B 329 7.50 4.65 -27.81
CA GLN B 329 8.73 5.43 -27.82
C GLN B 329 9.22 5.76 -26.41
N ALA B 330 10.29 6.58 -26.34
CA ALA B 330 10.85 6.96 -25.04
C ALA B 330 10.46 8.36 -24.62
N ALA B 331 9.95 8.51 -23.40
CA ALA B 331 9.55 9.80 -22.87
C ALA B 331 10.77 10.68 -22.70
N PRO B 332 10.60 12.01 -22.79
CA PRO B 332 11.69 12.98 -22.65
C PRO B 332 12.43 12.75 -21.35
N ALA B 333 13.68 13.21 -21.27
CA ALA B 333 14.52 13.05 -20.07
C ALA B 333 15.68 14.03 -20.08
N PRO B 334 16.19 14.41 -18.89
CA PRO B 334 15.73 13.97 -17.58
C PRO B 334 14.41 14.67 -17.26
N ARG B 335 13.93 14.48 -16.04
CA ARG B 335 12.68 15.07 -15.59
C ARG B 335 12.85 16.24 -14.63
N PHE B 336 12.20 17.35 -14.96
CA PHE B 336 12.25 18.57 -14.18
C PHE B 336 10.97 18.76 -13.36
N SER B 337 11.13 19.23 -12.12
CA SER B 337 10.02 19.41 -11.20
C SER B 337 9.15 20.66 -11.38
N ARG B 338 9.73 21.77 -11.80
CA ARG B 338 8.93 22.97 -11.99
C ARG B 338 8.69 23.29 -13.46
N THR B 339 9.62 22.93 -14.33
CA THR B 339 9.47 23.20 -15.77
C THR B 339 9.63 21.92 -16.59
N PRO B 340 8.80 20.89 -16.30
CA PRO B 340 8.87 19.61 -17.00
C PRO B 340 8.73 19.76 -18.51
N ALA B 341 8.85 18.64 -19.20
CA ALA B 341 8.73 18.63 -20.65
C ALA B 341 7.26 18.41 -20.97
N GLY B 342 6.75 19.19 -21.92
CA GLY B 342 5.35 19.03 -22.30
C GLY B 342 5.16 17.65 -22.90
N PRO B 343 3.91 17.28 -23.24
CA PRO B 343 3.65 15.97 -23.85
C PRO B 343 4.33 15.87 -25.19
N VAL B 344 4.74 14.68 -25.57
CA VAL B 344 5.44 14.50 -26.84
C VAL B 344 4.62 14.70 -28.08
N ARG B 345 5.11 15.61 -28.93
CA ARG B 345 4.47 15.89 -30.19
C ARG B 345 4.99 14.88 -31.20
N PRO B 346 4.28 14.73 -32.33
CA PRO B 346 4.71 13.79 -33.35
C PRO B 346 5.72 14.41 -34.33
N PRO B 347 6.40 13.56 -35.11
CA PRO B 347 7.38 14.08 -36.07
C PRO B 347 6.64 14.94 -37.09
N PRO B 348 7.37 15.79 -37.83
CA PRO B 348 6.78 16.67 -38.84
C PRO B 348 5.97 15.89 -39.88
N ALA B 349 4.66 16.11 -39.88
CA ALA B 349 3.79 15.43 -40.82
C ALA B 349 4.09 15.92 -42.25
N ALA B 350 4.49 17.18 -42.37
CA ALA B 350 4.82 17.76 -43.66
C ALA B 350 5.72 18.96 -43.42
N ALA B 351 6.63 19.24 -44.35
CA ALA B 351 7.55 20.35 -44.22
C ALA B 351 6.83 21.69 -44.11
N THR B 352 7.30 22.55 -43.21
CA THR B 352 6.69 23.86 -43.02
C THR B 352 7.44 24.79 -43.97
N PRO B 353 6.71 25.73 -44.63
CA PRO B 353 7.26 26.69 -45.59
C PRO B 353 8.68 27.17 -45.31
N ILE B 354 8.79 28.37 -44.75
CA ILE B 354 10.09 28.93 -44.42
C ILE B 354 9.87 30.34 -43.94
N ASP B 355 8.87 31.00 -44.51
CA ASP B 355 8.56 32.36 -44.11
C ASP B 355 7.57 32.30 -42.96
N GLU B 356 7.10 31.10 -42.66
CA GLU B 356 6.13 30.93 -41.59
C GLU B 356 6.88 30.54 -40.31
N ILE B 357 8.16 30.90 -40.27
CA ILE B 357 9.04 30.61 -39.13
C ILE B 357 8.50 31.11 -37.78
N ASN B 358 9.10 32.19 -37.28
CA ASN B 358 8.74 32.78 -35.99
C ASN B 358 9.89 33.70 -35.58
N TRP B 359 11.07 33.39 -36.08
CA TRP B 359 12.26 34.17 -35.75
C TRP B 359 12.46 35.29 -36.77
N GLY C 4 -2.72 49.23 20.78
CA GLY C 4 -2.74 47.93 21.51
C GLY C 4 -4.07 47.19 21.45
N GLY C 5 -4.43 46.71 20.27
CA GLY C 5 -5.67 45.98 20.09
C GLY C 5 -6.92 46.83 19.97
N PRO C 6 -7.88 46.44 19.11
CA PRO C 6 -9.13 47.20 18.91
C PRO C 6 -10.01 47.24 20.15
N LEU C 7 -9.88 46.26 21.03
CA LEU C 7 -10.68 46.27 22.24
C LEU C 7 -9.98 46.94 23.44
N ALA C 8 -8.85 47.58 23.16
CA ALA C 8 -8.07 48.26 24.20
C ALA C 8 -8.87 49.25 25.05
N GLY C 9 -8.71 49.17 26.37
CA GLY C 9 -9.43 50.07 27.24
C GLY C 9 -10.65 49.41 27.85
N VAL C 10 -10.99 48.22 27.38
CA VAL C 10 -12.15 47.53 27.93
C VAL C 10 -11.81 46.83 29.25
N LYS C 11 -12.60 47.14 30.28
CA LYS C 11 -12.41 46.53 31.59
C LYS C 11 -13.28 45.26 31.64
N VAL C 12 -12.64 44.10 31.78
CA VAL C 12 -13.35 42.83 31.83
C VAL C 12 -13.07 42.06 33.12
N ILE C 13 -14.12 41.49 33.70
CA ILE C 13 -14.00 40.72 34.91
C ILE C 13 -14.45 39.28 34.68
N GLU C 14 -13.50 38.35 34.71
CA GLU C 14 -13.75 36.94 34.50
C GLU C 14 -14.02 36.26 35.85
N LEU C 15 -15.11 35.49 35.98
CA LEU C 15 -15.41 34.83 37.23
C LEU C 15 -15.18 33.33 37.21
N GLY C 16 -16.10 32.59 36.60
CA GLY C 16 -15.95 31.14 36.52
C GLY C 16 -14.69 30.74 35.77
N GLY C 17 -14.09 29.62 36.13
CA GLY C 17 -12.86 29.21 35.46
C GLY C 17 -12.82 27.88 34.76
N ILE C 18 -13.68 27.70 33.77
CA ILE C 18 -13.71 26.46 33.00
C ILE C 18 -14.30 26.58 31.60
N GLY C 19 -13.52 26.09 30.64
CA GLY C 19 -13.91 26.07 29.25
C GLY C 19 -14.25 27.40 28.65
N PRO C 20 -15.49 27.55 28.14
CA PRO C 20 -15.96 28.79 27.54
C PRO C 20 -15.59 30.08 28.25
N GLY C 21 -15.93 30.17 29.54
CA GLY C 21 -15.62 31.39 30.26
C GLY C 21 -14.24 31.94 30.00
N PRO C 22 -13.21 31.25 30.49
CA PRO C 22 -11.83 31.66 30.32
C PRO C 22 -11.35 31.73 28.86
N HIS C 23 -11.89 30.88 27.98
CA HIS C 23 -11.46 30.93 26.58
C HIS C 23 -11.91 32.25 25.96
N ALA C 24 -13.10 32.72 26.34
CA ALA C 24 -13.60 33.99 25.82
C ALA C 24 -12.70 35.09 26.38
N GLY C 25 -12.45 35.00 27.68
CA GLY C 25 -11.59 35.95 28.37
C GLY C 25 -10.26 36.06 27.65
N MET C 26 -9.74 34.94 27.17
CA MET C 26 -8.46 34.98 26.46
C MET C 26 -8.49 35.88 25.23
N VAL C 27 -9.44 35.62 24.32
CA VAL C 27 -9.59 36.39 23.08
C VAL C 27 -9.75 37.87 23.40
N LEU C 28 -10.56 38.16 24.41
CA LEU C 28 -10.75 39.52 24.84
C LEU C 28 -9.36 40.15 25.08
N ALA C 29 -8.51 39.46 25.86
CA ALA C 29 -7.17 39.94 26.16
C ALA C 29 -6.30 40.00 24.91
N ASP C 30 -6.44 38.99 24.07
CA ASP C 30 -5.68 38.93 22.83
C ASP C 30 -6.00 40.13 21.97
N LEU C 31 -7.22 40.65 22.11
CA LEU C 31 -7.65 41.80 21.32
C LEU C 31 -7.41 43.14 22.01
N GLY C 32 -6.63 43.14 23.08
CA GLY C 32 -6.32 44.37 23.78
C GLY C 32 -7.11 44.67 25.05
N ALA C 33 -8.18 43.94 25.33
CA ALA C 33 -8.95 44.21 26.54
C ALA C 33 -8.16 43.99 27.81
N ASP C 34 -8.55 44.71 28.86
CA ASP C 34 -7.93 44.63 30.18
C ASP C 34 -8.77 43.61 30.97
N VAL C 35 -8.44 42.33 30.80
CA VAL C 35 -9.16 41.26 31.46
C VAL C 35 -8.54 40.92 32.81
N VAL C 36 -9.39 40.76 33.82
CA VAL C 36 -8.94 40.43 35.15
C VAL C 36 -9.80 39.32 35.75
N ARG C 37 -9.16 38.18 36.00
CA ARG C 37 -9.82 37.02 36.59
C ARG C 37 -10.00 37.20 38.07
N VAL C 38 -11.15 36.76 38.57
CA VAL C 38 -11.42 36.87 40.00
C VAL C 38 -11.81 35.49 40.50
N ARG C 39 -10.99 34.92 41.38
CA ARG C 39 -11.22 33.58 41.94
C ARG C 39 -10.61 33.35 43.33
N ARG C 40 -11.23 32.44 44.08
CA ARG C 40 -10.73 32.14 45.42
C ARG C 40 -9.29 31.65 45.32
N PRO C 41 -8.49 31.91 46.37
CA PRO C 41 -7.09 31.49 46.40
C PRO C 41 -6.88 29.98 46.42
N GLY C 42 -7.74 29.26 47.14
CA GLY C 42 -7.62 27.81 47.24
C GLY C 42 -7.88 27.06 45.95
N GLY C 43 -7.92 27.80 44.85
CA GLY C 43 -8.17 27.22 43.54
C GLY C 43 -7.47 25.90 43.25
N LEU C 44 -8.26 24.94 42.78
CA LEU C 44 -7.77 23.62 42.44
C LEU C 44 -7.70 23.46 40.93
N THR C 45 -7.38 24.55 40.24
CA THR C 45 -7.29 24.54 38.78
C THR C 45 -6.17 23.66 38.23
N MET C 46 -6.42 23.11 37.05
CA MET C 46 -5.45 22.27 36.35
C MET C 46 -5.46 22.65 34.86
N PRO C 47 -4.31 23.07 34.33
CA PRO C 47 -3.03 23.22 35.03
C PRO C 47 -2.93 24.50 35.81
N SER C 48 -1.74 24.77 36.33
CA SER C 48 -1.50 25.99 37.08
C SER C 48 -1.78 27.18 36.16
N GLU C 49 -2.58 28.13 36.64
CA GLU C 49 -2.93 29.28 35.82
C GLU C 49 -1.76 29.83 35.02
N ASP C 50 -0.60 29.92 35.65
CA ASP C 50 0.59 30.47 34.98
C ASP C 50 1.07 29.62 33.83
N ARG C 51 0.39 28.54 33.55
CA ARG C 51 0.76 27.66 32.45
C ARG C 51 -0.46 27.40 31.54
N ASP C 52 -1.53 28.16 31.76
CA ASP C 52 -2.77 28.02 31.00
C ASP C 52 -2.98 29.11 29.95
N LEU C 53 -2.65 28.75 28.71
CA LEU C 53 -2.80 29.63 27.56
C LEU C 53 -4.13 30.37 27.51
N LEU C 54 -5.15 29.86 28.19
CA LEU C 54 -6.43 30.56 28.16
C LEU C 54 -6.40 31.76 29.06
N HIS C 55 -5.28 31.98 29.76
CA HIS C 55 -5.23 33.12 30.65
C HIS C 55 -4.19 34.15 30.26
N ARG C 56 -3.43 33.85 29.22
CA ARG C 56 -2.39 34.76 28.76
C ARG C 56 -2.92 36.22 28.64
N GLY C 57 -2.08 37.18 29.05
CA GLY C 57 -2.43 38.60 28.96
C GLY C 57 -3.45 39.10 29.97
N LYS C 58 -3.91 38.20 30.84
CA LYS C 58 -4.89 38.51 31.88
C LYS C 58 -4.20 38.66 33.23
N ARG C 59 -4.95 39.02 34.26
CA ARG C 59 -4.37 39.17 35.58
C ARG C 59 -5.26 38.46 36.60
N ILE C 60 -4.65 37.61 37.40
CA ILE C 60 -5.39 36.88 38.40
C ILE C 60 -5.49 37.71 39.68
N VAL C 61 -6.63 37.62 40.37
CA VAL C 61 -6.84 38.35 41.60
C VAL C 61 -7.60 37.53 42.64
N ASP C 62 -6.93 37.21 43.73
CA ASP C 62 -7.55 36.43 44.80
C ASP C 62 -8.72 37.25 45.33
N LEU C 63 -9.87 36.62 45.51
CA LEU C 63 -11.05 37.32 46.02
C LEU C 63 -12.26 36.40 46.20
N ASP C 64 -12.34 35.78 47.38
CA ASP C 64 -13.45 34.89 47.69
C ASP C 64 -14.74 35.70 47.75
N VAL C 65 -15.80 35.16 47.17
CA VAL C 65 -17.07 35.87 47.13
C VAL C 65 -18.15 35.16 47.94
N PRO C 69 -17.84 37.83 51.09
CA PRO C 69 -17.11 39.06 50.76
C PRO C 69 -17.57 39.67 49.43
N GLN C 70 -18.66 40.43 49.48
CA GLN C 70 -19.23 41.05 48.28
C GLN C 70 -18.50 42.31 47.82
N ALA C 71 -17.37 42.61 48.43
CA ALA C 71 -16.60 43.81 48.10
C ALA C 71 -16.23 43.94 46.62
N MET C 72 -16.69 43.01 45.79
CA MET C 72 -16.37 43.06 44.35
C MET C 72 -17.33 43.96 43.59
N LEU C 73 -18.52 44.19 44.14
CA LEU C 73 -19.51 45.05 43.52
C LEU C 73 -18.83 46.39 43.29
N GLU C 74 -17.86 46.67 44.15
CA GLU C 74 -17.08 47.90 44.12
C GLU C 74 -16.12 47.87 42.94
N LEU C 75 -15.82 46.67 42.46
CA LEU C 75 -14.91 46.50 41.34
C LEU C 75 -15.66 46.56 40.00
N ALA C 76 -16.81 45.92 39.94
CA ALA C 76 -17.62 45.90 38.73
C ALA C 76 -17.96 47.31 38.32
N ALA C 77 -18.39 48.11 39.28
CA ALA C 77 -18.77 49.49 39.01
C ALA C 77 -17.74 50.24 38.20
N LYS C 78 -16.49 49.80 38.23
CA LYS C 78 -15.43 50.48 37.49
C LYS C 78 -15.12 49.76 36.18
N ALA C 79 -15.59 48.52 36.06
CA ALA C 79 -15.34 47.71 34.87
C ALA C 79 -16.45 47.83 33.80
N ASP C 80 -16.11 47.47 32.57
CA ASP C 80 -17.06 47.54 31.46
C ASP C 80 -17.86 46.27 31.30
N VAL C 81 -17.18 45.13 31.45
CA VAL C 81 -17.80 43.83 31.28
C VAL C 81 -17.57 42.88 32.45
N LEU C 82 -18.60 42.11 32.77
CA LEU C 82 -18.54 41.11 33.83
C LEU C 82 -18.87 39.77 33.20
N LEU C 83 -17.87 38.89 33.08
CA LEU C 83 -18.08 37.59 32.45
C LEU C 83 -18.46 36.47 33.44
N ASP C 84 -19.74 36.37 33.77
CA ASP C 84 -20.20 35.32 34.68
C ASP C 84 -20.10 33.98 33.99
N CYS C 85 -19.46 33.01 34.66
CA CYS C 85 -19.28 31.66 34.11
C CYS C 85 -19.78 30.57 35.06
N PHE C 86 -20.50 30.99 36.11
CA PHE C 86 -21.06 30.07 37.10
C PHE C 86 -22.44 29.61 36.68
N ARG C 87 -22.94 28.58 37.35
CA ARG C 87 -24.27 28.06 37.06
C ARG C 87 -25.26 29.21 37.19
N PRO C 88 -26.46 29.07 36.59
CA PRO C 88 -27.40 30.17 36.72
C PRO C 88 -27.82 30.30 38.16
N GLY C 89 -27.97 31.55 38.61
CA GLY C 89 -28.38 31.81 39.98
C GLY C 89 -27.22 32.02 40.94
N THR C 90 -26.30 31.06 40.98
CA THR C 90 -25.14 31.14 41.86
C THR C 90 -24.52 32.52 41.83
N CYS C 91 -24.48 33.15 40.67
CA CYS C 91 -23.87 34.48 40.59
C CYS C 91 -24.68 35.50 41.40
N GLU C 92 -26.00 35.43 41.30
CA GLU C 92 -26.87 36.35 42.02
C GLU C 92 -27.23 35.83 43.42
N ARG C 93 -26.77 34.63 43.75
CA ARG C 93 -27.04 34.06 45.06
C ARG C 93 -26.07 34.79 46.00
N LEU C 94 -24.99 35.29 45.41
CA LEU C 94 -23.98 36.04 46.15
C LEU C 94 -24.31 37.51 45.98
N GLY C 95 -23.41 38.38 46.43
CA GLY C 95 -23.65 39.81 46.33
C GLY C 95 -23.85 40.28 44.90
N ILE C 96 -22.97 39.84 44.02
CA ILE C 96 -23.01 40.19 42.59
C ILE C 96 -24.28 39.68 41.90
N GLY C 97 -24.57 40.24 40.74
CA GLY C 97 -25.77 39.83 40.01
C GLY C 97 -26.19 40.93 39.09
N PRO C 98 -26.96 40.61 38.03
CA PRO C 98 -27.44 41.60 37.05
C PRO C 98 -28.05 42.83 37.71
N ASP C 99 -28.94 42.61 38.68
CA ASP C 99 -29.61 43.69 39.37
C ASP C 99 -28.63 44.57 40.15
N ASP C 100 -27.95 43.98 41.12
CA ASP C 100 -27.01 44.68 41.98
C ASP C 100 -25.98 45.49 41.20
N CYS C 101 -25.37 44.86 40.20
CA CYS C 101 -24.37 45.56 39.39
C CYS C 101 -24.99 46.73 38.64
N ALA C 102 -26.22 46.54 38.20
CA ALA C 102 -26.92 47.59 37.48
C ALA C 102 -26.90 48.85 38.32
N SER C 103 -27.20 48.70 39.62
CA SER C 103 -27.24 49.81 40.56
C SER C 103 -25.91 50.56 40.67
N VAL C 104 -24.83 49.81 40.82
CA VAL C 104 -23.51 50.38 40.93
C VAL C 104 -22.95 50.88 39.60
N ASN C 105 -23.36 50.25 38.51
CA ASN C 105 -22.87 50.65 37.18
C ASN C 105 -23.81 50.22 36.05
N PRO C 106 -24.61 51.18 35.53
CA PRO C 106 -25.56 50.91 34.45
C PRO C 106 -24.87 50.80 33.08
N ARG C 107 -23.55 50.99 33.09
CA ARG C 107 -22.74 50.93 31.86
C ARG C 107 -22.18 49.52 31.67
N LEU C 108 -22.35 48.70 32.71
CA LEU C 108 -21.86 47.32 32.74
C LEU C 108 -22.53 46.36 31.77
N ILE C 109 -21.71 45.48 31.19
CA ILE C 109 -22.18 44.47 30.25
C ILE C 109 -22.14 43.13 30.98
N PHE C 110 -23.29 42.65 31.43
CA PHE C 110 -23.35 41.41 32.17
C PHE C 110 -23.52 40.18 31.28
N ALA C 111 -22.38 39.66 30.82
CA ALA C 111 -22.34 38.48 29.96
C ALA C 111 -22.45 37.21 30.80
N ARG C 112 -23.06 36.16 30.26
CA ARG C 112 -23.21 34.89 30.96
C ARG C 112 -23.13 33.69 30.01
N ILE C 113 -22.11 32.85 30.13
CA ILE C 113 -22.01 31.69 29.24
C ILE C 113 -22.50 30.47 29.95
N THR C 114 -23.45 29.76 29.35
CA THR C 114 -24.00 28.56 29.94
C THR C 114 -24.32 27.53 28.89
N GLY C 115 -24.32 26.27 29.29
CA GLY C 115 -24.63 25.23 28.34
C GLY C 115 -26.12 25.20 28.09
N TRP C 116 -26.89 25.35 29.16
CA TRP C 116 -28.34 25.30 29.04
C TRP C 116 -28.98 26.66 29.05
N GLY C 117 -28.21 27.69 29.38
CA GLY C 117 -28.75 29.03 29.43
C GLY C 117 -29.32 29.35 30.80
N GLN C 118 -29.99 30.49 30.93
CA GLN C 118 -30.54 30.87 32.23
C GLN C 118 -31.90 30.25 32.55
N ASP C 119 -32.85 30.42 31.64
CA ASP C 119 -34.20 29.91 31.82
C ASP C 119 -34.27 28.47 31.33
N GLY C 120 -35.41 27.81 31.55
CA GLY C 120 -35.54 26.43 31.10
C GLY C 120 -35.39 25.42 32.21
N PRO C 121 -35.94 24.20 32.02
CA PRO C 121 -35.86 23.13 33.02
C PRO C 121 -34.44 22.65 33.26
N LEU C 122 -33.73 22.35 32.17
CA LEU C 122 -32.37 21.88 32.26
C LEU C 122 -31.39 22.91 32.82
N ALA C 123 -31.79 24.18 32.82
CA ALA C 123 -30.96 25.31 33.29
C ALA C 123 -30.18 25.05 34.57
N SER C 124 -30.78 24.31 35.49
CA SER C 124 -30.15 23.98 36.74
C SER C 124 -29.20 22.79 36.55
N THR C 125 -29.60 21.85 35.71
CA THR C 125 -28.79 20.66 35.45
C THR C 125 -27.34 20.97 35.05
N ALA C 126 -26.43 20.09 35.44
CA ALA C 126 -25.01 20.25 35.13
C ALA C 126 -24.71 19.47 33.86
N GLY C 127 -23.68 19.88 33.13
CA GLY C 127 -23.36 19.16 31.91
C GLY C 127 -22.14 19.69 31.22
N HIS C 128 -21.72 19.02 30.16
CA HIS C 128 -20.56 19.42 29.39
C HIS C 128 -20.84 19.46 27.89
N ASP C 129 -19.81 19.84 27.13
CA ASP C 129 -19.92 19.94 25.69
C ASP C 129 -20.66 18.74 25.08
N ILE C 130 -20.16 17.53 25.31
CA ILE C 130 -20.83 16.38 24.75
C ILE C 130 -22.34 16.41 25.06
N ASN C 131 -22.71 16.82 26.27
CA ASN C 131 -24.13 16.85 26.62
C ASN C 131 -24.95 17.89 25.85
N TYR C 132 -24.51 19.14 25.83
CA TYR C 132 -25.26 20.18 25.13
C TYR C 132 -25.48 19.77 23.67
N LEU C 133 -24.50 19.10 23.08
CA LEU C 133 -24.58 18.68 21.69
C LEU C 133 -25.60 17.57 21.48
N SER C 134 -25.92 16.84 22.55
CA SER C 134 -26.88 15.76 22.42
C SER C 134 -28.31 16.28 22.24
N GLN C 135 -28.59 17.46 22.81
CA GLN C 135 -29.93 18.06 22.74
C GLN C 135 -30.25 18.78 21.43
N THR C 136 -29.25 19.42 20.83
CA THR C 136 -29.39 20.16 19.58
C THR C 136 -29.53 19.26 18.35
N GLY C 137 -29.18 17.99 18.50
CA GLY C 137 -29.30 17.09 17.37
C GLY C 137 -28.07 17.05 16.48
N ALA C 138 -27.12 17.93 16.75
CA ALA C 138 -25.90 17.98 16.00
C ALA C 138 -25.07 16.74 16.32
N LEU C 139 -25.10 16.32 17.57
CA LEU C 139 -24.30 15.15 17.93
C LEU C 139 -24.75 13.90 17.19
N ALA C 140 -26.06 13.72 17.10
CA ALA C 140 -26.62 12.54 16.45
C ALA C 140 -26.36 12.51 14.97
N ALA C 141 -25.69 13.53 14.47
CA ALA C 141 -25.38 13.57 13.04
C ALA C 141 -23.89 13.38 12.83
N PHE C 142 -23.20 13.00 13.89
CA PHE C 142 -21.77 12.81 13.83
C PHE C 142 -21.31 11.34 13.85
N GLY C 143 -20.16 11.12 13.21
CA GLY C 143 -19.53 9.80 13.18
C GLY C 143 -20.02 8.76 12.19
N TYR C 144 -19.51 7.54 12.32
CA TYR C 144 -19.90 6.44 11.46
C TYR C 144 -21.24 5.85 11.88
N ALA C 145 -21.95 5.25 10.92
CA ALA C 145 -23.26 4.67 11.17
C ALA C 145 -23.32 3.63 12.29
N ASP C 146 -22.41 2.65 12.25
CA ASP C 146 -22.37 1.58 13.25
C ASP C 146 -21.98 1.97 14.68
N ARG C 147 -20.78 2.53 14.85
CA ARG C 147 -20.30 2.96 16.17
C ARG C 147 -21.11 4.17 16.63
N PRO C 148 -21.22 4.39 17.94
CA PRO C 148 -21.97 5.53 18.46
C PRO C 148 -21.35 6.86 18.04
N PRO C 149 -22.05 7.98 18.29
CA PRO C 149 -21.55 9.30 17.94
C PRO C 149 -20.34 9.61 18.79
N MET C 150 -19.31 10.20 18.17
CA MET C 150 -18.10 10.58 18.89
C MET C 150 -17.95 12.08 18.79
N PRO C 151 -17.84 12.75 19.94
CA PRO C 151 -17.70 14.22 20.02
C PRO C 151 -16.39 14.80 19.50
N PRO C 152 -16.44 15.90 18.74
CA PRO C 152 -15.26 16.57 18.19
C PRO C 152 -14.56 17.30 19.35
N LEU C 153 -14.02 16.54 20.30
CA LEU C 153 -13.42 17.14 21.47
C LEU C 153 -14.53 18.01 22.05
N ASN C 154 -14.22 19.27 22.36
CA ASN C 154 -15.25 20.14 22.90
C ASN C 154 -15.21 21.45 22.13
N LEU C 155 -14.92 21.33 20.83
CA LEU C 155 -14.82 22.49 19.96
C LEU C 155 -16.15 23.07 19.49
N VAL C 156 -17.13 22.21 19.29
CA VAL C 156 -18.42 22.67 18.79
C VAL C 156 -19.26 23.52 19.76
N ALA C 157 -19.52 22.99 20.96
CA ALA C 157 -20.34 23.69 21.95
C ALA C 157 -19.60 24.66 22.87
N ASP C 158 -18.59 24.15 23.55
CA ASP C 158 -17.80 24.95 24.48
C ASP C 158 -17.16 26.20 23.86
N PHE C 159 -16.54 26.06 22.69
CA PHE C 159 -15.90 27.21 22.05
C PHE C 159 -16.56 27.72 20.79
N GLY C 160 -16.78 26.84 19.82
CA GLY C 160 -17.39 27.25 18.56
C GLY C 160 -18.77 27.85 18.73
N GLY C 161 -19.51 27.35 19.70
CA GLY C 161 -20.86 27.84 19.96
C GLY C 161 -21.08 28.28 21.39
N GLY C 162 -19.98 28.42 22.13
CA GLY C 162 -20.05 28.87 23.52
C GLY C 162 -19.18 30.11 23.66
N SER C 163 -17.86 29.88 23.66
CA SER C 163 -16.91 30.95 23.79
C SER C 163 -17.19 32.07 22.76
N MET C 164 -17.25 31.70 21.48
CA MET C 164 -17.52 32.67 20.42
C MET C 164 -18.89 33.37 20.56
N LEU C 165 -19.89 32.66 21.08
CA LEU C 165 -21.22 33.22 21.27
C LEU C 165 -21.19 34.35 22.28
N VAL C 166 -20.62 34.09 23.45
CA VAL C 166 -20.57 35.11 24.46
C VAL C 166 -19.63 36.22 24.02
N LEU C 167 -18.61 35.88 23.25
CA LEU C 167 -17.68 36.87 22.74
C LEU C 167 -18.47 37.80 21.81
N LEU C 168 -19.26 37.20 20.92
CA LEU C 168 -20.08 37.98 19.99
C LEU C 168 -21.02 38.85 20.79
N GLY C 169 -21.79 38.20 21.68
CA GLY C 169 -22.73 38.90 22.54
C GLY C 169 -22.11 40.12 23.21
N ILE C 170 -20.89 39.96 23.72
CA ILE C 170 -20.17 41.04 24.39
C ILE C 170 -19.84 42.18 23.43
N VAL C 171 -18.96 41.92 22.47
CA VAL C 171 -18.57 42.97 21.52
C VAL C 171 -19.79 43.62 20.87
N VAL C 172 -20.92 42.92 20.88
CA VAL C 172 -22.16 43.47 20.33
C VAL C 172 -22.75 44.34 21.42
N ALA C 173 -22.92 43.79 22.61
CA ALA C 173 -23.46 44.58 23.71
C ALA C 173 -22.60 45.83 23.91
N LEU C 174 -21.34 45.78 23.49
CA LEU C 174 -20.43 46.93 23.60
C LEU C 174 -20.83 47.98 22.59
N TYR C 175 -20.93 47.58 21.33
CA TYR C 175 -21.32 48.50 20.26
C TYR C 175 -22.69 49.13 20.57
N GLU C 176 -23.57 48.34 21.19
CA GLU C 176 -24.89 48.81 21.56
C GLU C 176 -24.76 49.96 22.56
N ARG C 177 -24.34 49.64 23.78
CA ARG C 177 -24.16 50.62 24.83
C ARG C 177 -23.29 51.80 24.36
N GLU C 178 -22.35 51.54 23.45
CA GLU C 178 -21.47 52.58 22.92
C GLU C 178 -22.24 53.58 22.07
N ARG C 179 -23.56 53.53 22.20
CA ARG C 179 -24.45 54.42 21.45
C ARG C 179 -25.67 54.67 22.32
N SER C 180 -26.08 53.65 23.06
CA SER C 180 -27.23 53.76 23.94
C SER C 180 -26.76 54.17 25.32
N GLY C 181 -25.43 54.29 25.47
CA GLY C 181 -24.86 54.66 26.76
C GLY C 181 -25.31 53.82 27.93
N VAL C 182 -25.89 52.66 27.64
CA VAL C 182 -26.37 51.77 28.69
C VAL C 182 -26.09 50.30 28.35
N GLY C 183 -25.44 49.60 29.27
CA GLY C 183 -25.15 48.20 29.06
C GLY C 183 -26.38 47.38 29.39
N GLN C 184 -26.25 46.06 29.36
CA GLN C 184 -27.35 45.15 29.64
C GLN C 184 -26.82 43.75 29.92
N VAL C 185 -27.72 42.77 29.98
CA VAL C 185 -27.37 41.37 30.25
C VAL C 185 -27.31 40.56 28.95
N VAL C 186 -26.25 39.78 28.77
CA VAL C 186 -26.12 38.95 27.59
C VAL C 186 -26.20 37.48 28.01
N ASP C 187 -27.17 36.75 27.45
CA ASP C 187 -27.32 35.35 27.77
C ASP C 187 -26.78 34.51 26.61
N ALA C 188 -25.63 33.87 26.82
CA ALA C 188 -25.03 33.03 25.80
C ALA C 188 -25.24 31.57 26.20
N ALA C 189 -26.21 30.91 25.58
CA ALA C 189 -26.48 29.51 25.87
C ALA C 189 -25.82 28.65 24.82
N MET C 190 -24.95 27.73 25.23
CA MET C 190 -24.28 26.89 24.26
C MET C 190 -25.27 26.11 23.39
N VAL C 191 -26.35 25.59 23.98
CA VAL C 191 -27.30 24.84 23.18
C VAL C 191 -27.87 25.77 22.10
N ASP C 192 -27.87 27.07 22.39
CA ASP C 192 -28.35 28.09 21.47
C ASP C 192 -27.36 28.32 20.34
N GLY C 193 -26.08 28.49 20.70
CA GLY C 193 -25.04 28.73 19.70
C GLY C 193 -24.92 27.58 18.73
N VAL C 194 -24.81 26.37 19.29
CA VAL C 194 -24.68 25.21 18.46
C VAL C 194 -25.84 25.12 17.48
N SER C 195 -27.06 25.39 17.94
CA SER C 195 -28.22 25.33 17.03
C SER C 195 -28.09 26.33 15.89
N VAL C 196 -27.50 27.49 16.18
CA VAL C 196 -27.30 28.51 15.17
C VAL C 196 -26.14 28.08 14.27
N LEU C 197 -25.21 27.30 14.82
CA LEU C 197 -24.07 26.78 14.05
C LEU C 197 -24.61 25.76 13.07
N ALA C 198 -25.69 25.12 13.47
CA ALA C 198 -26.30 24.09 12.66
C ALA C 198 -27.37 24.60 11.69
N GLN C 199 -27.64 25.90 11.63
CA GLN C 199 -28.68 26.40 10.72
C GLN C 199 -28.68 25.69 9.38
N MET C 200 -27.52 25.69 8.73
CA MET C 200 -27.42 25.06 7.43
C MET C 200 -28.15 23.72 7.42
N MET C 201 -27.96 22.94 8.47
CA MET C 201 -28.61 21.65 8.58
C MET C 201 -30.12 21.81 8.64
N TRP C 202 -30.58 22.76 9.44
CA TRP C 202 -32.01 22.98 9.55
C TRP C 202 -32.58 23.34 8.19
N THR C 203 -31.85 24.16 7.43
CA THR C 203 -32.28 24.53 6.10
C THR C 203 -32.50 23.24 5.33
N MET C 204 -31.49 22.38 5.37
CA MET C 204 -31.52 21.10 4.68
C MET C 204 -32.70 20.27 5.13
N LYS C 205 -32.93 20.27 6.43
CA LYS C 205 -34.01 19.50 7.02
C LYS C 205 -35.36 19.88 6.42
N GLY C 206 -35.62 21.18 6.28
CA GLY C 206 -36.90 21.61 5.74
C GLY C 206 -37.03 21.36 4.25
N ILE C 207 -35.88 21.35 3.57
CA ILE C 207 -35.82 21.13 2.15
C ILE C 207 -35.93 19.67 1.78
N GLY C 208 -35.54 18.79 2.68
CA GLY C 208 -35.62 17.36 2.37
C GLY C 208 -34.31 16.77 1.86
N SER C 209 -33.21 17.43 2.20
CA SER C 209 -31.91 16.95 1.79
C SER C 209 -31.28 15.99 2.81
N LEU C 210 -31.89 15.87 3.99
CA LEU C 210 -31.35 14.97 4.99
C LEU C 210 -32.10 13.65 5.01
N ARG C 211 -31.41 12.60 5.42
CA ARG C 211 -32.04 11.32 5.52
C ARG C 211 -32.04 10.97 7.00
N ASP C 212 -32.42 9.75 7.33
CA ASP C 212 -32.51 9.37 8.72
C ASP C 212 -31.21 8.81 9.30
N GLN C 213 -30.50 8.00 8.49
CA GLN C 213 -29.26 7.38 8.93
C GLN C 213 -28.05 8.29 8.73
N ARG C 214 -26.94 7.94 9.35
CA ARG C 214 -25.75 8.75 9.22
C ARG C 214 -24.98 8.33 7.98
N GLU C 215 -23.93 9.07 7.67
CA GLU C 215 -23.12 8.80 6.49
C GLU C 215 -24.00 8.79 5.23
N SER C 216 -24.96 9.71 5.18
CA SER C 216 -25.88 9.79 4.04
C SER C 216 -25.93 11.15 3.35
N PHE C 217 -25.60 12.19 4.12
CA PHE C 217 -25.59 13.57 3.65
C PHE C 217 -24.28 13.80 2.91
N LEU C 218 -24.08 15.03 2.46
CA LEU C 218 -22.88 15.45 1.73
C LEU C 218 -21.68 15.72 2.64
N LEU C 219 -21.94 16.22 3.83
CA LEU C 219 -20.88 16.56 4.78
C LEU C 219 -20.69 15.66 5.99
N ASP C 220 -21.32 14.50 5.99
CA ASP C 220 -21.19 13.58 7.12
C ASP C 220 -20.55 12.25 6.71
N GLY C 221 -19.84 12.23 5.58
CA GLY C 221 -19.20 11.01 5.14
C GLY C 221 -20.01 10.19 4.16
N GLY C 222 -21.23 10.65 3.86
CA GLY C 222 -22.07 9.93 2.92
C GLY C 222 -21.62 10.14 1.47
N ALA C 223 -20.55 10.92 1.30
CA ALA C 223 -20.02 11.18 -0.03
C ALA C 223 -18.52 10.93 -0.06
N PRO C 224 -18.10 9.88 -0.78
CA PRO C 224 -16.68 9.54 -0.88
C PRO C 224 -15.75 10.70 -1.27
N PHE C 225 -16.28 11.74 -1.92
CA PHE C 225 -15.44 12.86 -2.33
C PHE C 225 -15.36 13.96 -1.28
N TYR C 226 -15.78 13.61 -0.06
CA TYR C 226 -15.75 14.51 1.08
C TYR C 226 -15.58 13.70 2.37
N ARG C 227 -14.37 13.19 2.59
CA ARG C 227 -14.03 12.39 3.77
C ARG C 227 -12.54 12.13 3.81
N CYS C 228 -12.12 11.24 4.71
CA CYS C 228 -10.71 10.92 4.83
C CYS C 228 -10.38 9.49 4.39
N TYR C 229 -9.19 9.34 3.82
CA TYR C 229 -8.70 8.04 3.38
C TYR C 229 -7.33 7.75 3.98
N GLU C 230 -7.13 6.51 4.43
CA GLU C 230 -5.87 6.11 5.02
C GLU C 230 -4.85 5.88 3.90
N THR C 231 -3.62 6.29 4.14
CA THR C 231 -2.56 6.14 3.16
C THR C 231 -1.76 4.86 3.43
N SER C 232 -0.72 4.62 2.64
CA SER C 232 0.10 3.41 2.82
C SER C 232 0.78 3.42 4.19
N ASP C 233 1.43 4.52 4.52
CA ASP C 233 2.12 4.66 5.80
C ASP C 233 1.21 4.96 6.99
N GLY C 234 0.06 4.29 7.04
CA GLY C 234 -0.87 4.47 8.15
C GLY C 234 -1.34 5.87 8.51
N LYS C 235 -1.08 6.83 7.62
CA LYS C 235 -1.48 8.22 7.82
C LYS C 235 -2.83 8.46 7.15
N TYR C 236 -3.25 9.72 7.09
CA TYR C 236 -4.53 10.08 6.53
C TYR C 236 -4.51 11.32 5.64
N MET C 237 -5.37 11.31 4.62
CA MET C 237 -5.49 12.43 3.70
C MET C 237 -6.94 12.90 3.77
N ALA C 238 -7.15 14.21 3.79
CA ALA C 238 -8.50 14.72 3.86
C ALA C 238 -8.97 15.18 2.50
N VAL C 239 -10.09 14.64 2.05
CA VAL C 239 -10.61 15.02 0.74
C VAL C 239 -11.90 15.84 0.86
N GLY C 240 -12.04 16.82 -0.01
CA GLY C 240 -13.23 17.63 0.03
C GLY C 240 -13.55 18.13 -1.34
N ALA C 241 -13.37 17.27 -2.33
CA ALA C 241 -13.60 17.63 -3.72
C ALA C 241 -15.11 17.65 -3.97
N ILE C 242 -15.76 18.74 -3.57
CA ILE C 242 -17.19 18.85 -3.76
C ILE C 242 -17.57 19.35 -5.14
N GLU C 243 -17.09 20.54 -5.49
CA GLU C 243 -17.38 21.12 -6.80
C GLU C 243 -16.90 20.17 -7.90
N PRO C 244 -17.67 20.06 -9.00
CA PRO C 244 -17.29 19.17 -10.10
C PRO C 244 -15.89 19.45 -10.66
N GLN C 245 -15.49 20.71 -10.63
CA GLN C 245 -14.16 21.09 -11.12
C GLN C 245 -13.08 20.46 -10.25
N PHE C 246 -13.24 20.59 -8.93
CA PHE C 246 -12.30 20.06 -7.98
C PHE C 246 -12.35 18.52 -8.00
N PHE C 247 -13.54 17.96 -8.24
CA PHE C 247 -13.67 16.51 -8.29
C PHE C 247 -12.80 16.03 -9.42
N ALA C 248 -12.66 16.89 -10.42
CA ALA C 248 -11.84 16.60 -11.58
C ALA C 248 -10.42 16.41 -11.08
N ALA C 249 -9.88 17.48 -10.49
CA ALA C 249 -8.53 17.46 -9.94
C ALA C 249 -8.31 16.21 -9.10
N LEU C 250 -9.27 15.91 -8.24
CA LEU C 250 -9.14 14.75 -7.38
C LEU C 250 -8.88 13.51 -8.23
N LEU C 251 -9.75 13.28 -9.20
CA LEU C 251 -9.62 12.12 -10.08
C LEU C 251 -8.33 12.13 -10.90
N SER C 252 -7.86 13.32 -11.24
CA SER C 252 -6.64 13.45 -12.03
C SER C 252 -5.41 13.04 -11.21
N GLY C 253 -5.02 13.87 -10.25
CA GLY C 253 -3.87 13.55 -9.43
C GLY C 253 -3.93 12.15 -8.84
N LEU C 254 -5.13 11.61 -8.69
CA LEU C 254 -5.30 10.27 -8.13
C LEU C 254 -4.98 9.22 -9.19
N GLY C 255 -4.74 9.70 -10.41
CA GLY C 255 -4.42 8.83 -11.52
C GLY C 255 -5.59 7.97 -11.96
N LEU C 256 -6.77 8.58 -12.06
CA LEU C 256 -7.98 7.87 -12.47
C LEU C 256 -8.69 8.60 -13.59
N SER C 257 -9.26 7.84 -14.52
CA SER C 257 -9.97 8.43 -15.65
C SER C 257 -11.42 8.59 -15.27
N ALA C 258 -12.00 9.70 -15.69
CA ALA C 258 -13.39 9.99 -15.39
C ALA C 258 -14.23 8.75 -15.67
N ALA C 259 -13.99 8.13 -16.82
CA ALA C 259 -14.72 6.93 -17.21
C ALA C 259 -14.51 5.74 -16.27
N ASP C 260 -13.42 5.77 -15.51
CA ASP C 260 -13.12 4.69 -14.56
C ASP C 260 -13.97 4.75 -13.30
N VAL C 261 -14.06 5.94 -12.71
CA VAL C 261 -14.83 6.13 -11.50
C VAL C 261 -16.24 6.65 -11.74
N PRO C 262 -17.21 6.19 -10.94
CA PRO C 262 -18.59 6.65 -11.11
C PRO C 262 -18.65 8.18 -11.06
N THR C 263 -19.79 8.73 -11.48
CA THR C 263 -20.00 10.17 -11.48
C THR C 263 -20.60 10.65 -10.16
N GLN C 264 -20.26 11.86 -9.78
CA GLN C 264 -20.76 12.43 -8.53
C GLN C 264 -22.25 12.24 -8.42
N LEU C 265 -22.93 12.40 -9.53
CA LEU C 265 -24.37 12.25 -9.57
C LEU C 265 -24.82 10.80 -9.30
N ASP C 266 -23.99 9.81 -9.63
CA ASP C 266 -24.33 8.39 -9.44
C ASP C 266 -24.24 7.91 -7.98
N VAL C 267 -24.97 8.59 -7.11
CA VAL C 267 -24.99 8.24 -5.70
C VAL C 267 -25.00 6.72 -5.47
N ALA C 268 -25.84 6.02 -6.21
CA ALA C 268 -26.00 4.57 -6.10
C ALA C 268 -24.66 3.87 -6.27
N GLY C 269 -23.74 4.55 -6.93
CA GLY C 269 -22.43 3.98 -7.14
C GLY C 269 -21.38 4.56 -6.18
N TYR C 270 -21.84 5.25 -5.13
CA TYR C 270 -20.89 5.82 -4.17
C TYR C 270 -20.10 4.75 -3.47
N PRO C 271 -20.77 3.67 -3.02
CA PRO C 271 -20.06 2.61 -2.34
C PRO C 271 -18.87 2.15 -3.16
N GLN C 272 -19.07 2.08 -4.47
CA GLN C 272 -18.02 1.66 -5.39
C GLN C 272 -16.92 2.72 -5.50
N MET C 273 -17.33 3.98 -5.65
CA MET C 273 -16.40 5.11 -5.76
C MET C 273 -15.45 5.15 -4.56
N TYR C 274 -16.01 4.85 -3.40
CA TYR C 274 -15.28 4.81 -2.14
C TYR C 274 -14.15 3.80 -2.23
N ASP C 275 -14.48 2.61 -2.71
CA ASP C 275 -13.48 1.57 -2.83
C ASP C 275 -12.38 2.05 -3.76
N ILE C 276 -12.75 2.59 -4.90
CA ILE C 276 -11.75 3.08 -5.84
C ILE C 276 -10.89 4.17 -5.20
N PHE C 277 -11.50 5.01 -4.37
CA PHE C 277 -10.74 6.07 -3.73
C PHE C 277 -9.83 5.51 -2.63
N ALA C 278 -10.37 4.60 -1.83
CA ALA C 278 -9.61 3.99 -0.73
C ALA C 278 -8.42 3.21 -1.28
N GLU C 279 -8.67 2.50 -2.38
CA GLU C 279 -7.66 1.70 -3.05
C GLU C 279 -6.44 2.56 -3.41
N ARG C 280 -6.64 3.50 -4.32
CA ARG C 280 -5.57 4.37 -4.78
C ARG C 280 -4.89 5.14 -3.63
N PHE C 281 -5.68 5.79 -2.77
CA PHE C 281 -5.12 6.55 -1.66
C PHE C 281 -4.22 5.73 -0.73
N ALA C 282 -4.54 4.45 -0.56
CA ALA C 282 -3.75 3.58 0.32
C ALA C 282 -2.53 2.95 -0.36
N SER C 283 -2.27 3.32 -1.61
CA SER C 283 -1.13 2.78 -2.34
C SER C 283 0.08 3.72 -2.32
N ARG C 284 0.00 4.76 -1.49
CA ARG C 284 1.11 5.69 -1.39
C ARG C 284 1.14 6.32 0.01
N THR C 285 2.23 7.00 0.33
CA THR C 285 2.38 7.63 1.64
C THR C 285 1.81 9.05 1.62
N ARG C 286 1.36 9.52 2.78
CA ARG C 286 0.80 10.86 2.90
C ARG C 286 1.71 11.89 2.24
N ASP C 287 3.01 11.72 2.44
CA ASP C 287 4.00 12.63 1.89
C ASP C 287 3.84 12.71 0.38
N GLU C 288 3.98 11.56 -0.28
CA GLU C 288 3.87 11.50 -1.74
C GLU C 288 2.58 12.16 -2.22
N TRP C 289 1.46 11.72 -1.64
CA TRP C 289 0.14 12.25 -1.97
C TRP C 289 0.12 13.76 -1.82
N THR C 290 0.64 14.25 -0.70
CA THR C 290 0.69 15.68 -0.44
C THR C 290 1.37 16.37 -1.61
N ARG C 291 2.44 15.76 -2.12
CA ARG C 291 3.20 16.31 -3.25
C ARG C 291 2.32 16.36 -4.50
N VAL C 292 1.69 15.24 -4.80
CA VAL C 292 0.83 15.14 -5.97
C VAL C 292 -0.18 16.27 -6.00
N PHE C 293 -1.16 16.20 -5.11
CA PHE C 293 -2.22 17.20 -5.04
C PHE C 293 -1.77 18.57 -4.57
N ALA C 294 -0.48 18.71 -4.30
CA ALA C 294 0.04 19.99 -3.83
C ALA C 294 -0.26 21.14 -4.79
N GLY C 295 -0.71 22.26 -4.23
CA GLY C 295 -0.99 23.43 -5.05
C GLY C 295 -2.20 23.39 -5.97
N THR C 296 -2.71 22.20 -6.26
CA THR C 296 -3.88 22.04 -7.15
C THR C 296 -5.20 22.25 -6.42
N ASP C 297 -6.24 22.66 -7.15
CA ASP C 297 -7.53 22.88 -6.51
C ASP C 297 -8.29 21.59 -6.24
N ALA C 298 -7.55 20.50 -6.14
CA ALA C 298 -8.14 19.21 -5.86
C ALA C 298 -8.76 19.13 -4.46
N CYS C 299 -8.48 20.09 -3.60
CA CYS C 299 -9.04 20.05 -2.25
C CYS C 299 -8.62 18.76 -1.55
N VAL C 300 -7.36 18.37 -1.72
CA VAL C 300 -6.84 17.16 -1.06
C VAL C 300 -5.65 17.59 -0.23
N THR C 301 -5.80 17.48 1.08
CA THR C 301 -4.73 17.88 1.97
C THR C 301 -4.38 16.80 2.98
N PRO C 302 -3.18 16.91 3.57
CA PRO C 302 -2.74 15.93 4.57
C PRO C 302 -3.29 16.28 5.96
N VAL C 303 -3.77 15.28 6.66
CA VAL C 303 -4.29 15.45 8.00
C VAL C 303 -3.04 15.51 8.89
N LEU C 304 -2.75 16.68 9.45
CA LEU C 304 -1.57 16.85 10.30
C LEU C 304 -1.89 16.75 11.79
N ALA C 305 -0.97 16.23 12.57
CA ALA C 305 -1.20 16.12 14.00
C ALA C 305 -0.75 17.43 14.63
N TRP C 306 -1.13 17.66 15.89
CA TRP C 306 -0.77 18.87 16.58
C TRP C 306 0.70 19.21 16.34
N SER C 307 1.58 18.27 16.68
CA SER C 307 3.01 18.47 16.49
C SER C 307 3.32 18.92 15.06
N GLU C 308 2.79 18.17 14.09
CA GLU C 308 2.97 18.43 12.67
C GLU C 308 2.43 19.79 12.19
N ALA C 309 1.28 20.18 12.75
CA ALA C 309 0.64 21.44 12.37
C ALA C 309 1.46 22.67 12.75
N ALA C 310 2.06 22.62 13.94
CA ALA C 310 2.87 23.72 14.45
C ALA C 310 4.06 24.03 13.56
N ASN C 311 4.47 23.04 12.77
CA ASN C 311 5.61 23.24 11.89
C ASN C 311 5.17 23.28 10.43
N ASN C 312 3.86 23.37 10.21
CA ASN C 312 3.30 23.43 8.85
C ASN C 312 3.73 24.73 8.14
N ASP C 313 4.14 24.61 6.88
CA ASP C 313 4.58 25.78 6.12
C ASP C 313 3.58 26.92 6.13
N HIS C 314 2.35 26.65 5.71
CA HIS C 314 1.35 27.70 5.66
C HIS C 314 1.13 28.31 7.02
N LEU C 315 0.68 27.49 7.97
CA LEU C 315 0.43 28.00 9.32
C LEU C 315 1.62 28.79 9.89
N LYS C 316 2.82 28.50 9.40
CA LYS C 316 3.99 29.23 9.89
C LYS C 316 4.10 30.60 9.24
N ALA C 317 3.94 30.63 7.93
CA ALA C 317 4.01 31.88 7.18
C ALA C 317 3.02 32.90 7.75
N ARG C 318 1.75 32.54 7.80
CA ARG C 318 0.73 33.44 8.33
C ARG C 318 0.86 33.55 9.84
N SER C 319 1.79 32.79 10.40
CA SER C 319 2.03 32.75 11.83
C SER C 319 0.75 32.56 12.65
N THR C 320 0.06 31.45 12.36
CA THR C 320 -1.16 31.09 13.04
C THR C 320 -0.80 30.41 14.36
N VAL C 321 0.05 29.39 14.26
CA VAL C 321 0.51 28.70 15.45
C VAL C 321 1.93 29.17 15.69
N ILE C 322 2.11 30.06 16.66
CA ILE C 322 3.44 30.58 16.95
C ILE C 322 3.97 30.08 18.28
N THR C 323 5.28 30.17 18.46
CA THR C 323 5.93 29.78 19.71
C THR C 323 6.22 31.05 20.52
N ALA C 324 5.32 31.40 21.44
CA ALA C 324 5.49 32.59 22.27
C ALA C 324 6.22 32.19 23.54
N HIS C 325 7.09 33.08 24.01
CA HIS C 325 7.88 32.89 25.22
C HIS C 325 7.41 31.71 26.03
N GLY C 326 7.97 30.55 25.70
CA GLY C 326 7.59 29.34 26.39
C GLY C 326 7.19 28.26 25.39
N VAL C 327 5.89 27.99 25.27
CA VAL C 327 5.46 26.94 24.35
C VAL C 327 4.57 27.33 23.19
N GLN C 328 4.35 26.35 22.31
CA GLN C 328 3.51 26.48 21.11
C GLN C 328 2.08 26.88 21.48
N GLN C 329 1.47 27.74 20.67
CA GLN C 329 0.10 28.18 20.93
C GLN C 329 -0.54 28.78 19.68
N ALA C 330 -1.75 29.33 19.82
CA ALA C 330 -2.43 29.92 18.67
C ALA C 330 -2.40 31.45 18.72
N ALA C 331 -1.99 32.07 17.62
CA ALA C 331 -1.93 33.53 17.54
C ALA C 331 -3.32 34.08 17.58
N PRO C 332 -3.47 35.33 18.04
CA PRO C 332 -4.78 35.99 18.15
C PRO C 332 -5.54 36.01 16.82
N ALA C 333 -6.87 36.14 16.91
CA ALA C 333 -7.70 36.19 15.74
C ALA C 333 -9.07 36.80 16.03
N PRO C 334 -9.70 37.41 15.02
CA PRO C 334 -9.19 37.53 13.66
C PRO C 334 -8.11 38.62 13.59
N ARG C 335 -7.63 38.92 12.37
CA ARG C 335 -6.59 39.92 12.18
C ARG C 335 -7.11 41.25 11.65
N PHE C 336 -6.66 42.34 12.27
CA PHE C 336 -7.06 43.69 11.92
C PHE C 336 -5.89 44.42 11.24
N SER C 337 -6.21 45.24 10.24
CA SER C 337 -5.22 45.96 9.45
C SER C 337 -4.65 47.24 10.06
N ARG C 338 -5.48 48.01 10.76
CA ARG C 338 -5.01 49.25 11.37
C ARG C 338 -4.76 49.13 12.87
N THR C 339 -5.57 48.32 13.55
CA THR C 339 -5.41 48.12 14.99
C THR C 339 -5.23 46.64 15.34
N PRO C 340 -4.20 46.00 14.79
CA PRO C 340 -3.91 44.58 15.04
C PRO C 340 -3.71 44.25 16.52
N ALA C 341 -3.60 42.97 16.82
CA ALA C 341 -3.39 42.52 18.19
C ALA C 341 -1.90 42.60 18.51
N GLY C 342 -1.58 43.16 19.68
CA GLY C 342 -0.19 43.28 20.08
C GLY C 342 0.39 41.89 20.26
N PRO C 343 1.72 41.76 20.43
CA PRO C 343 2.31 40.43 20.61
C PRO C 343 1.72 39.72 21.82
N VAL C 344 1.68 38.39 21.80
CA VAL C 344 1.09 37.66 22.91
C VAL C 344 1.91 37.69 24.19
N ARG C 345 1.26 38.07 25.28
CA ARG C 345 1.90 38.10 26.57
C ARG C 345 1.67 36.71 27.17
N PRO C 346 2.39 36.40 28.24
CA PRO C 346 2.25 35.09 28.89
C PRO C 346 1.15 35.10 29.95
N PRO C 347 0.79 33.92 30.46
CA PRO C 347 -0.25 33.84 31.49
C PRO C 347 0.31 34.49 32.76
N PRO C 348 -0.57 34.88 33.70
CA PRO C 348 -0.20 35.51 34.96
C PRO C 348 0.83 34.68 35.72
N ALA C 349 2.05 35.18 35.82
CA ALA C 349 3.10 34.48 36.55
C ALA C 349 2.73 34.40 38.02
N ALA C 350 2.03 35.42 38.51
CA ALA C 350 1.60 35.45 39.90
C ALA C 350 0.44 36.41 40.05
N ALA C 351 -0.45 36.12 40.99
CA ALA C 351 -1.61 36.98 41.21
C ALA C 351 -1.18 38.40 41.53
N THR C 352 -1.90 39.37 40.98
CA THR C 352 -1.62 40.78 41.23
C THR C 352 -2.55 41.17 42.38
N PRO C 353 -2.05 41.97 43.33
CA PRO C 353 -2.78 42.44 44.52
C PRO C 353 -4.29 42.62 44.34
N ILE C 354 -4.70 43.87 44.16
CA ILE C 354 -6.10 44.19 43.96
C ILE C 354 -6.25 45.69 43.97
N ASP C 355 -5.44 46.35 44.79
CA ASP C 355 -5.49 47.81 44.85
C ASP C 355 -4.53 48.34 43.81
N GLU C 356 -3.86 47.42 43.12
CA GLU C 356 -2.93 47.80 42.09
C GLU C 356 -3.61 47.68 40.71
N ILE C 357 -4.94 47.71 40.73
CA ILE C 357 -5.76 47.60 39.52
C ILE C 357 -5.40 48.63 38.44
N ASN C 358 -6.28 49.62 38.27
CA ASN C 358 -6.12 50.67 37.26
C ASN C 358 -7.47 51.38 37.11
N TRP C 359 -8.53 50.66 37.49
CA TRP C 359 -9.87 51.20 37.38
C TRP C 359 -10.29 51.88 38.68
N GLY D 4 -35.22 47.22 17.56
CA GLY D 4 -34.93 46.17 16.53
C GLY D 4 -33.50 45.65 16.46
N GLY D 5 -33.08 44.88 17.48
CA GLY D 5 -31.74 44.32 17.52
C GLY D 5 -30.64 45.29 17.89
N PRO D 6 -29.59 44.85 18.62
CA PRO D 6 -28.49 45.72 19.03
C PRO D 6 -27.66 46.23 17.86
N LEU D 7 -27.67 45.51 16.75
CA LEU D 7 -26.91 45.94 15.57
C LEU D 7 -27.76 46.71 14.56
N ALA D 8 -28.93 47.15 15.00
CA ALA D 8 -29.85 47.91 14.12
C ALA D 8 -29.18 49.17 13.57
N GLY D 9 -29.35 49.41 12.27
CA GLY D 9 -28.74 50.58 11.66
C GLY D 9 -27.47 50.26 10.91
N VAL D 10 -26.92 49.07 11.14
CA VAL D 10 -25.69 48.69 10.45
C VAL D 10 -25.96 48.27 9.02
N LYS D 11 -25.29 48.94 8.09
CA LYS D 11 -25.43 48.64 6.67
C LYS D 11 -24.44 47.54 6.34
N VAL D 12 -24.93 46.39 5.85
CA VAL D 12 -24.06 45.28 5.50
C VAL D 12 -24.23 44.82 4.04
N ILE D 13 -23.11 44.54 3.39
CA ILE D 13 -23.12 44.08 2.00
C ILE D 13 -22.50 42.68 1.92
N GLU D 14 -23.33 41.69 1.63
CA GLU D 14 -22.86 40.32 1.53
C GLU D 14 -22.55 40.02 0.06
N LEU D 15 -21.38 39.45 -0.22
CA LEU D 15 -20.99 39.14 -1.59
C LEU D 15 -21.01 37.65 -1.98
N GLY D 16 -19.96 36.92 -1.60
CA GLY D 16 -19.89 35.49 -1.89
C GLY D 16 -21.06 34.77 -1.25
N GLY D 17 -21.54 33.69 -1.87
CA GLY D 17 -22.69 33.00 -1.31
C GLY D 17 -22.55 31.54 -0.92
N ILE D 18 -21.64 31.27 0.00
CA ILE D 18 -21.42 29.91 0.44
C ILE D 18 -20.84 29.77 1.83
N GLY D 19 -21.51 28.94 2.61
CA GLY D 19 -21.08 28.65 3.96
C GLY D 19 -20.91 29.83 4.90
N PRO D 20 -19.69 30.00 5.45
CA PRO D 20 -19.40 31.10 6.38
C PRO D 20 -19.94 32.48 5.99
N GLY D 21 -19.63 32.94 4.78
CA GLY D 21 -20.09 34.26 4.37
C GLY D 21 -21.56 34.50 4.66
N PRO D 22 -22.45 33.77 4.00
CA PRO D 22 -23.88 33.95 4.23
C PRO D 22 -24.31 33.61 5.65
N HIS D 23 -23.69 32.63 6.30
CA HIS D 23 -24.13 32.31 7.65
C HIS D 23 -23.88 33.46 8.62
N ALA D 24 -22.79 34.21 8.37
CA ALA D 24 -22.46 35.36 9.19
C ALA D 24 -23.51 36.43 8.89
N GLY D 25 -23.78 36.58 7.60
CA GLY D 25 -24.77 37.55 7.15
C GLY D 25 -26.06 37.37 7.93
N MET D 26 -26.51 36.12 8.03
CA MET D 26 -27.73 35.79 8.74
C MET D 26 -27.75 36.31 10.16
N VAL D 27 -26.70 36.01 10.92
CA VAL D 27 -26.58 36.44 12.32
C VAL D 27 -26.66 37.96 12.38
N LEU D 28 -25.96 38.63 11.48
CA LEU D 28 -25.99 40.08 11.44
C LEU D 28 -27.46 40.52 11.31
N ALA D 29 -28.21 39.94 10.39
CA ALA D 29 -29.61 40.32 10.22
C ALA D 29 -30.42 39.95 11.45
N ASP D 30 -30.15 38.78 12.00
CA ASP D 30 -30.86 38.31 13.20
C ASP D 30 -30.73 39.29 14.34
N LEU D 31 -29.62 40.03 14.34
CA LEU D 31 -29.34 41.00 15.40
C LEU D 31 -29.73 42.44 15.06
N GLY D 32 -30.52 42.62 14.00
CA GLY D 32 -30.97 43.95 13.63
C GLY D 32 -30.31 44.67 12.46
N ALA D 33 -29.15 44.19 12.03
CA ALA D 33 -28.44 44.82 10.93
C ALA D 33 -29.21 44.78 9.64
N ASP D 34 -28.93 45.75 8.78
CA ASP D 34 -29.56 45.85 7.47
C ASP D 34 -28.59 45.17 6.53
N VAL D 35 -28.84 43.88 6.29
CA VAL D 35 -27.98 43.10 5.43
C VAL D 35 -28.56 43.01 4.03
N VAL D 36 -27.70 43.21 3.03
CA VAL D 36 -28.10 43.16 1.63
C VAL D 36 -27.12 42.35 0.79
N ARG D 37 -27.61 41.25 0.24
CA ARG D 37 -26.82 40.37 -0.60
C ARG D 37 -26.67 40.94 -2.01
N VAL D 38 -25.49 40.78 -2.57
CA VAL D 38 -25.23 41.28 -3.92
C VAL D 38 -24.69 40.15 -4.76
N ARG D 39 -25.45 39.73 -5.76
CA ARG D 39 -25.06 38.63 -6.63
C ARG D 39 -25.66 38.66 -8.02
N ARG D 40 -24.95 38.06 -8.96
CA ARG D 40 -25.42 37.99 -10.34
C ARG D 40 -26.77 37.29 -10.34
N PRO D 41 -27.61 37.59 -11.33
CA PRO D 41 -28.96 37.02 -11.50
C PRO D 41 -29.00 35.54 -11.87
N GLY D 42 -28.08 35.11 -12.72
CA GLY D 42 -28.06 33.72 -13.14
C GLY D 42 -27.61 32.76 -12.05
N GLY D 43 -27.62 33.25 -10.81
CA GLY D 43 -27.22 32.43 -9.68
C GLY D 43 -27.71 31.00 -9.76
N LEU D 44 -26.81 30.05 -9.49
CA LEU D 44 -27.16 28.63 -9.54
C LEU D 44 -27.18 28.11 -8.10
N THR D 45 -27.53 28.97 -7.16
CA THR D 45 -27.57 28.60 -5.76
C THR D 45 -28.53 27.47 -5.45
N MET D 46 -28.17 26.69 -4.43
CA MET D 46 -28.97 25.55 -3.98
C MET D 46 -29.00 25.59 -2.46
N PRO D 47 -30.20 25.69 -1.86
CA PRO D 47 -31.50 25.79 -2.52
C PRO D 47 -31.81 27.22 -2.93
N SER D 48 -33.02 27.41 -3.42
CA SER D 48 -33.46 28.72 -3.83
C SER D 48 -33.30 29.66 -2.63
N GLU D 49 -32.69 30.80 -2.86
CA GLU D 49 -32.49 31.77 -1.79
C GLU D 49 -33.74 31.97 -0.95
N ASP D 50 -34.89 32.03 -1.58
CA ASP D 50 -36.12 32.23 -0.84
C ASP D 50 -36.45 31.06 0.07
N ARG D 51 -35.57 30.05 0.07
CA ARG D 51 -35.80 28.88 0.92
C ARG D 51 -34.57 28.56 1.78
N ASP D 52 -33.64 29.52 1.84
CA ASP D 52 -32.39 29.39 2.60
C ASP D 52 -32.34 30.17 3.93
N LEU D 53 -32.56 29.46 5.03
CA LEU D 53 -32.54 30.05 6.36
C LEU D 53 -31.34 30.96 6.63
N LEU D 54 -30.28 30.85 5.84
CA LEU D 54 -29.11 31.69 6.05
C LEU D 54 -29.32 33.05 5.39
N HIS D 55 -30.48 33.23 4.79
CA HIS D 55 -30.72 34.49 4.15
C HIS D 55 -31.90 35.24 4.75
N ARG D 56 -32.53 34.64 5.74
CA ARG D 56 -33.68 35.26 6.39
C ARG D 56 -33.35 36.68 6.90
N GLY D 57 -34.28 37.62 6.69
CA GLY D 57 -34.10 38.99 7.16
C GLY D 57 -33.20 39.84 6.28
N LYS D 58 -32.64 39.23 5.24
CA LYS D 58 -31.76 39.93 4.31
C LYS D 58 -32.53 40.30 3.05
N ARG D 59 -31.86 41.04 2.17
CA ARG D 59 -32.44 41.45 0.89
C ARG D 59 -31.47 41.15 -0.23
N ILE D 60 -31.96 40.42 -1.22
CA ILE D 60 -31.17 40.06 -2.37
C ILE D 60 -31.21 41.19 -3.39
N VAL D 61 -30.13 41.33 -4.16
CA VAL D 61 -30.06 42.38 -5.17
C VAL D 61 -29.24 41.92 -6.35
N ASP D 62 -29.87 41.91 -7.52
CA ASP D 62 -29.18 41.50 -8.73
C ASP D 62 -28.13 42.58 -9.05
N LEU D 63 -26.90 42.15 -9.34
CA LEU D 63 -25.84 43.10 -9.66
C LEU D 63 -24.53 42.43 -10.05
N ASP D 64 -24.40 42.07 -11.32
CA ASP D 64 -23.18 41.46 -11.81
C ASP D 64 -22.03 42.46 -11.62
N VAL D 65 -20.87 41.97 -11.20
CA VAL D 65 -19.71 42.83 -10.99
C VAL D 65 -18.58 42.48 -11.94
N PRO D 69 -19.32 45.75 -14.29
CA PRO D 69 -20.24 46.70 -13.68
C PRO D 69 -19.81 47.06 -12.26
N GLN D 70 -18.85 47.98 -12.13
CA GLN D 70 -18.33 48.38 -10.81
C GLN D 70 -19.21 49.41 -10.09
N ALA D 71 -20.40 49.64 -10.61
CA ALA D 71 -21.29 50.60 -9.98
C ALA D 71 -21.63 50.29 -8.53
N MET D 72 -21.01 49.26 -7.96
CA MET D 72 -21.28 48.88 -6.57
C MET D 72 -20.45 49.69 -5.57
N LEU D 73 -19.34 50.26 -6.04
CA LEU D 73 -18.48 51.07 -5.19
C LEU D 73 -19.34 52.20 -4.64
N GLU D 74 -20.34 52.57 -5.43
CA GLU D 74 -21.28 53.63 -5.09
C GLU D 74 -22.20 53.17 -3.98
N LEU D 75 -22.29 51.85 -3.81
CA LEU D 75 -23.15 51.27 -2.78
C LEU D 75 -22.39 51.17 -1.47
N ALA D 76 -21.17 50.65 -1.54
CA ALA D 76 -20.34 50.51 -0.36
C ALA D 76 -20.24 51.81 0.40
N ALA D 77 -19.94 52.88 -0.33
CA ALA D 77 -19.79 54.20 0.26
C ALA D 77 -20.92 54.60 1.20
N LYS D 78 -22.07 53.96 1.04
CA LYS D 78 -23.22 54.29 1.89
C LYS D 78 -23.38 53.26 2.99
N ALA D 79 -22.69 52.13 2.83
CA ALA D 79 -22.76 51.05 3.80
C ALA D 79 -21.66 51.06 4.85
N ASP D 80 -21.91 50.37 5.97
CA ASP D 80 -20.97 50.28 7.07
C ASP D 80 -20.03 49.10 6.92
N VAL D 81 -20.56 47.98 6.46
CA VAL D 81 -19.77 46.78 6.30
C VAL D 81 -19.90 46.13 4.93
N LEU D 82 -18.81 45.52 4.48
CA LEU D 82 -18.76 44.81 3.21
C LEU D 82 -18.23 43.42 3.54
N LEU D 83 -19.07 42.40 3.44
CA LEU D 83 -18.64 41.06 3.77
C LEU D 83 -18.10 40.29 2.57
N ASP D 84 -16.82 40.45 2.27
CA ASP D 84 -16.21 39.73 1.14
C ASP D 84 -16.12 38.23 1.44
N CYS D 85 -16.66 37.41 0.54
CA CYS D 85 -16.64 35.96 0.71
C CYS D 85 -16.03 35.25 -0.48
N PHE D 86 -15.37 35.99 -1.37
CA PHE D 86 -14.74 35.39 -2.55
C PHE D 86 -13.30 35.04 -2.23
N ARG D 87 -12.65 34.31 -3.13
CA ARG D 87 -11.24 33.95 -2.94
C ARG D 87 -10.44 35.25 -2.76
N PRO D 88 -9.23 35.16 -2.18
CA PRO D 88 -8.43 36.37 -2.00
C PRO D 88 -8.06 36.91 -3.38
N GLY D 89 -8.10 38.22 -3.53
CA GLY D 89 -7.74 38.83 -4.80
C GLY D 89 -8.94 39.11 -5.71
N THR D 90 -9.73 38.08 -5.99
CA THR D 90 -10.90 38.21 -6.86
C THR D 90 -11.74 39.44 -6.54
N CYS D 91 -11.91 39.74 -5.26
CA CYS D 91 -12.70 40.89 -4.87
C CYS D 91 -12.03 42.16 -5.38
N GLU D 92 -10.70 42.23 -5.28
CA GLU D 92 -9.96 43.40 -5.74
C GLU D 92 -9.58 43.31 -7.22
N ARG D 93 -9.92 42.18 -7.84
CA ARG D 93 -9.61 41.99 -9.26
C ARG D 93 -10.69 42.76 -10.03
N LEU D 94 -11.80 43.01 -9.33
CA LEU D 94 -12.92 43.75 -9.88
C LEU D 94 -12.78 45.15 -9.31
N GLY D 95 -13.74 46.01 -9.63
CA GLY D 95 -13.70 47.37 -9.14
C GLY D 95 -13.51 47.44 -7.64
N ILE D 96 -14.31 46.68 -6.91
CA ILE D 96 -14.24 46.66 -5.46
C ILE D 96 -12.89 46.17 -4.95
N GLY D 97 -12.60 46.51 -3.70
CA GLY D 97 -11.34 46.12 -3.07
C GLY D 97 -11.10 47.02 -1.86
N PRO D 98 -10.28 46.57 -0.89
CA PRO D 98 -9.99 47.35 0.33
C PRO D 98 -9.55 48.77 0.02
N ASP D 99 -8.69 48.91 -0.99
CA ASP D 99 -8.18 50.21 -1.39
C ASP D 99 -9.30 51.10 -1.93
N ASP D 100 -9.86 50.71 -3.07
CA ASP D 100 -10.93 51.44 -3.73
C ASP D 100 -12.07 51.84 -2.77
N CYS D 101 -12.53 50.90 -1.96
CA CYS D 101 -13.59 51.19 -1.00
C CYS D 101 -13.14 52.23 0.00
N ALA D 102 -11.87 52.16 0.38
CA ALA D 102 -11.31 53.10 1.34
C ALA D 102 -11.55 54.53 0.89
N SER D 103 -11.27 54.77 -0.39
CA SER D 103 -11.44 56.07 -1.03
C SER D 103 -12.87 56.59 -0.95
N VAL D 104 -13.82 55.75 -1.37
CA VAL D 104 -15.22 56.11 -1.36
C VAL D 104 -15.82 56.18 0.04
N ASN D 105 -15.26 55.41 0.98
CA ASN D 105 -15.75 55.40 2.36
C ASN D 105 -14.72 54.84 3.35
N PRO D 106 -14.08 55.73 4.13
CA PRO D 106 -13.08 55.32 5.12
C PRO D 106 -13.72 54.77 6.40
N ARG D 107 -15.05 54.85 6.46
CA ARG D 107 -15.80 54.37 7.63
C ARG D 107 -16.14 52.90 7.45
N LEU D 108 -15.84 52.37 6.26
CA LEU D 108 -16.15 50.99 5.88
C LEU D 108 -15.35 49.90 6.59
N ILE D 109 -16.05 48.82 6.92
CA ILE D 109 -15.45 47.66 7.57
C ILE D 109 -15.39 46.57 6.50
N PHE D 110 -14.20 46.35 5.96
CA PHE D 110 -13.98 45.35 4.92
C PHE D 110 -13.63 43.99 5.53
N ALA D 111 -14.66 43.21 5.82
CA ALA D 111 -14.50 41.88 6.41
C ALA D 111 -14.23 40.85 5.32
N ARG D 112 -13.41 39.84 5.62
CA ARG D 112 -13.09 38.83 4.62
C ARG D 112 -12.94 37.43 5.25
N ILE D 113 -13.90 36.54 5.00
CA ILE D 113 -13.85 35.19 5.55
C ILE D 113 -13.21 34.24 4.56
N THR D 114 -12.14 33.57 4.99
CA THR D 114 -11.44 32.64 4.12
C THR D 114 -10.99 31.41 4.88
N GLY D 115 -10.85 30.30 4.17
CA GLY D 115 -10.37 29.09 4.80
C GLY D 115 -8.89 29.19 5.08
N TRP D 116 -8.14 29.69 4.09
CA TRP D 116 -6.69 29.85 4.21
C TRP D 116 -6.23 31.28 4.54
N GLY D 117 -7.15 32.25 4.53
CA GLY D 117 -6.80 33.63 4.84
C GLY D 117 -6.29 34.36 3.61
N GLN D 118 -5.86 35.60 3.76
CA GLN D 118 -5.37 36.36 2.61
C GLN D 118 -3.94 36.02 2.16
N ASP D 119 -2.98 36.15 3.08
CA ASP D 119 -1.57 35.85 2.80
C ASP D 119 -1.30 34.36 2.92
N GLY D 120 -0.13 33.92 2.46
CA GLY D 120 0.21 32.52 2.57
C GLY D 120 0.20 31.78 1.27
N PRO D 121 0.95 30.66 1.19
CA PRO D 121 1.01 29.87 -0.04
C PRO D 121 -0.33 29.25 -0.37
N LEU D 122 -0.95 28.63 0.61
CA LEU D 122 -2.25 28.01 0.40
C LEU D 122 -3.37 29.00 0.05
N ALA D 123 -3.18 30.28 0.33
CA ALA D 123 -4.18 31.33 0.09
C ALA D 123 -4.95 31.24 -1.22
N SER D 124 -4.24 30.92 -2.28
CA SER D 124 -4.88 30.82 -3.57
C SER D 124 -5.60 29.48 -3.71
N THR D 125 -5.10 28.47 -3.01
CA THR D 125 -5.70 27.15 -3.07
C THR D 125 -7.16 27.09 -2.61
N ALA D 126 -7.93 26.21 -3.25
CA ALA D 126 -9.34 26.02 -2.95
C ALA D 126 -9.49 24.95 -1.89
N GLY D 127 -10.54 25.07 -1.08
CA GLY D 127 -10.74 24.07 -0.05
C GLY D 127 -12.02 24.23 0.73
N HIS D 128 -12.38 23.21 1.51
CA HIS D 128 -13.57 23.23 2.34
C HIS D 128 -13.27 22.93 3.80
N ASP D 129 -14.31 23.00 4.62
CA ASP D 129 -14.19 22.76 6.05
C ASP D 129 -13.28 21.57 6.34
N ILE D 130 -13.62 20.40 5.83
CA ILE D 130 -12.78 19.25 6.11
C ILE D 130 -11.31 19.54 5.80
N ASN D 131 -11.03 20.31 4.77
CA ASN D 131 -9.64 20.60 4.44
C ASN D 131 -8.95 21.50 5.45
N TYR D 132 -9.57 22.64 5.76
CA TYR D 132 -8.98 23.59 6.70
C TYR D 132 -8.67 22.92 8.04
N LEU D 133 -9.52 21.98 8.44
CA LEU D 133 -9.31 21.28 9.70
C LEU D 133 -8.09 20.35 9.62
N SER D 134 -7.75 19.91 8.41
CA SER D 134 -6.62 19.00 8.22
C SER D 134 -5.26 19.65 8.52
N GLN D 135 -5.17 20.96 8.37
CA GLN D 135 -3.92 21.67 8.59
C GLN D 135 -3.69 22.10 10.03
N THR D 136 -4.77 22.38 10.75
CA THR D 136 -4.67 22.82 12.14
C THR D 136 -4.35 21.70 13.12
N GLY D 137 -4.61 20.47 12.73
CA GLY D 137 -4.30 19.38 13.63
C GLY D 137 -5.49 18.97 14.48
N ALA D 138 -6.61 19.67 14.31
CA ALA D 138 -7.85 19.39 15.03
C ALA D 138 -8.54 18.16 14.43
N LEU D 139 -8.42 17.99 13.13
CA LEU D 139 -9.05 16.85 12.49
C LEU D 139 -8.35 15.54 12.87
N ALA D 140 -7.02 15.58 12.98
CA ALA D 140 -6.25 14.38 13.32
C ALA D 140 -6.53 13.91 14.75
N ALA D 141 -7.29 14.71 15.48
CA ALA D 141 -7.64 14.37 16.86
C ALA D 141 -9.07 13.90 16.97
N PHE D 142 -9.73 13.70 15.83
CA PHE D 142 -11.13 13.27 15.82
C PHE D 142 -11.34 11.82 15.45
N GLY D 143 -12.40 11.24 16.02
CA GLY D 143 -12.80 9.87 15.71
C GLY D 143 -12.14 8.69 16.40
N TYR D 144 -12.57 7.49 16.04
CA TYR D 144 -12.02 6.27 16.61
C TYR D 144 -10.63 6.02 16.06
N ALA D 145 -9.81 5.35 16.85
CA ALA D 145 -8.43 5.05 16.46
C ALA D 145 -8.21 4.31 15.13
N ASP D 146 -9.01 3.27 14.87
CA ASP D 146 -8.88 2.46 13.64
C ASP D 146 -9.38 3.15 12.38
N ARG D 147 -10.65 3.53 12.38
CA ARG D 147 -11.25 4.21 11.22
C ARG D 147 -10.62 5.59 11.03
N PRO D 148 -10.57 6.09 9.79
CA PRO D 148 -9.98 7.41 9.53
C PRO D 148 -10.82 8.50 10.19
N PRO D 149 -10.25 9.70 10.32
CA PRO D 149 -10.96 10.82 10.93
C PRO D 149 -12.21 11.20 10.15
N MET D 150 -13.27 11.54 10.87
CA MET D 150 -14.53 11.93 10.27
C MET D 150 -14.89 13.32 10.78
N PRO D 151 -15.05 14.27 9.86
CA PRO D 151 -15.38 15.66 10.13
C PRO D 151 -16.76 15.85 10.74
N PRO D 152 -16.89 16.73 11.73
CA PRO D 152 -18.16 17.02 12.40
C PRO D 152 -18.99 17.91 11.47
N LEU D 153 -19.44 17.34 10.35
CA LEU D 153 -20.17 18.13 9.36
C LEU D 153 -19.22 19.27 9.01
N ASN D 154 -19.72 20.50 9.00
CA ASN D 154 -18.85 21.61 8.72
C ASN D 154 -19.06 22.65 9.83
N LEU D 155 -19.37 22.16 11.03
CA LEU D 155 -19.59 23.07 12.14
C LEU D 155 -18.31 23.68 12.74
N VAL D 156 -17.19 22.97 12.68
CA VAL D 156 -15.98 23.48 13.29
C VAL D 156 -15.32 24.67 12.61
N ALA D 157 -14.90 24.48 11.35
CA ALA D 157 -14.22 25.53 10.59
C ALA D 157 -15.14 26.54 9.91
N ASP D 158 -16.07 26.04 9.12
CA ASP D 158 -16.97 26.91 8.41
C ASP D 158 -17.70 27.88 9.31
N PHE D 159 -18.37 27.37 10.33
CA PHE D 159 -19.12 28.23 11.25
C PHE D 159 -18.45 28.49 12.59
N GLY D 160 -18.11 27.44 13.33
CA GLY D 160 -17.50 27.61 14.64
C GLY D 160 -16.26 28.49 14.62
N GLY D 161 -15.45 28.32 13.59
CA GLY D 161 -14.23 29.10 13.47
C GLY D 161 -14.19 29.92 12.21
N GLY D 162 -15.32 29.98 11.51
CA GLY D 162 -15.37 30.76 10.29
C GLY D 162 -16.36 31.91 10.46
N SER D 163 -17.63 31.57 10.25
CA SER D 163 -18.71 32.51 10.41
C SER D 163 -18.51 33.37 11.68
N MET D 164 -18.42 32.72 12.84
CA MET D 164 -18.22 33.37 14.14
C MET D 164 -16.95 34.24 14.23
N LEU D 165 -15.89 33.83 13.54
CA LEU D 165 -14.66 34.58 13.56
C LEU D 165 -14.87 35.94 12.88
N VAL D 166 -15.39 35.92 11.65
CA VAL D 166 -15.63 37.15 10.91
C VAL D 166 -16.73 37.95 11.59
N LEU D 167 -17.65 37.26 12.23
CA LEU D 167 -18.71 37.91 12.96
C LEU D 167 -18.06 38.67 14.11
N LEU D 168 -17.07 38.05 14.76
CA LEU D 168 -16.36 38.68 15.87
C LEU D 168 -15.56 39.87 15.36
N GLY D 169 -14.78 39.62 14.31
CA GLY D 169 -13.98 40.66 13.72
C GLY D 169 -14.83 41.89 13.42
N ILE D 170 -15.96 41.68 12.75
CA ILE D 170 -16.88 42.77 12.38
C ILE D 170 -17.37 43.58 13.55
N VAL D 171 -18.15 42.96 14.43
CA VAL D 171 -18.68 43.68 15.59
C VAL D 171 -17.53 44.31 16.37
N VAL D 172 -16.34 43.73 16.29
CA VAL D 172 -15.20 44.32 17.00
C VAL D 172 -14.76 45.54 16.20
N ALA D 173 -14.56 45.37 14.89
CA ALA D 173 -14.15 46.46 14.01
C ALA D 173 -15.17 47.60 14.11
N LEU D 174 -16.42 47.26 14.40
CA LEU D 174 -17.46 48.24 14.57
C LEU D 174 -17.17 49.05 15.82
N TYR D 175 -16.96 48.37 16.94
CA TYR D 175 -16.67 49.04 18.21
C TYR D 175 -15.42 49.90 18.10
N GLU D 176 -14.47 49.45 17.30
CA GLU D 176 -13.23 50.18 17.06
C GLU D 176 -13.57 51.50 16.38
N ARG D 177 -13.94 51.43 15.10
CA ARG D 177 -14.28 52.62 14.32
C ARG D 177 -15.34 53.46 15.02
N GLU D 178 -16.14 52.84 15.87
CA GLU D 178 -17.17 53.57 16.58
C GLU D 178 -16.51 54.43 17.66
N ARG D 179 -15.19 54.59 17.55
CA ARG D 179 -14.41 55.38 18.51
C ARG D 179 -13.26 56.05 17.77
N SER D 180 -12.69 55.33 16.81
CA SER D 180 -11.58 55.84 16.01
C SER D 180 -12.14 56.46 14.73
N GLY D 181 -13.47 56.46 14.61
CA GLY D 181 -14.12 57.04 13.45
C GLY D 181 -13.55 56.58 12.12
N VAL D 182 -12.89 55.44 12.11
CA VAL D 182 -12.33 54.93 10.87
C VAL D 182 -12.38 53.41 10.85
N GLY D 183 -12.93 52.87 9.77
CA GLY D 183 -13.01 51.43 9.64
C GLY D 183 -11.67 50.88 9.17
N GLN D 184 -11.61 49.58 8.89
CA GLN D 184 -10.39 48.93 8.42
C GLN D 184 -10.72 47.59 7.76
N VAL D 185 -9.69 46.78 7.54
CA VAL D 185 -9.88 45.46 6.92
C VAL D 185 -9.80 44.37 7.99
N VAL D 186 -10.72 43.40 7.95
CA VAL D 186 -10.74 42.30 8.90
C VAL D 186 -10.49 40.98 8.18
N ASP D 187 -9.40 40.31 8.52
CA ASP D 187 -9.06 39.03 7.89
C ASP D 187 -9.42 37.87 8.83
N ALA D 188 -10.46 37.14 8.43
CA ALA D 188 -10.93 36.00 9.19
C ALA D 188 -10.54 34.72 8.46
N ALA D 189 -9.46 34.07 8.88
CA ALA D 189 -9.03 32.83 8.25
C ALA D 189 -9.53 31.67 9.08
N MET D 190 -10.31 30.78 8.46
CA MET D 190 -10.85 29.64 9.20
C MET D 190 -9.76 28.84 9.88
N VAL D 191 -8.64 28.67 9.20
CA VAL D 191 -7.51 27.92 9.76
C VAL D 191 -7.12 28.63 11.10
N ASP D 192 -7.21 29.95 11.12
CA ASP D 192 -6.90 30.78 12.29
C ASP D 192 -7.95 30.60 13.40
N GLY D 193 -9.22 30.71 13.04
CA GLY D 193 -10.29 30.54 14.02
C GLY D 193 -10.24 29.18 14.64
N VAL D 194 -10.15 28.14 13.81
CA VAL D 194 -10.08 26.79 14.31
C VAL D 194 -8.92 26.61 15.29
N SER D 195 -7.76 27.15 14.93
CA SER D 195 -6.61 27.03 15.79
C SER D 195 -6.85 27.66 17.16
N VAL D 196 -7.58 28.77 17.18
CA VAL D 196 -7.90 29.47 18.43
C VAL D 196 -8.96 28.67 19.20
N LEU D 197 -9.79 27.95 18.45
CA LEU D 197 -10.82 27.11 19.04
C LEU D 197 -10.14 25.93 19.72
N ALA D 198 -8.94 25.62 19.23
CA ALA D 198 -8.18 24.53 19.78
C ALA D 198 -7.16 24.95 20.85
N GLN D 199 -7.10 26.22 21.21
CA GLN D 199 -6.12 26.65 22.23
C GLN D 199 -5.95 25.64 23.35
N MET D 200 -7.09 25.25 23.95
CA MET D 200 -7.06 24.29 25.04
C MET D 200 -6.13 23.14 24.74
N MET D 201 -6.26 22.59 23.54
CA MET D 201 -5.42 21.47 23.15
C MET D 201 -3.98 21.94 23.22
N TRP D 202 -3.68 23.08 22.61
CA TRP D 202 -2.29 23.55 22.64
C TRP D 202 -1.79 23.59 24.07
N THR D 203 -2.61 24.12 24.96
CA THR D 203 -2.24 24.17 26.34
C THR D 203 -1.83 22.78 26.78
N MET D 204 -2.69 21.82 26.45
CA MET D 204 -2.44 20.43 26.81
C MET D 204 -1.15 19.95 26.19
N LYS D 205 -1.00 20.26 24.90
CA LYS D 205 0.17 19.85 24.17
C LYS D 205 1.46 20.20 24.92
N GLY D 206 1.60 21.47 25.33
CA GLY D 206 2.81 21.87 26.02
C GLY D 206 2.97 21.29 27.40
N ILE D 207 1.84 21.01 28.04
CA ILE D 207 1.79 20.44 29.39
C ILE D 207 2.07 18.95 29.40
N GLY D 208 1.91 18.29 28.27
CA GLY D 208 2.17 16.87 28.22
C GLY D 208 0.97 16.01 28.55
N SER D 209 -0.22 16.57 28.40
CA SER D 209 -1.42 15.82 28.69
C SER D 209 -1.89 15.06 27.46
N LEU D 210 -1.29 15.34 26.32
CA LEU D 210 -1.68 14.65 25.11
C LEU D 210 -0.78 13.49 24.75
N ARG D 211 -1.34 12.53 24.05
CA ARG D 211 -0.60 11.38 23.62
C ARG D 211 -0.55 11.38 22.10
N ASP D 212 0.01 10.34 21.51
CA ASP D 212 0.11 10.32 20.07
C ASP D 212 -1.13 9.73 19.41
N GLN D 213 -1.65 8.62 19.95
CA GLN D 213 -2.83 7.97 19.38
C GLN D 213 -4.16 8.62 19.79
N ARG D 214 -5.20 8.36 19.00
CA ARG D 214 -6.50 8.92 19.33
C ARG D 214 -7.17 8.11 20.42
N GLU D 215 -8.34 8.55 20.89
CA GLU D 215 -9.03 7.85 21.97
C GLU D 215 -8.12 7.64 23.19
N SER D 216 -7.34 8.68 23.52
CA SER D 216 -6.40 8.62 24.65
C SER D 216 -6.50 9.81 25.61
N PHE D 217 -7.06 10.90 25.12
CA PHE D 217 -7.26 12.13 25.90
C PHE D 217 -8.55 11.98 26.68
N LEU D 218 -8.96 13.05 27.35
CA LEU D 218 -10.17 13.04 28.14
C LEU D 218 -11.42 13.31 27.28
N LEU D 219 -11.27 14.22 26.32
CA LEU D 219 -12.40 14.62 25.48
C LEU D 219 -12.43 14.00 24.09
N ASP D 220 -11.70 12.92 23.87
CA ASP D 220 -11.70 12.29 22.55
C ASP D 220 -12.17 10.84 22.59
N GLY D 221 -12.87 10.45 23.65
CA GLY D 221 -13.35 9.09 23.75
C GLY D 221 -12.45 8.19 24.57
N GLY D 222 -11.26 8.68 24.91
CA GLY D 222 -10.33 7.89 25.68
C GLY D 222 -10.77 7.64 27.12
N ALA D 223 -11.89 8.26 27.51
CA ALA D 223 -12.40 8.11 28.86
C ALA D 223 -13.82 7.62 28.82
N PRO D 224 -14.04 6.37 29.21
CA PRO D 224 -15.40 5.85 29.19
C PRO D 224 -16.43 6.75 29.87
N PHE D 225 -16.02 7.66 30.74
CA PHE D 225 -17.03 8.51 31.39
C PHE D 225 -17.32 9.80 30.63
N TYR D 226 -16.87 9.82 29.38
CA TYR D 226 -17.06 10.95 28.48
C TYR D 226 -17.13 10.46 27.03
N ARG D 227 -18.25 9.85 26.69
CA ARG D 227 -18.47 9.34 25.35
C ARG D 227 -19.92 8.90 25.23
N CYS D 228 -20.22 8.14 24.19
CA CYS D 228 -21.58 7.66 23.97
C CYS D 228 -21.68 6.13 24.01
N TYR D 229 -22.83 5.66 24.46
CA TYR D 229 -23.11 4.24 24.57
C TYR D 229 -24.43 3.91 23.87
N GLU D 230 -24.46 2.80 23.16
CA GLU D 230 -25.69 2.41 22.47
C GLU D 230 -26.64 1.78 23.48
N THR D 231 -27.93 2.07 23.32
CA THR D 231 -28.97 1.53 24.20
C THR D 231 -29.60 0.25 23.61
N SER D 232 -30.61 -0.29 24.29
CA SER D 232 -31.29 -1.50 23.82
C SER D 232 -32.03 -1.28 22.50
N ASP D 233 -32.78 -0.19 22.43
CA ASP D 233 -33.51 0.14 21.21
C ASP D 233 -32.64 0.83 20.17
N GLY D 234 -31.38 0.39 20.08
CA GLY D 234 -30.44 0.95 19.10
C GLY D 234 -30.23 2.46 19.08
N LYS D 235 -30.61 3.13 20.16
CA LYS D 235 -30.44 4.56 20.26
C LYS D 235 -29.09 4.81 20.90
N TYR D 236 -28.92 6.03 21.42
CA TYR D 236 -27.66 6.39 22.04
C TYR D 236 -27.85 7.34 23.19
N MET D 237 -26.96 7.22 24.17
CA MET D 237 -26.97 8.11 25.34
C MET D 237 -25.62 8.80 25.42
N ALA D 238 -25.61 10.11 25.71
CA ALA D 238 -24.34 10.82 25.79
C ALA D 238 -23.88 10.99 27.22
N VAL D 239 -22.71 10.47 27.55
CA VAL D 239 -22.23 10.61 28.91
C VAL D 239 -21.09 11.59 29.04
N GLY D 240 -21.13 12.39 30.09
CA GLY D 240 -20.04 13.33 30.27
C GLY D 240 -19.70 13.51 31.72
N ALA D 241 -19.83 12.45 32.50
CA ALA D 241 -19.54 12.54 33.92
C ALA D 241 -18.05 12.73 34.14
N ILE D 242 -17.59 13.96 34.06
CA ILE D 242 -16.18 14.18 34.27
C ILE D 242 -15.86 14.37 35.73
N GLU D 243 -16.45 15.39 36.34
CA GLU D 243 -16.24 15.66 37.76
C GLU D 243 -16.55 14.41 38.60
N PRO D 244 -15.74 14.13 39.63
CA PRO D 244 -15.96 12.96 40.50
C PRO D 244 -17.38 12.88 41.10
N GLN D 245 -17.97 14.04 41.39
CA GLN D 245 -19.32 14.11 41.93
C GLN D 245 -20.33 13.58 40.92
N PHE D 246 -20.17 14.03 39.67
CA PHE D 246 -21.05 13.61 38.59
C PHE D 246 -20.82 12.15 38.21
N PHE D 247 -19.57 11.69 38.34
CA PHE D 247 -19.22 10.31 38.03
C PHE D 247 -19.95 9.41 39.01
N ALA D 248 -20.23 9.97 40.18
CA ALA D 248 -20.93 9.27 41.24
C ALA D 248 -22.35 9.03 40.75
N ALA D 249 -23.02 10.12 40.38
CA ALA D 249 -24.37 10.05 39.85
C ALA D 249 -24.41 9.01 38.72
N LEU D 250 -23.54 9.17 37.74
CA LEU D 250 -23.49 8.24 36.62
C LEU D 250 -23.49 6.81 37.13
N LEU D 251 -22.62 6.52 38.08
CA LEU D 251 -22.52 5.19 38.63
C LEU D 251 -23.78 4.79 39.40
N SER D 252 -24.42 5.79 40.01
CA SER D 252 -25.64 5.55 40.78
C SER D 252 -26.79 5.10 39.90
N GLY D 253 -27.35 6.06 39.15
CA GLY D 253 -28.47 5.75 38.26
C GLY D 253 -28.20 4.55 37.38
N LEU D 254 -26.95 4.33 37.06
CA LEU D 254 -26.56 3.21 36.23
C LEU D 254 -26.71 1.92 37.01
N GLY D 255 -27.02 2.05 38.30
CA GLY D 255 -27.18 0.88 39.14
C GLY D 255 -25.88 0.13 39.38
N LEU D 256 -24.79 0.86 39.60
CA LEU D 256 -23.49 0.24 39.84
C LEU D 256 -22.87 0.74 41.14
N SER D 257 -22.23 -0.17 41.86
CA SER D 257 -21.58 0.20 43.12
C SER D 257 -20.17 0.66 42.83
N ALA D 258 -19.78 1.74 43.50
CA ALA D 258 -18.44 2.28 43.34
C ALA D 258 -17.42 1.14 43.34
N ALA D 259 -17.56 0.21 44.28
CA ALA D 259 -16.63 -0.90 44.37
C ALA D 259 -16.66 -1.82 43.16
N ASP D 260 -17.77 -1.79 42.42
CA ASP D 260 -17.92 -2.63 41.23
C ASP D 260 -17.07 -2.16 40.05
N VAL D 261 -17.23 -0.89 39.71
CA VAL D 261 -16.52 -0.29 38.59
C VAL D 261 -15.18 0.35 38.99
N PRO D 262 -14.17 0.26 38.13
CA PRO D 262 -12.86 0.85 38.42
C PRO D 262 -12.99 2.34 38.75
N THR D 263 -11.91 2.92 39.29
CA THR D 263 -11.93 4.33 39.65
C THR D 263 -11.47 5.21 38.50
N GLN D 264 -12.02 6.42 38.43
CA GLN D 264 -11.64 7.34 37.36
C GLN D 264 -10.14 7.41 37.23
N LEU D 265 -9.45 7.41 38.35
CA LEU D 265 -7.99 7.47 38.35
C LEU D 265 -7.34 6.21 37.77
N ASP D 266 -8.03 5.07 37.82
CA ASP D 266 -7.48 3.81 37.29
C ASP D 266 -7.52 3.73 35.77
N VAL D 267 -6.88 4.66 35.12
CA VAL D 267 -6.86 4.68 33.66
C VAL D 267 -6.59 3.32 33.05
N ALA D 268 -5.68 2.56 33.65
CA ALA D 268 -5.34 1.25 33.15
C ALA D 268 -6.55 0.30 33.10
N GLY D 269 -7.56 0.59 33.92
CA GLY D 269 -8.74 -0.25 33.92
C GLY D 269 -9.91 0.35 33.15
N TYR D 270 -9.63 1.39 32.35
CA TYR D 270 -10.67 2.05 31.56
C TYR D 270 -11.31 1.06 30.61
N PRO D 271 -10.49 0.32 29.84
CA PRO D 271 -11.08 -0.64 28.92
C PRO D 271 -12.17 -1.47 29.61
N GLN D 272 -11.94 -1.80 30.88
CA GLN D 272 -12.88 -2.58 31.66
C GLN D 272 -14.09 -1.71 31.97
N MET D 273 -13.83 -0.52 32.48
CA MET D 273 -14.90 0.42 32.82
C MET D 273 -15.82 0.64 31.64
N TYR D 274 -15.24 0.58 30.44
CA TYR D 274 -15.98 0.77 29.21
C TYR D 274 -16.98 -0.36 29.03
N ASP D 275 -16.52 -1.58 29.26
CA ASP D 275 -17.38 -2.73 29.12
C ASP D 275 -18.51 -2.67 30.13
N ILE D 276 -18.19 -2.35 31.38
CA ILE D 276 -19.24 -2.27 32.39
C ILE D 276 -20.28 -1.22 32.00
N PHE D 277 -19.82 -0.10 31.45
CA PHE D 277 -20.73 0.97 31.05
C PHE D 277 -21.57 0.59 29.84
N ALA D 278 -20.94 -0.03 28.85
CA ALA D 278 -21.64 -0.44 27.64
C ALA D 278 -22.69 -1.46 27.99
N GLU D 279 -22.29 -2.42 28.83
CA GLU D 279 -23.17 -3.48 29.29
C GLU D 279 -24.47 -2.92 29.81
N ARG D 280 -24.39 -2.21 30.94
CA ARG D 280 -25.56 -1.61 31.57
C ARG D 280 -26.35 -0.68 30.65
N PHE D 281 -25.67 0.22 29.98
CA PHE D 281 -26.34 1.14 29.09
C PHE D 281 -27.17 0.43 28.02
N ALA D 282 -26.64 -0.65 27.45
CA ALA D 282 -27.34 -1.38 26.40
C ALA D 282 -28.47 -2.30 26.84
N SER D 283 -28.74 -2.34 28.15
CA SER D 283 -29.80 -3.20 28.69
C SER D 283 -31.12 -2.46 28.90
N ARG D 284 -31.20 -1.22 28.42
CA ARG D 284 -32.42 -0.44 28.54
C ARG D 284 -32.57 0.50 27.35
N THR D 285 -33.77 1.05 27.18
CA THR D 285 -34.04 1.95 26.07
C THR D 285 -33.68 3.38 26.41
N ARG D 286 -33.31 4.17 25.40
CA ARG D 286 -32.95 5.56 25.62
C ARG D 286 -33.98 6.23 26.51
N ASP D 287 -35.24 5.95 26.22
CA ASP D 287 -36.35 6.52 26.98
C ASP D 287 -36.18 6.25 28.48
N GLU D 288 -36.11 4.97 28.84
CA GLU D 288 -35.96 4.59 30.24
C GLU D 288 -34.77 5.31 30.87
N TRP D 289 -33.62 5.21 30.22
CA TRP D 289 -32.38 5.84 30.67
C TRP D 289 -32.56 7.34 30.92
N THR D 290 -33.22 8.00 29.97
CA THR D 290 -33.47 9.43 30.07
C THR D 290 -34.25 9.73 31.34
N ARG D 291 -35.15 8.82 31.69
CA ARG D 291 -35.97 8.96 32.88
C ARG D 291 -35.07 8.84 34.10
N VAL D 292 -34.29 7.78 34.12
CA VAL D 292 -33.39 7.52 35.23
C VAL D 292 -32.51 8.71 35.55
N PHE D 293 -31.60 9.06 34.63
CA PHE D 293 -30.69 10.16 34.84
C PHE D 293 -31.31 11.54 34.72
N ALA D 294 -32.61 11.59 34.47
CA ALA D 294 -33.34 12.85 34.33
C ALA D 294 -33.24 13.74 35.56
N GLY D 295 -32.94 15.02 35.36
CA GLY D 295 -32.85 15.96 36.47
C GLY D 295 -31.62 15.86 37.36
N THR D 296 -30.91 14.74 37.29
CA THR D 296 -29.71 14.51 38.10
C THR D 296 -28.46 15.12 37.48
N ASP D 297 -27.49 15.45 38.31
CA ASP D 297 -26.25 16.01 37.80
C ASP D 297 -25.31 14.91 37.32
N ALA D 298 -25.90 13.84 36.79
CA ALA D 298 -25.11 12.74 36.28
C ALA D 298 -24.48 13.05 34.93
N CYS D 299 -24.89 14.14 34.30
CA CYS D 299 -24.38 14.49 32.98
C CYS D 299 -24.63 13.40 31.95
N VAL D 300 -25.81 12.79 32.04
CA VAL D 300 -26.23 11.72 31.12
C VAL D 300 -27.48 12.13 30.40
N THR D 301 -27.36 12.42 29.11
CA THR D 301 -28.47 12.87 28.29
C THR D 301 -28.69 12.02 27.04
N PRO D 302 -29.92 12.03 26.51
CA PRO D 302 -30.22 11.26 25.31
C PRO D 302 -29.73 11.99 24.06
N VAL D 303 -29.19 11.24 23.12
CA VAL D 303 -28.73 11.83 21.86
C VAL D 303 -29.97 11.97 21.00
N LEU D 304 -30.41 13.19 20.75
CA LEU D 304 -31.61 13.37 19.94
C LEU D 304 -31.27 13.68 18.51
N ALA D 305 -32.13 13.24 17.60
CA ALA D 305 -31.92 13.52 16.19
C ALA D 305 -32.58 14.86 15.88
N TRP D 306 -32.23 15.48 14.76
CA TRP D 306 -32.78 16.79 14.36
C TRP D 306 -34.30 16.91 14.62
N SER D 307 -35.05 15.94 14.10
CA SER D 307 -36.49 15.89 14.25
C SER D 307 -36.84 15.94 15.73
N GLU D 308 -36.24 15.02 16.48
CA GLU D 308 -36.44 14.89 17.93
C GLU D 308 -36.05 16.16 18.72
N ALA D 309 -34.97 16.81 18.30
CA ALA D 309 -34.49 18.01 18.97
C ALA D 309 -35.51 19.12 18.89
N ALA D 310 -36.04 19.36 17.70
CA ALA D 310 -37.00 20.43 17.51
C ALA D 310 -38.17 20.33 18.49
N ASN D 311 -38.52 19.10 18.90
CA ASN D 311 -39.65 18.90 19.82
C ASN D 311 -39.21 18.66 21.26
N ASN D 312 -37.92 18.89 21.53
CA ASN D 312 -37.35 18.72 22.86
C ASN D 312 -37.95 19.73 23.85
N ASP D 313 -38.27 19.27 25.06
CA ASP D 313 -38.85 20.16 26.06
C ASP D 313 -38.04 21.40 26.37
N HIS D 314 -36.77 21.21 26.69
CA HIS D 314 -35.92 22.35 27.02
C HIS D 314 -35.78 23.32 25.86
N LEU D 315 -35.25 22.86 24.73
CA LEU D 315 -35.09 23.71 23.57
C LEU D 315 -36.38 24.43 23.18
N LYS D 316 -37.53 23.89 23.57
CA LYS D 316 -38.82 24.51 23.24
C LYS D 316 -39.10 25.67 24.18
N ALA D 317 -38.94 25.40 25.48
CA ALA D 317 -39.17 26.38 26.55
C ALA D 317 -38.37 27.65 26.29
N ARG D 318 -37.07 27.47 26.10
CA ARG D 318 -36.19 28.57 25.82
C ARG D 318 -36.36 29.01 24.38
N SER D 319 -37.20 28.29 23.65
CA SER D 319 -37.47 28.56 22.25
C SER D 319 -36.19 28.75 21.42
N THR D 320 -35.34 27.72 21.43
CA THR D 320 -34.08 27.73 20.68
C THR D 320 -34.37 27.37 19.23
N VAL D 321 -35.06 26.24 19.07
CA VAL D 321 -35.47 25.76 17.76
C VAL D 321 -36.96 26.04 17.67
N ILE D 322 -37.30 27.07 16.91
CA ILE D 322 -38.69 27.49 16.73
C ILE D 322 -39.13 27.25 15.30
N THR D 323 -40.44 27.20 15.10
CA THR D 323 -41.04 27.03 13.77
C THR D 323 -41.53 28.41 13.33
N ALA D 324 -40.71 29.15 12.58
CA ALA D 324 -41.08 30.48 12.09
C ALA D 324 -41.72 30.33 10.71
N HIS D 325 -42.73 31.16 10.44
CA HIS D 325 -43.48 31.14 9.18
C HIS D 325 -42.85 30.23 8.14
N GLY D 326 -43.26 28.97 8.14
CA GLY D 326 -42.73 28.02 7.18
C GLY D 326 -42.18 26.79 7.87
N VAL D 327 -40.86 26.68 7.96
CA VAL D 327 -40.29 25.50 8.61
C VAL D 327 -39.45 25.76 9.87
N GLN D 328 -39.02 24.66 10.48
CA GLN D 328 -38.21 24.65 11.69
C GLN D 328 -36.83 25.28 11.49
N GLN D 329 -36.37 26.06 12.47
CA GLN D 329 -35.07 26.71 12.40
C GLN D 329 -34.55 27.12 13.77
N ALA D 330 -33.37 27.73 13.83
CA ALA D 330 -32.79 28.14 15.11
C ALA D 330 -33.02 29.61 15.43
N ALA D 331 -33.55 29.90 16.63
CA ALA D 331 -33.78 31.29 16.99
C ALA D 331 -32.46 32.04 17.12
N PRO D 332 -32.47 33.37 16.91
CA PRO D 332 -31.27 34.20 17.00
C PRO D 332 -30.49 33.98 18.29
N ALA D 333 -29.22 34.38 18.29
CA ALA D 333 -28.41 34.23 19.49
C ALA D 333 -27.16 35.09 19.40
N PRO D 334 -26.60 35.50 20.55
CA PRO D 334 -27.10 35.20 21.89
C PRO D 334 -28.27 36.12 22.16
N ARG D 335 -28.82 36.01 23.36
CA ARG D 335 -29.98 36.81 23.77
C ARG D 335 -29.63 38.04 24.61
N PHE D 336 -30.17 39.18 24.22
CA PHE D 336 -29.93 40.44 24.92
C PHE D 336 -31.17 40.80 25.78
N SER D 337 -30.94 41.42 26.95
CA SER D 337 -32.03 41.75 27.88
C SER D 337 -32.79 43.07 27.65
N ARG D 338 -32.12 44.06 27.05
CA ARG D 338 -32.77 45.35 26.78
C ARG D 338 -33.03 45.62 25.29
N THR D 339 -32.20 45.02 24.43
CA THR D 339 -32.36 45.21 22.99
C THR D 339 -32.33 43.85 22.28
N PRO D 340 -33.27 42.96 22.64
CA PRO D 340 -33.35 41.63 22.03
C PRO D 340 -33.52 41.65 20.54
N ALA D 341 -33.48 40.46 19.95
CA ALA D 341 -33.64 40.32 18.52
C ALA D 341 -35.13 40.27 18.25
N GLY D 342 -35.56 40.95 17.20
CA GLY D 342 -36.98 40.94 16.86
C GLY D 342 -37.34 39.56 16.35
N PRO D 343 -38.61 39.29 16.08
CA PRO D 343 -39.00 37.97 15.58
C PRO D 343 -38.34 37.73 14.23
N VAL D 344 -38.04 36.47 13.94
CA VAL D 344 -37.37 36.12 12.68
C VAL D 344 -38.19 36.31 11.42
N ARG D 345 -37.63 37.07 10.49
CA ARG D 345 -38.28 37.29 9.22
C ARG D 345 -37.88 36.14 8.29
N PRO D 346 -38.62 35.95 7.21
CA PRO D 346 -38.31 34.89 6.26
C PRO D 346 -37.27 35.31 5.23
N PRO D 347 -36.72 34.34 4.50
CA PRO D 347 -35.72 34.67 3.47
C PRO D 347 -36.39 35.52 2.39
N PRO D 348 -35.58 36.25 1.62
CA PRO D 348 -36.09 37.12 0.55
C PRO D 348 -36.99 36.38 -0.42
N ALA D 349 -38.29 36.71 -0.39
CA ALA D 349 -39.24 36.05 -1.28
C ALA D 349 -38.92 36.42 -2.73
N ALA D 350 -38.32 37.58 -2.92
CA ALA D 350 -37.95 38.04 -4.24
C ALA D 350 -36.91 39.13 -4.12
N ALA D 351 -36.10 39.26 -5.14
CA ALA D 351 -35.04 40.26 -5.17
C ALA D 351 -35.61 41.67 -5.15
N THR D 352 -35.04 42.53 -4.31
CA THR D 352 -35.50 43.92 -4.22
C THR D 352 -34.69 44.69 -5.23
N PRO D 353 -35.35 45.62 -5.97
CA PRO D 353 -34.71 46.45 -7.00
C PRO D 353 -33.26 46.80 -6.71
N ILE D 354 -33.01 48.04 -6.33
CA ILE D 354 -31.66 48.49 -6.04
C ILE D 354 -31.73 49.94 -5.70
N ASP D 355 -32.64 50.66 -6.35
CA ASP D 355 -32.80 52.06 -6.06
C ASP D 355 -33.79 52.20 -4.90
N GLU D 356 -34.33 51.07 -4.44
CA GLU D 356 -35.27 51.08 -3.33
C GLU D 356 -34.54 50.72 -2.04
N ILE D 357 -33.23 50.94 -2.04
CA ILE D 357 -32.37 50.64 -0.89
C ILE D 357 -32.83 51.29 0.41
N ASN D 358 -32.11 52.34 0.82
CA ASN D 358 -32.39 53.06 2.06
C ASN D 358 -31.16 53.90 2.37
N TRP D 359 -30.02 53.46 1.85
CA TRP D 359 -28.76 54.14 2.10
C TRP D 359 -28.44 55.15 1.01
N GLY E 4 5.77 -12.94 12.22
CA GLY E 4 5.91 -14.42 12.01
C GLY E 4 4.57 -15.13 12.04
N GLY E 5 4.09 -15.55 10.88
CA GLY E 5 2.80 -16.24 10.81
C GLY E 5 1.60 -15.31 10.69
N PRO E 6 0.62 -15.63 9.82
CA PRO E 6 -0.60 -14.81 9.62
C PRO E 6 -1.56 -14.79 10.79
N LEU E 7 -1.38 -15.72 11.72
CA LEU E 7 -2.24 -15.80 12.90
C LEU E 7 -1.58 -15.13 14.10
N ALA E 8 -0.39 -14.60 13.88
CA ALA E 8 0.37 -13.94 14.94
C ALA E 8 -0.50 -12.94 15.70
N GLY E 9 -0.54 -13.11 17.01
CA GLY E 9 -1.34 -12.21 17.83
C GLY E 9 -2.48 -12.86 18.58
N VAL E 10 -3.03 -13.95 18.05
CA VAL E 10 -4.15 -14.63 18.70
C VAL E 10 -3.73 -15.45 19.92
N LYS E 11 -4.44 -15.27 21.03
CA LYS E 11 -4.13 -16.02 22.25
C LYS E 11 -4.99 -17.29 22.28
N VAL E 12 -4.35 -18.45 22.48
CA VAL E 12 -5.09 -19.72 22.55
C VAL E 12 -4.89 -20.56 23.81
N ILE E 13 -6.00 -21.05 24.38
CA ILE E 13 -5.95 -21.90 25.56
C ILE E 13 -6.37 -23.32 25.25
N GLU E 14 -5.37 -24.18 25.15
CA GLU E 14 -5.55 -25.59 24.87
C GLU E 14 -5.83 -26.31 26.20
N LEU E 15 -7.02 -26.89 26.35
CA LEU E 15 -7.37 -27.60 27.59
C LEU E 15 -7.16 -29.10 27.51
N GLY E 16 -8.17 -29.81 26.99
CA GLY E 16 -8.06 -31.25 26.88
C GLY E 16 -6.79 -31.63 26.15
N GLY E 17 -6.32 -32.86 26.33
CA GLY E 17 -5.09 -33.19 25.65
C GLY E 17 -5.02 -34.56 25.03
N ILE E 18 -5.24 -34.64 23.72
CA ILE E 18 -5.17 -35.91 23.04
C ILE E 18 -5.52 -35.78 21.57
N GLY E 19 -4.55 -36.12 20.74
CA GLY E 19 -4.74 -36.08 19.30
C GLY E 19 -5.40 -34.85 18.69
N PRO E 20 -6.66 -34.97 18.25
CA PRO E 20 -7.37 -33.82 17.65
C PRO E 20 -7.11 -32.49 18.32
N GLY E 21 -7.43 -32.43 19.62
CA GLY E 21 -7.23 -31.20 20.37
C GLY E 21 -5.90 -30.53 20.13
N PRO E 22 -4.81 -31.13 20.61
CA PRO E 22 -3.48 -30.58 20.46
C PRO E 22 -3.00 -30.42 19.00
N HIS E 23 -3.23 -31.39 18.15
CA HIS E 23 -2.78 -31.23 16.76
C HIS E 23 -3.31 -29.91 16.18
N ALA E 24 -4.52 -29.52 16.55
CA ALA E 24 -5.09 -28.26 16.05
C ALA E 24 -4.26 -27.13 16.66
N GLY E 25 -4.09 -27.21 17.97
CA GLY E 25 -3.33 -26.23 18.69
C GLY E 25 -1.94 -26.11 18.08
N MET E 26 -1.42 -27.20 17.50
CA MET E 26 -0.10 -27.18 16.88
C MET E 26 -0.06 -26.31 15.62
N VAL E 27 -1.10 -26.43 14.80
CA VAL E 27 -1.20 -25.65 13.55
C VAL E 27 -1.32 -24.16 13.89
N LEU E 28 -2.15 -23.84 14.88
CA LEU E 28 -2.29 -22.45 15.31
C LEU E 28 -0.87 -21.94 15.64
N ALA E 29 -0.08 -22.74 16.35
CA ALA E 29 1.27 -22.32 16.69
C ALA E 29 2.08 -22.15 15.41
N ASP E 30 2.07 -23.19 14.57
CA ASP E 30 2.81 -23.16 13.32
C ASP E 30 2.43 -21.95 12.45
N LEU E 31 1.23 -21.40 12.68
CA LEU E 31 0.77 -20.25 11.91
C LEU E 31 0.96 -18.92 12.64
N GLY E 32 1.61 -18.95 13.80
CA GLY E 32 1.86 -17.71 14.52
C GLY E 32 1.13 -17.49 15.82
N ALA E 33 0.02 -18.18 16.02
CA ALA E 33 -0.73 -18.00 17.27
C ALA E 33 0.13 -18.27 18.48
N ASP E 34 -0.29 -17.70 19.60
CA ASP E 34 0.40 -17.85 20.85
C ASP E 34 -0.41 -18.86 21.66
N VAL E 35 -0.03 -20.12 21.52
CA VAL E 35 -0.73 -21.20 22.20
C VAL E 35 -0.17 -21.46 23.60
N VAL E 36 -1.07 -21.90 24.48
CA VAL E 36 -0.75 -22.20 25.87
C VAL E 36 -1.64 -23.33 26.41
N ARG E 37 -1.01 -24.46 26.71
CA ARG E 37 -1.69 -25.63 27.24
C ARG E 37 -1.92 -25.46 28.73
N VAL E 38 -2.74 -26.34 29.29
CA VAL E 38 -3.04 -26.31 30.69
C VAL E 38 -3.26 -27.73 31.18
N ARG E 39 -2.25 -28.27 31.87
CA ARG E 39 -2.33 -29.62 32.38
C ARG E 39 -2.02 -29.72 33.86
N ARG E 40 -2.85 -30.45 34.59
CA ARG E 40 -2.69 -30.64 36.03
C ARG E 40 -1.26 -31.10 36.34
N PRO E 41 -0.93 -31.24 37.63
CA PRO E 41 0.41 -31.68 38.07
C PRO E 41 0.85 -33.02 37.48
N GLY E 42 0.31 -34.11 38.04
CA GLY E 42 0.67 -35.43 37.56
C GLY E 42 0.99 -35.51 36.08
N GLY E 43 -0.06 -35.44 35.25
CA GLY E 43 0.14 -35.51 33.81
C GLY E 43 0.78 -36.82 33.42
N LEU E 44 -0.02 -37.88 33.33
CA LEU E 44 0.51 -39.18 32.95
C LEU E 44 0.37 -39.26 31.44
N THR E 45 1.28 -38.64 30.72
CA THR E 45 1.17 -38.65 29.26
C THR E 45 2.44 -38.94 28.48
N MET E 46 2.36 -39.92 27.59
CA MET E 46 3.48 -40.29 26.75
C MET E 46 3.13 -39.82 25.35
N PRO E 47 4.10 -39.27 24.63
CA PRO E 47 5.50 -39.07 25.06
C PRO E 47 5.52 -37.88 26.00
N SER E 48 6.69 -37.54 26.52
CA SER E 48 6.77 -36.39 27.42
C SER E 48 6.49 -35.12 26.63
N GLU E 49 5.79 -34.17 27.21
CA GLU E 49 5.47 -32.93 26.52
C GLU E 49 6.57 -32.45 25.55
N ASP E 50 7.75 -32.16 26.10
CA ASP E 50 8.87 -31.66 25.29
C ASP E 50 9.26 -32.47 24.09
N ARG E 51 8.75 -33.70 24.01
CA ARG E 51 9.06 -34.53 22.86
C ARG E 51 7.79 -34.82 22.06
N ASP E 52 6.93 -33.80 21.89
CA ASP E 52 5.69 -33.99 21.13
C ASP E 52 5.52 -32.90 20.08
N LEU E 53 5.82 -33.25 18.83
CA LEU E 53 5.69 -32.33 17.72
C LEU E 53 4.32 -31.67 17.70
N LEU E 54 3.36 -32.29 18.38
CA LEU E 54 2.02 -31.72 18.38
C LEU E 54 1.97 -30.57 19.38
N HIS E 55 3.09 -30.30 20.02
CA HIS E 55 3.12 -29.23 21.00
C HIS E 55 4.15 -28.15 20.67
N ARG E 56 4.89 -28.35 19.59
CA ARG E 56 5.92 -27.41 19.17
C ARG E 56 5.40 -25.99 19.00
N GLY E 57 6.09 -25.05 19.64
CA GLY E 57 5.72 -23.65 19.56
C GLY E 57 4.76 -23.20 20.65
N LYS E 58 4.18 -24.17 21.37
CA LYS E 58 3.24 -23.85 22.44
C LYS E 58 4.02 -23.64 23.73
N ARG E 59 3.30 -23.59 24.84
CA ARG E 59 3.92 -23.41 26.15
C ARG E 59 3.06 -24.12 27.19
N ILE E 60 3.70 -24.88 28.09
CA ILE E 60 2.96 -25.61 29.12
C ILE E 60 2.81 -24.81 30.43
N VAL E 61 1.61 -24.80 30.99
CA VAL E 61 1.32 -24.08 32.23
C VAL E 61 0.44 -24.88 33.18
N ASP E 62 1.06 -25.64 34.05
CA ASP E 62 0.35 -26.46 35.02
C ASP E 62 -0.74 -25.67 35.72
N LEU E 63 -1.89 -26.30 35.90
CA LEU E 63 -3.03 -25.69 36.57
C LEU E 63 -4.22 -26.64 36.73
N ASP E 64 -4.37 -27.16 37.94
CA ASP E 64 -5.47 -28.07 38.22
C ASP E 64 -6.75 -27.27 38.06
N VAL E 65 -7.77 -27.90 37.49
CA VAL E 65 -9.04 -27.24 37.23
C VAL E 65 -10.19 -27.92 37.99
N PRO E 69 -9.93 -25.62 41.25
CA PRO E 69 -9.14 -24.38 41.27
C PRO E 69 -9.45 -23.42 40.12
N GLN E 70 -10.63 -22.80 40.18
CA GLN E 70 -11.13 -21.85 39.19
C GLN E 70 -10.16 -20.90 38.49
N ALA E 71 -8.95 -20.73 39.02
CA ALA E 71 -7.95 -19.81 38.45
C ALA E 71 -8.01 -19.62 36.93
N MET E 72 -8.35 -20.71 36.23
CA MET E 72 -8.46 -20.74 34.75
C MET E 72 -9.30 -19.59 34.19
N LEU E 73 -10.35 -19.22 34.93
CA LEU E 73 -11.26 -18.16 34.54
C LEU E 73 -10.54 -16.83 34.32
N GLU E 74 -9.42 -16.66 35.02
CA GLU E 74 -8.62 -15.44 34.93
C GLU E 74 -7.77 -15.46 33.65
N LEU E 75 -7.57 -16.64 33.09
CA LEU E 75 -6.78 -16.82 31.87
C LEU E 75 -7.63 -16.48 30.65
N ALA E 76 -8.69 -17.27 30.49
CA ALA E 76 -9.63 -17.11 29.39
C ALA E 76 -9.91 -15.65 29.17
N ALA E 77 -10.07 -14.93 30.27
CA ALA E 77 -10.36 -13.51 30.21
C ALA E 77 -9.54 -12.82 29.15
N LYS E 78 -8.23 -12.96 29.21
CA LYS E 78 -7.35 -12.29 28.26
C LYS E 78 -6.92 -13.17 27.08
N ALA E 79 -7.75 -14.12 26.70
CA ALA E 79 -7.45 -15.03 25.60
C ALA E 79 -8.45 -14.92 24.44
N ASP E 80 -7.94 -15.02 23.22
CA ASP E 80 -8.78 -14.95 22.02
C ASP E 80 -9.54 -16.24 21.81
N VAL E 81 -8.80 -17.32 21.66
CA VAL E 81 -9.40 -18.63 21.43
C VAL E 81 -9.13 -19.60 22.56
N LEU E 82 -10.19 -20.27 23.01
CA LEU E 82 -10.07 -21.27 24.06
C LEU E 82 -10.46 -22.60 23.44
N LEU E 83 -9.50 -23.49 23.28
CA LEU E 83 -9.77 -24.78 22.69
C LEU E 83 -10.08 -25.82 23.75
N ASP E 84 -11.33 -26.26 23.78
CA ASP E 84 -11.81 -27.28 24.73
C ASP E 84 -11.76 -28.66 24.11
N CYS E 85 -10.97 -29.55 24.69
CA CYS E 85 -10.83 -30.90 24.17
C CYS E 85 -11.27 -31.96 25.18
N PHE E 86 -12.22 -31.60 26.04
CA PHE E 86 -12.73 -32.52 27.05
C PHE E 86 -14.06 -33.14 26.63
N ARG E 87 -14.63 -33.95 27.51
CA ARG E 87 -15.90 -34.58 27.22
C ARG E 87 -16.96 -33.48 27.20
N PRO E 88 -18.09 -33.72 26.51
CA PRO E 88 -19.15 -32.72 26.44
C PRO E 88 -19.69 -32.45 27.83
N GLY E 89 -19.34 -31.31 28.39
CA GLY E 89 -19.82 -30.96 29.71
C GLY E 89 -18.77 -30.82 30.79
N THR E 90 -17.88 -31.80 30.91
CA THR E 90 -16.85 -31.78 31.94
C THR E 90 -16.24 -30.39 32.06
N CYS E 91 -16.21 -29.68 30.94
CA CYS E 91 -15.63 -28.34 30.92
C CYS E 91 -16.51 -27.34 31.66
N GLU E 92 -17.78 -27.71 31.84
CA GLU E 92 -18.73 -26.85 32.53
C GLU E 92 -18.93 -27.39 33.94
N ARG E 93 -18.57 -28.65 34.11
CA ARG E 93 -18.68 -29.31 35.41
C ARG E 93 -17.71 -28.58 36.33
N LEU E 94 -16.63 -28.06 35.73
CA LEU E 94 -15.62 -27.31 36.47
C LEU E 94 -16.04 -25.85 36.41
N GLY E 95 -15.10 -24.96 36.76
CA GLY E 95 -15.41 -23.55 36.74
C GLY E 95 -15.51 -23.02 35.32
N ILE E 96 -14.76 -23.64 34.42
CA ILE E 96 -14.73 -23.27 33.00
C ILE E 96 -16.12 -23.44 32.40
N GLY E 97 -16.31 -22.95 31.18
CA GLY E 97 -17.61 -23.08 30.57
C GLY E 97 -17.89 -21.95 29.62
N PRO E 98 -18.74 -22.18 28.61
CA PRO E 98 -19.09 -21.15 27.62
C PRO E 98 -19.69 -19.91 28.26
N ASP E 99 -20.79 -20.11 28.99
CA ASP E 99 -21.47 -19.00 29.64
C ASP E 99 -20.60 -18.33 30.70
N ASP E 100 -19.72 -19.11 31.31
CA ASP E 100 -18.83 -18.57 32.34
C ASP E 100 -17.83 -17.59 31.75
N CYS E 101 -17.07 -18.06 30.77
CA CYS E 101 -16.06 -17.23 30.11
C CYS E 101 -16.75 -16.11 29.37
N ALA E 102 -18.00 -16.35 29.01
CA ALA E 102 -18.79 -15.37 28.27
C ALA E 102 -18.81 -14.05 29.03
N SER E 103 -18.77 -14.14 30.35
CA SER E 103 -18.80 -12.96 31.23
C SER E 103 -17.45 -12.26 31.36
N VAL E 104 -16.38 -13.04 31.47
CA VAL E 104 -15.04 -12.48 31.61
C VAL E 104 -14.51 -11.99 30.26
N ASN E 105 -14.96 -12.62 29.18
CA ASN E 105 -14.55 -12.24 27.86
C ASN E 105 -15.50 -12.81 26.81
N PRO E 106 -16.47 -12.00 26.36
CA PRO E 106 -17.45 -12.43 25.36
C PRO E 106 -16.81 -12.55 23.98
N ARG E 107 -15.76 -11.76 23.75
CA ARG E 107 -15.03 -11.75 22.49
C ARG E 107 -14.22 -13.03 22.36
N LEU E 108 -14.52 -13.99 23.24
CA LEU E 108 -13.83 -15.28 23.25
C LEU E 108 -14.47 -16.34 22.36
N ILE E 109 -13.61 -17.11 21.70
CA ILE E 109 -14.02 -18.20 20.82
C ILE E 109 -13.85 -19.51 21.59
N PHE E 110 -14.96 -20.18 21.84
CA PHE E 110 -14.95 -21.43 22.57
C PHE E 110 -15.01 -22.62 21.60
N ALA E 111 -13.82 -23.13 21.28
CA ALA E 111 -13.66 -24.25 20.37
C ALA E 111 -14.00 -25.55 21.08
N ARG E 112 -14.56 -26.49 20.35
CA ARG E 112 -14.95 -27.74 20.97
C ARG E 112 -14.89 -28.94 20.03
N ILE E 113 -13.84 -29.76 20.12
CA ILE E 113 -13.73 -30.95 19.26
C ILE E 113 -14.21 -32.16 20.03
N THR E 114 -15.08 -32.93 19.38
CA THR E 114 -15.67 -34.12 19.97
C THR E 114 -16.04 -35.12 18.88
N GLY E 115 -15.57 -36.35 19.02
CA GLY E 115 -15.94 -37.33 18.01
C GLY E 115 -17.44 -37.46 17.90
N TRP E 116 -18.14 -37.13 18.98
CA TRP E 116 -19.59 -37.25 18.98
C TRP E 116 -20.29 -35.92 18.98
N GLY E 117 -19.60 -34.89 19.48
CA GLY E 117 -20.19 -33.57 19.55
C GLY E 117 -20.73 -33.30 20.94
N GLN E 118 -21.50 -32.23 21.11
CA GLN E 118 -22.02 -31.95 22.44
C GLN E 118 -23.32 -32.69 22.75
N ASP E 119 -24.34 -32.52 21.89
CA ASP E 119 -25.64 -33.17 22.09
C ASP E 119 -25.74 -34.49 21.35
N GLY E 120 -26.69 -35.32 21.74
CA GLY E 120 -26.88 -36.60 21.06
C GLY E 120 -26.74 -37.80 21.96
N PRO E 121 -27.52 -38.87 21.71
CA PRO E 121 -27.49 -40.11 22.50
C PRO E 121 -26.13 -40.79 22.60
N LEU E 122 -25.19 -40.35 21.78
CA LEU E 122 -23.85 -40.90 21.84
C LEU E 122 -22.89 -39.88 22.45
N ALA E 123 -23.36 -38.64 22.66
CA ALA E 123 -22.56 -37.55 23.21
C ALA E 123 -21.68 -37.93 24.40
N SER E 124 -22.32 -38.49 25.43
CA SER E 124 -21.63 -38.91 26.65
C SER E 124 -20.74 -40.13 26.45
N THR E 125 -21.10 -40.98 25.49
CA THR E 125 -20.35 -42.20 25.19
C THR E 125 -18.89 -41.90 24.81
N ALA E 126 -17.99 -42.85 25.06
CA ALA E 126 -16.57 -42.69 24.74
C ALA E 126 -16.15 -43.38 23.45
N GLY E 127 -15.00 -42.98 22.91
CA GLY E 127 -14.53 -43.60 21.68
C GLY E 127 -13.33 -42.93 21.04
N HIS E 128 -12.84 -43.51 19.95
CA HIS E 128 -11.70 -42.99 19.22
C HIS E 128 -11.95 -43.06 17.73
N ASP E 129 -11.12 -42.38 16.94
CA ASP E 129 -11.24 -42.34 15.47
C ASP E 129 -11.96 -43.58 14.86
N ILE E 130 -11.35 -44.75 14.98
CA ILE E 130 -11.95 -45.95 14.42
C ILE E 130 -13.47 -45.96 14.67
N ASN E 131 -13.86 -45.63 15.89
CA ASN E 131 -15.26 -45.62 16.28
C ASN E 131 -16.08 -44.53 15.60
N TYR E 132 -15.61 -43.28 15.65
CA TYR E 132 -16.34 -42.17 15.02
C TYR E 132 -16.61 -42.52 13.56
N LEU E 133 -15.64 -43.17 12.92
CA LEU E 133 -15.80 -43.52 11.53
C LEU E 133 -16.90 -44.56 11.32
N SER E 134 -17.02 -45.50 12.26
CA SER E 134 -18.02 -46.56 12.13
C SER E 134 -19.43 -45.99 11.93
N GLN E 135 -19.78 -44.96 12.69
CA GLN E 135 -21.11 -44.37 12.60
C GLN E 135 -21.40 -43.52 11.36
N THR E 136 -20.43 -43.36 10.46
CA THR E 136 -20.65 -42.52 9.28
C THR E 136 -20.83 -43.34 8.02
N GLY E 137 -20.18 -44.49 7.96
CA GLY E 137 -20.30 -45.31 6.76
C GLY E 137 -19.02 -45.20 5.97
N ALA E 138 -18.12 -44.36 6.45
CA ALA E 138 -16.83 -44.17 5.81
C ALA E 138 -15.94 -45.38 6.08
N LEU E 139 -16.00 -45.90 7.29
CA LEU E 139 -15.17 -47.06 7.64
C LEU E 139 -15.63 -48.30 6.90
N ALA E 140 -16.94 -48.39 6.67
CA ALA E 140 -17.52 -49.52 5.99
C ALA E 140 -17.20 -49.57 4.51
N ALA E 141 -16.37 -48.64 4.04
CA ALA E 141 -16.02 -48.64 2.62
C ALA E 141 -14.51 -48.72 2.46
N PHE E 142 -13.85 -49.21 3.50
CA PHE E 142 -12.41 -49.32 3.49
C PHE E 142 -11.91 -50.76 3.49
N GLY E 143 -10.76 -50.97 2.86
CA GLY E 143 -10.15 -52.29 2.84
C GLY E 143 -10.68 -53.26 1.82
N TYR E 144 -10.14 -54.47 1.87
CA TYR E 144 -10.52 -55.54 0.98
C TYR E 144 -11.82 -56.17 1.44
N ALA E 145 -12.57 -56.72 0.51
CA ALA E 145 -13.84 -57.35 0.80
C ALA E 145 -13.78 -58.53 1.78
N ASP E 146 -12.89 -59.47 1.51
CA ASP E 146 -12.75 -60.68 2.32
C ASP E 146 -12.26 -60.50 3.76
N ARG E 147 -11.87 -59.29 4.14
CA ARG E 147 -11.38 -59.05 5.49
C ARG E 147 -12.08 -57.87 6.13
N PRO E 148 -11.96 -57.76 7.46
CA PRO E 148 -12.63 -56.64 8.11
C PRO E 148 -12.03 -55.31 7.69
N PRO E 149 -12.79 -54.24 7.89
CA PRO E 149 -12.27 -52.92 7.52
C PRO E 149 -11.04 -52.62 8.37
N MET E 150 -10.04 -51.96 7.77
CA MET E 150 -8.84 -51.56 8.51
C MET E 150 -8.80 -50.03 8.48
N PRO E 151 -8.74 -49.41 9.66
CA PRO E 151 -8.70 -47.94 9.83
C PRO E 151 -7.36 -47.32 9.46
N PRO E 152 -7.37 -46.28 8.60
CA PRO E 152 -6.18 -45.54 8.13
C PRO E 152 -5.54 -44.79 9.29
N LEU E 153 -5.12 -45.54 10.31
CA LEU E 153 -4.56 -44.92 11.50
C LEU E 153 -5.69 -44.05 12.02
N ASN E 154 -5.39 -42.81 12.37
CA ASN E 154 -6.44 -41.96 12.85
C ASN E 154 -6.48 -40.65 12.07
N LEU E 155 -5.99 -40.74 10.84
CA LEU E 155 -5.92 -39.60 9.94
C LEU E 155 -7.25 -39.04 9.44
N VAL E 156 -8.27 -39.88 9.29
CA VAL E 156 -9.53 -39.37 8.77
C VAL E 156 -10.31 -38.54 9.77
N ALA E 157 -10.79 -39.16 10.85
CA ALA E 157 -11.61 -38.48 11.88
C ALA E 157 -10.86 -37.60 12.88
N ASP E 158 -9.81 -38.16 13.49
CA ASP E 158 -8.99 -37.45 14.48
C ASP E 158 -8.38 -36.15 13.94
N PHE E 159 -7.86 -36.19 12.72
CA PHE E 159 -7.22 -35.01 12.13
C PHE E 159 -7.95 -34.42 10.92
N GLY E 160 -8.13 -35.24 9.88
CA GLY E 160 -8.80 -34.77 8.69
C GLY E 160 -10.21 -34.26 8.94
N GLY E 161 -10.99 -35.05 9.68
CA GLY E 161 -12.37 -34.68 10.00
C GLY E 161 -12.59 -34.20 11.44
N GLY E 162 -11.51 -33.98 12.18
CA GLY E 162 -11.63 -33.52 13.55
C GLY E 162 -10.75 -32.30 13.81
N SER E 163 -9.44 -32.55 13.88
CA SER E 163 -8.45 -31.51 14.10
C SER E 163 -8.65 -30.40 13.07
N MET E 164 -8.61 -30.74 11.78
CA MET E 164 -8.80 -29.77 10.69
C MET E 164 -10.14 -29.03 10.75
N LEU E 165 -11.15 -29.66 11.35
CA LEU E 165 -12.47 -29.06 11.48
C LEU E 165 -12.46 -27.89 12.43
N VAL E 166 -12.18 -28.19 13.69
CA VAL E 166 -12.16 -27.16 14.72
C VAL E 166 -11.24 -26.03 14.31
N LEU E 167 -10.21 -26.38 13.56
CA LEU E 167 -9.26 -25.38 13.09
C LEU E 167 -9.99 -24.42 12.16
N LEU E 168 -10.80 -24.96 11.25
CA LEU E 168 -11.56 -24.15 10.31
C LEU E 168 -12.58 -23.37 11.11
N GLY E 169 -13.20 -24.05 12.07
CA GLY E 169 -14.19 -23.40 12.90
C GLY E 169 -13.60 -22.19 13.60
N ILE E 170 -12.47 -22.41 14.27
CA ILE E 170 -11.79 -21.34 14.98
C ILE E 170 -11.43 -20.15 14.10
N VAL E 171 -10.62 -20.38 13.08
CA VAL E 171 -10.20 -19.32 12.17
C VAL E 171 -11.39 -18.62 11.57
N VAL E 172 -12.46 -19.38 11.33
CA VAL E 172 -13.67 -18.80 10.78
C VAL E 172 -14.28 -17.93 11.88
N ALA E 173 -14.47 -18.50 13.06
CA ALA E 173 -15.04 -17.74 14.17
C ALA E 173 -14.22 -16.47 14.43
N LEU E 174 -12.93 -16.52 14.11
CA LEU E 174 -12.03 -15.37 14.28
C LEU E 174 -12.35 -14.28 13.29
N TYR E 175 -12.55 -14.65 12.02
CA TYR E 175 -12.90 -13.71 10.95
C TYR E 175 -14.29 -13.13 11.27
N GLU E 176 -15.21 -14.00 11.70
CA GLU E 176 -16.56 -13.59 12.07
C GLU E 176 -16.48 -12.46 13.07
N ARG E 177 -15.98 -12.79 14.26
CA ARG E 177 -15.82 -11.84 15.33
C ARG E 177 -14.96 -10.63 14.93
N GLU E 178 -14.05 -10.79 13.97
CA GLU E 178 -13.20 -9.67 13.57
C GLU E 178 -14.00 -8.53 12.96
N ARG E 179 -15.30 -8.75 12.85
CA ARG E 179 -16.21 -7.76 12.28
C ARG E 179 -17.45 -7.69 13.17
N SER E 180 -17.79 -8.81 13.78
CA SER E 180 -18.95 -8.90 14.66
C SER E 180 -18.61 -8.50 16.10
N GLY E 181 -17.32 -8.55 16.42
CA GLY E 181 -16.86 -8.18 17.75
C GLY E 181 -17.14 -9.24 18.81
N VAL E 182 -18.31 -9.86 18.74
CA VAL E 182 -18.70 -10.88 19.70
C VAL E 182 -18.13 -12.25 19.35
N GLY E 183 -17.59 -12.94 20.34
CA GLY E 183 -17.05 -14.27 20.09
C GLY E 183 -18.22 -15.23 20.20
N GLN E 184 -17.95 -16.53 20.14
CA GLN E 184 -19.01 -17.54 20.25
C GLN E 184 -18.45 -18.95 20.36
N VAL E 185 -19.32 -19.89 20.67
CA VAL E 185 -18.91 -21.29 20.79
C VAL E 185 -18.91 -21.92 19.41
N VAL E 186 -17.93 -22.78 19.16
CA VAL E 186 -17.79 -23.50 17.89
C VAL E 186 -17.81 -24.99 18.17
N ASP E 187 -18.89 -25.65 17.78
CA ASP E 187 -18.99 -27.09 18.00
C ASP E 187 -18.43 -27.82 16.79
N ALA E 188 -17.40 -28.62 17.05
CA ALA E 188 -16.73 -29.42 16.02
C ALA E 188 -16.94 -30.88 16.39
N ALA E 189 -17.65 -31.61 15.55
CA ALA E 189 -17.91 -33.02 15.80
C ALA E 189 -17.26 -33.85 14.73
N MET E 190 -16.31 -34.68 15.13
CA MET E 190 -15.64 -35.53 14.16
C MET E 190 -16.66 -36.30 13.30
N VAL E 191 -17.54 -37.05 13.95
CA VAL E 191 -18.54 -37.81 13.21
C VAL E 191 -19.10 -36.93 12.07
N ASP E 192 -19.23 -35.63 12.34
CA ASP E 192 -19.70 -34.64 11.37
C ASP E 192 -18.60 -34.49 10.30
N GLY E 193 -17.46 -33.97 10.74
CA GLY E 193 -16.34 -33.77 9.85
C GLY E 193 -16.22 -34.91 8.87
N VAL E 194 -15.96 -36.10 9.40
CA VAL E 194 -15.83 -37.26 8.56
C VAL E 194 -16.99 -37.33 7.55
N SER E 195 -18.24 -37.15 7.98
CA SER E 195 -19.30 -37.22 6.99
C SER E 195 -19.19 -36.14 5.93
N VAL E 196 -18.80 -34.93 6.34
CA VAL E 196 -18.65 -33.83 5.40
C VAL E 196 -17.49 -34.14 4.45
N LEU E 197 -16.47 -34.82 4.97
CA LEU E 197 -15.33 -35.20 4.14
C LEU E 197 -15.77 -36.21 3.09
N ALA E 198 -16.94 -36.78 3.30
CA ALA E 198 -17.43 -37.78 2.38
C ALA E 198 -18.57 -37.32 1.50
N GLN E 199 -18.77 -36.01 1.35
CA GLN E 199 -19.86 -35.52 0.49
C GLN E 199 -19.80 -36.21 -0.86
N MET E 200 -18.62 -36.19 -1.47
CA MET E 200 -18.46 -36.80 -2.76
C MET E 200 -19.13 -38.16 -2.79
N MET E 201 -19.05 -38.89 -1.67
CA MET E 201 -19.67 -40.21 -1.55
C MET E 201 -21.17 -40.10 -1.47
N TRP E 202 -21.64 -39.07 -0.77
CA TRP E 202 -23.07 -38.89 -0.67
C TRP E 202 -23.61 -38.50 -2.03
N THR E 203 -22.86 -37.73 -2.81
CA THR E 203 -23.34 -37.38 -4.15
C THR E 203 -23.51 -38.66 -4.91
N MET E 204 -22.48 -39.50 -4.85
CA MET E 204 -22.48 -40.79 -5.54
C MET E 204 -23.68 -41.66 -5.22
N LYS E 205 -24.01 -41.77 -3.93
CA LYS E 205 -25.12 -42.59 -3.54
C LYS E 205 -26.39 -42.13 -4.25
N GLY E 206 -26.65 -40.83 -4.26
CA GLY E 206 -27.83 -40.32 -4.93
C GLY E 206 -27.85 -40.77 -6.39
N ILE E 207 -26.78 -40.45 -7.09
CA ILE E 207 -26.61 -40.81 -8.50
C ILE E 207 -26.77 -42.31 -8.75
N GLY E 208 -26.34 -43.12 -7.79
CA GLY E 208 -26.46 -44.56 -7.97
C GLY E 208 -25.16 -45.16 -8.45
N SER E 209 -24.06 -44.47 -8.15
CA SER E 209 -22.73 -44.89 -8.51
C SER E 209 -22.16 -45.92 -7.55
N LEU E 210 -22.71 -45.99 -6.34
CA LEU E 210 -22.21 -46.97 -5.37
C LEU E 210 -23.01 -48.25 -5.38
N ARG E 211 -22.33 -49.36 -5.15
CA ARG E 211 -23.03 -50.63 -5.09
C ARG E 211 -22.95 -51.06 -3.63
N ASP E 212 -23.29 -52.30 -3.34
CA ASP E 212 -23.29 -52.74 -1.97
C ASP E 212 -22.04 -53.44 -1.41
N GLN E 213 -21.21 -54.00 -2.27
CA GLN E 213 -20.02 -54.69 -1.80
C GLN E 213 -18.78 -53.78 -1.95
N ARG E 214 -17.63 -54.21 -1.42
CA ARG E 214 -16.42 -53.41 -1.51
C ARG E 214 -15.65 -53.65 -2.80
N GLU E 215 -14.53 -52.96 -2.99
CA GLU E 215 -13.73 -53.12 -4.21
C GLU E 215 -14.58 -53.05 -5.47
N SER E 216 -15.59 -52.17 -5.44
CA SER E 216 -16.52 -52.03 -6.56
C SER E 216 -16.86 -50.58 -6.97
N PHE E 217 -16.02 -49.64 -6.53
CA PHE E 217 -16.19 -48.21 -6.81
C PHE E 217 -14.92 -47.72 -7.48
N LEU E 218 -14.89 -46.47 -7.87
CA LEU E 218 -13.72 -45.90 -8.54
C LEU E 218 -12.54 -45.66 -7.63
N LEU E 219 -12.83 -45.44 -6.34
CA LEU E 219 -11.77 -45.10 -5.41
C LEU E 219 -11.62 -45.99 -4.19
N ASP E 220 -12.27 -47.15 -4.20
CA ASP E 220 -12.17 -48.09 -3.09
C ASP E 220 -11.42 -49.34 -3.55
N GLY E 221 -10.70 -49.21 -4.66
CA GLY E 221 -9.94 -50.33 -5.17
C GLY E 221 -10.69 -51.14 -6.22
N GLY E 222 -11.97 -50.83 -6.38
CA GLY E 222 -12.77 -51.55 -7.37
C GLY E 222 -12.15 -51.48 -8.75
N ALA E 223 -11.46 -50.39 -9.02
CA ALA E 223 -10.84 -50.27 -10.32
C ALA E 223 -9.42 -50.77 -10.21
N PRO E 224 -8.98 -51.57 -11.20
CA PRO E 224 -7.62 -52.08 -11.16
C PRO E 224 -6.62 -50.97 -11.50
N PHE E 225 -7.08 -49.93 -12.19
CA PHE E 225 -6.21 -48.83 -12.58
C PHE E 225 -6.11 -47.73 -11.54
N TYR E 226 -6.58 -48.04 -10.33
CA TYR E 226 -6.54 -47.11 -9.19
C TYR E 226 -6.36 -47.91 -7.89
N ARG E 227 -5.15 -48.43 -7.70
CA ARG E 227 -4.81 -49.21 -6.52
C ARG E 227 -3.28 -49.39 -6.42
N CYS E 228 -2.85 -50.25 -5.49
CA CYS E 228 -1.43 -50.47 -5.33
C CYS E 228 -1.03 -51.87 -5.83
N TYR E 229 0.17 -51.94 -6.41
CA TYR E 229 0.71 -53.21 -6.90
C TYR E 229 2.04 -53.56 -6.22
N GLU E 230 2.28 -54.86 -6.06
CA GLU E 230 3.51 -55.30 -5.42
C GLU E 230 4.59 -55.50 -6.47
N THR E 231 5.71 -54.80 -6.29
CA THR E 231 6.85 -54.88 -7.21
C THR E 231 7.54 -56.23 -7.05
N SER E 232 8.61 -56.42 -7.82
CA SER E 232 9.36 -57.67 -7.76
C SER E 232 10.15 -57.79 -6.46
N ASP E 233 10.66 -56.65 -5.96
CA ASP E 233 11.45 -56.65 -4.73
C ASP E 233 10.61 -56.40 -3.47
N GLY E 234 9.47 -57.07 -3.39
CA GLY E 234 8.58 -56.96 -2.23
C GLY E 234 8.03 -55.60 -1.85
N LYS E 235 8.29 -54.61 -2.69
CA LYS E 235 7.82 -53.26 -2.45
C LYS E 235 6.48 -53.08 -3.18
N TYR E 236 5.95 -51.87 -3.12
CA TYR E 236 4.67 -51.57 -3.74
C TYR E 236 4.71 -50.29 -4.54
N MET E 237 3.75 -50.15 -5.44
CA MET E 237 3.60 -48.97 -6.31
C MET E 237 2.16 -48.44 -6.21
N ALA E 238 1.99 -47.16 -6.46
CA ALA E 238 0.65 -46.58 -6.41
C ALA E 238 0.25 -46.16 -7.81
N VAL E 239 -0.95 -46.58 -8.19
CA VAL E 239 -1.48 -46.25 -9.51
C VAL E 239 -2.82 -45.53 -9.40
N GLY E 240 -2.96 -44.46 -10.16
CA GLY E 240 -4.19 -43.72 -10.13
C GLY E 240 -4.53 -43.22 -11.53
N ALA E 241 -4.22 -44.02 -12.54
CA ALA E 241 -4.50 -43.62 -13.90
C ALA E 241 -6.00 -43.64 -14.12
N ILE E 242 -6.69 -42.62 -13.62
CA ILE E 242 -8.14 -42.57 -13.76
C ILE E 242 -8.57 -42.03 -15.11
N GLU E 243 -7.96 -40.94 -15.56
CA GLU E 243 -8.33 -40.37 -16.85
C GLU E 243 -7.82 -41.22 -18.01
N PRO E 244 -8.48 -41.14 -19.18
CA PRO E 244 -8.06 -41.93 -20.35
C PRO E 244 -6.59 -41.74 -20.74
N GLN E 245 -6.13 -40.48 -20.75
CA GLN E 245 -4.76 -40.16 -21.10
C GLN E 245 -3.76 -40.83 -20.18
N PHE E 246 -4.01 -40.69 -18.88
CA PHE E 246 -3.14 -41.28 -17.89
C PHE E 246 -3.16 -42.82 -17.96
N PHE E 247 -4.32 -43.41 -18.24
CA PHE E 247 -4.45 -44.86 -18.38
C PHE E 247 -3.61 -45.26 -19.60
N ALA E 248 -3.49 -44.31 -20.54
CA ALA E 248 -2.69 -44.49 -21.74
C ALA E 248 -1.24 -44.66 -21.32
N ALA E 249 -0.72 -43.67 -20.61
CA ALA E 249 0.66 -43.75 -20.14
C ALA E 249 0.89 -45.02 -19.34
N LEU E 250 0.07 -45.23 -18.31
CA LEU E 250 0.18 -46.41 -17.44
C LEU E 250 0.36 -47.68 -18.27
N LEU E 251 -0.28 -47.72 -19.42
CA LEU E 251 -0.18 -48.87 -20.29
C LEU E 251 1.13 -48.84 -21.06
N SER E 252 1.56 -47.64 -21.46
CA SER E 252 2.81 -47.47 -22.20
C SER E 252 4.01 -47.93 -21.38
N GLY E 253 4.29 -47.21 -20.30
CA GLY E 253 5.42 -47.55 -19.45
C GLY E 253 5.34 -48.98 -18.92
N LEU E 254 4.14 -49.55 -18.98
CA LEU E 254 3.92 -50.92 -18.49
C LEU E 254 4.27 -51.95 -19.57
N GLY E 255 4.49 -51.47 -20.79
CA GLY E 255 4.84 -52.34 -21.89
C GLY E 255 3.69 -53.16 -22.42
N LEU E 256 2.51 -52.56 -22.44
CA LEU E 256 1.30 -53.25 -22.91
C LEU E 256 0.57 -52.40 -23.96
N SER E 257 0.08 -53.05 -25.02
CA SER E 257 -0.66 -52.35 -26.06
C SER E 257 -2.09 -52.17 -25.60
N ALA E 258 -2.72 -51.08 -26.01
CA ALA E 258 -4.09 -50.86 -25.61
C ALA E 258 -4.89 -52.12 -25.90
N ALA E 259 -4.82 -52.59 -27.13
CA ALA E 259 -5.57 -53.76 -27.53
C ALA E 259 -5.06 -55.04 -26.87
N ASP E 260 -4.12 -54.90 -25.94
CA ASP E 260 -3.55 -56.07 -25.26
C ASP E 260 -4.24 -56.29 -23.92
N VAL E 261 -4.90 -55.24 -23.41
CA VAL E 261 -5.59 -55.35 -22.14
C VAL E 261 -7.01 -54.83 -22.28
N PRO E 262 -7.87 -55.18 -21.31
CA PRO E 262 -9.28 -54.76 -21.30
C PRO E 262 -9.42 -53.26 -21.34
N THR E 263 -10.57 -52.79 -21.79
CA THR E 263 -10.85 -51.35 -21.87
C THR E 263 -11.44 -50.84 -20.57
N GLN E 264 -11.00 -49.66 -20.13
CA GLN E 264 -11.49 -49.06 -18.90
C GLN E 264 -12.97 -49.25 -18.74
N LEU E 265 -13.70 -49.04 -19.83
CA LEU E 265 -15.15 -49.18 -19.83
C LEU E 265 -15.61 -50.64 -19.68
N ASP E 266 -14.73 -51.60 -19.93
CA ASP E 266 -15.12 -53.00 -19.81
C ASP E 266 -14.96 -53.49 -18.37
N VAL E 267 -15.73 -52.90 -17.46
CA VAL E 267 -15.66 -53.26 -16.05
C VAL E 267 -15.75 -54.76 -15.81
N ALA E 268 -16.45 -55.47 -16.68
CA ALA E 268 -16.60 -56.91 -16.53
C ALA E 268 -15.28 -57.61 -16.73
N GLY E 269 -14.38 -56.94 -17.45
CA GLY E 269 -13.07 -57.49 -17.68
C GLY E 269 -12.02 -56.87 -16.78
N TYR E 270 -12.45 -56.26 -15.67
CA TYR E 270 -11.52 -55.65 -14.72
C TYR E 270 -10.64 -56.70 -14.07
N PRO E 271 -11.25 -57.79 -13.60
CA PRO E 271 -10.51 -58.88 -12.94
C PRO E 271 -9.33 -59.35 -13.77
N GLN E 272 -9.52 -59.40 -15.09
CA GLN E 272 -8.47 -59.84 -15.98
C GLN E 272 -7.41 -58.75 -16.13
N MET E 273 -7.84 -57.48 -16.10
CA MET E 273 -6.93 -56.35 -16.23
C MET E 273 -5.97 -56.32 -15.04
N TYR E 274 -6.51 -56.67 -13.88
CA TYR E 274 -5.76 -56.71 -12.63
C TYR E 274 -4.69 -57.76 -12.72
N ASP E 275 -5.08 -58.97 -13.14
CA ASP E 275 -4.11 -60.06 -13.25
C ASP E 275 -2.97 -59.65 -14.16
N ILE E 276 -3.29 -58.93 -15.23
CA ILE E 276 -2.28 -58.47 -16.19
C ILE E 276 -1.42 -57.36 -15.61
N PHE E 277 -2.00 -56.56 -14.72
CA PHE E 277 -1.26 -55.46 -14.11
C PHE E 277 -0.31 -55.99 -13.02
N ALA E 278 -0.72 -57.04 -12.34
CA ALA E 278 0.09 -57.63 -11.27
C ALA E 278 1.26 -58.44 -11.81
N GLU E 279 0.98 -59.35 -12.75
CA GLU E 279 2.01 -60.19 -13.34
C GLU E 279 3.09 -59.30 -13.99
N ARG E 280 2.71 -58.08 -14.37
CA ARG E 280 3.64 -57.15 -15.01
C ARG E 280 4.37 -56.23 -14.02
N PHE E 281 3.62 -55.63 -13.10
CA PHE E 281 4.23 -54.74 -12.11
C PHE E 281 5.21 -55.52 -11.23
N ALA E 282 4.93 -56.81 -11.02
CA ALA E 282 5.77 -57.66 -10.19
C ALA E 282 7.00 -58.22 -10.94
N SER E 283 7.20 -57.78 -12.18
CA SER E 283 8.36 -58.24 -12.94
C SER E 283 9.53 -57.31 -12.75
N ARG E 284 9.30 -56.19 -12.05
CA ARG E 284 10.36 -55.23 -11.77
C ARG E 284 10.33 -54.73 -10.34
N THR E 285 11.41 -54.06 -9.94
CA THR E 285 11.59 -53.52 -8.59
C THR E 285 11.12 -52.07 -8.49
N ARG E 286 10.60 -51.71 -7.32
CA ARG E 286 10.11 -50.37 -7.10
C ARG E 286 10.98 -49.32 -7.81
N ASP E 287 12.27 -49.32 -7.50
CA ASP E 287 13.19 -48.36 -8.09
C ASP E 287 13.13 -48.36 -9.61
N GLU E 288 13.17 -49.55 -10.21
CA GLU E 288 13.12 -49.67 -11.67
C GLU E 288 11.84 -49.02 -12.22
N TRP E 289 10.69 -49.42 -11.70
CA TRP E 289 9.41 -48.88 -12.14
C TRP E 289 9.35 -47.37 -11.95
N THR E 290 9.75 -46.91 -10.76
CA THR E 290 9.76 -45.50 -10.45
C THR E 290 10.46 -44.73 -11.58
N ARG E 291 11.48 -45.35 -12.15
CA ARG E 291 12.25 -44.74 -13.24
C ARG E 291 11.42 -44.64 -14.51
N VAL E 292 10.70 -45.72 -14.81
CA VAL E 292 9.87 -45.80 -16.00
C VAL E 292 8.91 -44.63 -16.12
N PHE E 293 8.04 -44.48 -15.12
CA PHE E 293 7.02 -43.42 -15.11
C PHE E 293 7.50 -42.11 -14.54
N ALA E 294 8.82 -41.96 -14.44
CA ALA E 294 9.39 -40.73 -13.93
C ALA E 294 8.98 -39.58 -14.85
N GLY E 295 8.13 -38.71 -14.34
CA GLY E 295 7.72 -37.59 -15.18
C GLY E 295 6.42 -37.82 -15.92
N THR E 296 6.28 -38.97 -16.57
CA THR E 296 5.06 -39.28 -17.31
C THR E 296 3.83 -39.17 -16.41
N ASP E 297 2.72 -38.67 -16.97
CA ASP E 297 1.48 -38.52 -16.21
C ASP E 297 0.71 -39.83 -16.06
N ALA E 298 1.45 -40.92 -15.99
CA ALA E 298 0.84 -42.23 -15.83
C ALA E 298 0.27 -42.40 -14.43
N CYS E 299 0.24 -41.32 -13.65
CA CYS E 299 -0.25 -41.35 -12.28
C CYS E 299 0.21 -42.59 -11.53
N VAL E 300 1.46 -42.96 -11.78
CA VAL E 300 2.10 -44.11 -11.15
C VAL E 300 3.29 -43.60 -10.37
N THR E 301 3.28 -43.85 -9.07
CA THR E 301 4.37 -43.42 -8.21
C THR E 301 4.73 -44.51 -7.22
N PRO E 302 5.90 -44.39 -6.59
CA PRO E 302 6.35 -45.38 -5.61
C PRO E 302 5.87 -45.07 -4.20
N VAL E 303 5.42 -46.11 -3.51
CA VAL E 303 4.97 -45.98 -2.12
C VAL E 303 6.26 -45.79 -1.32
N LEU E 304 6.30 -44.85 -0.39
CA LEU E 304 7.51 -44.63 0.39
C LEU E 304 7.26 -44.81 1.86
N ALA E 305 8.21 -45.40 2.56
CA ALA E 305 8.06 -45.60 3.98
C ALA E 305 8.33 -44.26 4.63
N TRP E 306 7.91 -44.10 5.90
CA TRP E 306 8.12 -42.86 6.62
C TRP E 306 9.54 -42.32 6.44
N SER E 307 10.51 -43.15 6.76
CA SER E 307 11.89 -42.77 6.61
C SER E 307 12.20 -42.51 5.13
N GLU E 308 11.62 -43.31 4.23
CA GLU E 308 11.83 -43.15 2.79
C GLU E 308 11.34 -41.80 2.25
N ALA E 309 10.24 -41.30 2.85
CA ALA E 309 9.66 -40.04 2.44
C ALA E 309 10.53 -38.88 2.85
N ALA E 310 11.05 -38.97 4.07
CA ALA E 310 11.90 -37.92 4.60
C ALA E 310 12.98 -37.51 3.62
N ASN E 311 13.53 -38.48 2.88
CA ASN E 311 14.60 -38.23 1.91
C ASN E 311 14.09 -38.03 0.49
N ASN E 312 12.77 -38.04 0.31
CA ASN E 312 12.18 -37.87 -1.01
C ASN E 312 12.62 -36.58 -1.71
N ASP E 313 13.15 -36.73 -2.90
CA ASP E 313 13.62 -35.59 -3.68
C ASP E 313 12.62 -34.46 -3.66
N HIS E 314 11.45 -34.69 -4.23
CA HIS E 314 10.39 -33.68 -4.29
C HIS E 314 9.99 -33.12 -2.92
N LEU E 315 9.74 -34.01 -1.97
CA LEU E 315 9.33 -33.62 -0.62
C LEU E 315 10.43 -32.84 0.10
N LYS E 316 11.66 -32.98 -0.36
CA LYS E 316 12.77 -32.27 0.23
C LYS E 316 12.81 -30.85 -0.32
N ALA E 317 12.78 -30.74 -1.66
CA ALA E 317 12.80 -29.46 -2.33
C ALA E 317 11.73 -28.49 -1.82
N ARG E 318 10.48 -28.95 -1.74
CA ARG E 318 9.38 -28.10 -1.28
C ARG E 318 9.62 -27.81 0.18
N SER E 319 10.32 -28.74 0.83
CA SER E 319 10.62 -28.63 2.25
C SER E 319 9.38 -29.00 3.03
N THR E 320 8.74 -30.11 2.65
CA THR E 320 7.54 -30.59 3.32
C THR E 320 7.93 -31.28 4.63
N VAL E 321 8.77 -32.30 4.52
CA VAL E 321 9.27 -32.99 5.71
C VAL E 321 10.66 -32.42 5.93
N ILE E 322 10.81 -31.68 7.02
CA ILE E 322 12.08 -31.04 7.35
C ILE E 322 12.73 -31.61 8.59
N THR E 323 14.00 -31.26 8.80
CA THR E 323 14.71 -31.71 9.98
C THR E 323 14.99 -30.45 10.81
N ALA E 324 14.28 -30.30 11.92
CA ALA E 324 14.44 -29.12 12.76
C ALA E 324 15.27 -29.35 14.01
N HIS E 325 14.80 -28.84 15.14
CA HIS E 325 15.54 -28.97 16.38
C HIS E 325 15.61 -30.41 16.79
N GLY E 326 16.36 -31.22 16.04
CA GLY E 326 16.47 -32.61 16.41
C GLY E 326 15.84 -33.58 15.43
N VAL E 327 14.65 -34.11 15.73
CA VAL E 327 14.05 -35.08 14.82
C VAL E 327 13.27 -34.51 13.65
N GLN E 328 13.21 -35.31 12.59
CA GLN E 328 12.51 -34.93 11.36
C GLN E 328 11.01 -34.80 11.58
N GLN E 329 10.39 -33.81 10.92
CA GLN E 329 8.95 -33.54 11.02
C GLN E 329 8.30 -32.90 9.78
N ALA E 330 6.99 -32.69 9.85
CA ALA E 330 6.24 -32.09 8.76
C ALA E 330 6.19 -30.58 8.88
N ALA E 331 6.78 -29.88 7.91
CA ALA E 331 6.78 -28.42 7.96
C ALA E 331 5.34 -27.93 8.09
N PRO E 332 5.16 -26.65 8.44
CA PRO E 332 3.84 -26.03 8.61
C PRO E 332 3.12 -25.96 7.27
N ALA E 333 1.80 -25.83 7.33
CA ALA E 333 0.98 -25.74 6.14
C ALA E 333 -0.35 -25.00 6.39
N PRO E 334 -0.93 -24.41 5.35
CA PRO E 334 -0.42 -24.39 3.98
C PRO E 334 0.54 -23.20 3.89
N ARG E 335 1.46 -23.27 2.94
CA ARG E 335 2.46 -22.22 2.73
C ARG E 335 1.83 -20.92 2.23
N PHE E 336 2.20 -19.80 2.85
CA PHE E 336 1.70 -18.46 2.50
C PHE E 336 2.74 -17.63 1.73
N SER E 337 2.29 -16.58 1.06
CA SER E 337 3.15 -15.73 0.24
C SER E 337 3.84 -14.53 0.90
N ARG E 338 3.05 -13.65 1.49
CA ARG E 338 3.61 -12.45 2.12
C ARG E 338 3.87 -12.62 3.63
N THR E 339 2.96 -13.29 4.32
CA THR E 339 3.07 -13.53 5.77
C THR E 339 3.15 -15.03 6.04
N PRO E 340 4.18 -15.69 5.50
CA PRO E 340 4.34 -17.12 5.70
C PRO E 340 4.59 -17.49 7.15
N ALA E 341 4.77 -18.78 7.40
CA ALA E 341 5.05 -19.27 8.73
C ALA E 341 6.57 -19.20 8.89
N GLY E 342 7.03 -18.58 9.97
CA GLY E 342 8.46 -18.48 10.22
C GLY E 342 9.07 -19.85 10.43
N PRO E 343 10.31 -19.91 10.94
CA PRO E 343 10.95 -21.22 11.16
C PRO E 343 10.32 -22.00 12.33
N VAL E 344 10.16 -23.31 12.16
CA VAL E 344 9.55 -24.14 13.18
C VAL E 344 10.22 -23.99 14.53
N ARG E 345 9.40 -24.07 15.58
CA ARG E 345 9.91 -23.95 16.95
C ARG E 345 9.81 -25.33 17.58
N PRO E 346 10.64 -25.60 18.60
CA PRO E 346 10.62 -26.90 19.27
C PRO E 346 9.57 -26.99 20.38
N PRO E 347 9.20 -28.21 20.76
CA PRO E 347 8.22 -28.37 21.83
C PRO E 347 8.75 -27.80 23.14
N PRO E 348 7.86 -27.27 23.98
CA PRO E 348 8.21 -26.69 25.27
C PRO E 348 8.97 -27.65 26.16
N ALA E 349 10.30 -27.57 26.14
CA ALA E 349 11.16 -28.41 26.97
C ALA E 349 10.88 -28.20 28.46
N ALA E 350 10.43 -26.99 28.81
CA ALA E 350 10.11 -26.66 30.19
C ALA E 350 8.77 -25.94 30.30
N ALA E 351 8.06 -26.20 31.39
CA ALA E 351 6.76 -25.57 31.61
C ALA E 351 6.94 -24.16 32.13
N THR E 352 6.28 -23.20 31.49
CA THR E 352 6.39 -21.82 31.94
C THR E 352 5.45 -21.64 33.11
N PRO E 353 5.92 -20.97 34.18
CA PRO E 353 5.17 -20.71 35.41
C PRO E 353 3.68 -20.43 35.23
N ILE E 354 3.33 -19.16 35.30
CA ILE E 354 1.95 -18.71 35.17
C ILE E 354 2.03 -17.21 35.33
N ASP E 355 3.06 -16.77 36.03
CA ASP E 355 3.29 -15.35 36.26
C ASP E 355 3.84 -14.77 34.97
N GLU E 356 4.18 -15.67 34.05
CA GLU E 356 4.72 -15.30 32.76
C GLU E 356 3.53 -15.10 31.81
N ILE E 357 2.46 -14.51 32.34
CA ILE E 357 1.23 -14.24 31.59
C ILE E 357 1.48 -13.52 30.27
N ASN E 358 2.01 -12.30 30.36
CA ASN E 358 2.29 -11.48 29.18
C ASN E 358 1.03 -11.46 28.31
N TRP E 359 -0.13 -11.44 28.96
CA TRP E 359 -1.42 -11.40 28.28
C TRP E 359 -2.30 -10.30 28.86
N GLY F 4 -26.72 -15.25 8.16
CA GLY F 4 -26.54 -16.28 7.09
C GLY F 4 -25.12 -16.79 6.90
N GLY F 5 -24.58 -17.47 7.93
CA GLY F 5 -23.23 -18.00 7.85
C GLY F 5 -22.15 -17.01 8.29
N PRO F 6 -21.13 -17.46 9.03
CA PRO F 6 -20.07 -16.56 9.49
C PRO F 6 -19.27 -16.00 8.34
N LEU F 7 -19.24 -16.73 7.22
CA LEU F 7 -18.51 -16.27 6.04
C LEU F 7 -19.40 -15.52 5.05
N ALA F 8 -20.57 -15.06 5.51
CA ALA F 8 -21.49 -14.33 4.65
C ALA F 8 -20.86 -13.04 4.15
N GLY F 9 -21.00 -12.79 2.86
CA GLY F 9 -20.42 -11.58 2.28
C GLY F 9 -19.12 -11.84 1.55
N VAL F 10 -18.63 -13.06 1.64
CA VAL F 10 -17.39 -13.40 0.98
C VAL F 10 -17.59 -13.81 -0.48
N LYS F 11 -16.96 -13.05 -1.39
CA LYS F 11 -17.06 -13.34 -2.81
C LYS F 11 -16.01 -14.40 -3.15
N VAL F 12 -16.44 -15.54 -3.66
CA VAL F 12 -15.49 -16.59 -4.00
C VAL F 12 -15.65 -17.04 -5.47
N ILE F 13 -14.50 -17.23 -6.12
CA ILE F 13 -14.48 -17.67 -7.50
C ILE F 13 -13.83 -19.04 -7.62
N GLU F 14 -14.64 -20.05 -7.93
CA GLU F 14 -14.17 -21.42 -8.08
C GLU F 14 -13.86 -21.68 -9.57
N LEU F 15 -12.69 -22.24 -9.88
CA LEU F 15 -12.30 -22.53 -11.28
C LEU F 15 -12.23 -24.01 -11.68
N GLY F 16 -11.16 -24.70 -11.28
CA GLY F 16 -11.03 -26.12 -11.60
C GLY F 16 -12.21 -26.86 -10.99
N GLY F 17 -12.68 -27.92 -11.65
CA GLY F 17 -13.84 -28.63 -11.11
C GLY F 17 -13.68 -30.10 -10.76
N ILE F 18 -12.76 -30.40 -9.83
CA ILE F 18 -12.51 -31.77 -9.42
C ILE F 18 -11.96 -31.95 -8.01
N GLY F 19 -12.63 -32.80 -7.24
CA GLY F 19 -12.23 -33.13 -5.89
C GLY F 19 -12.05 -31.97 -4.94
N PRO F 20 -10.85 -31.80 -4.38
CA PRO F 20 -10.58 -30.69 -3.45
C PRO F 20 -11.15 -29.33 -3.86
N GLY F 21 -10.79 -28.83 -5.04
CA GLY F 21 -11.30 -27.52 -5.44
C GLY F 21 -12.77 -27.31 -5.10
N PRO F 22 -13.65 -28.05 -5.77
CA PRO F 22 -15.09 -27.92 -5.53
C PRO F 22 -15.56 -28.31 -4.11
N HIS F 23 -14.93 -29.28 -3.48
CA HIS F 23 -15.36 -29.64 -2.12
C HIS F 23 -15.13 -28.45 -1.18
N ALA F 24 -14.01 -27.75 -1.37
CA ALA F 24 -13.69 -26.58 -0.54
C ALA F 24 -14.74 -25.51 -0.84
N GLY F 25 -15.02 -25.31 -2.11
CA GLY F 25 -16.02 -24.35 -2.52
C GLY F 25 -17.33 -24.61 -1.80
N MET F 26 -17.73 -25.88 -1.69
CA MET F 26 -18.99 -26.26 -1.02
C MET F 26 -19.07 -25.78 0.43
N VAL F 27 -18.03 -26.07 1.21
CA VAL F 27 -17.94 -25.67 2.62
C VAL F 27 -18.04 -24.16 2.71
N LEU F 28 -17.35 -23.48 1.79
CA LEU F 28 -17.38 -22.03 1.74
C LEU F 28 -18.83 -21.54 1.58
N ALA F 29 -19.60 -22.20 0.73
CA ALA F 29 -20.99 -21.83 0.52
C ALA F 29 -21.82 -22.22 1.75
N ASP F 30 -21.55 -23.41 2.27
CA ASP F 30 -22.26 -23.93 3.44
C ASP F 30 -22.17 -22.96 4.61
N LEU F 31 -21.04 -22.26 4.70
CA LEU F 31 -20.82 -21.31 5.77
C LEU F 31 -21.27 -19.86 5.46
N GLY F 32 -22.01 -19.68 4.37
CA GLY F 32 -22.50 -18.35 4.05
C GLY F 32 -21.85 -17.57 2.93
N ALA F 33 -20.69 -18.02 2.46
CA ALA F 33 -19.99 -17.32 1.39
C ALA F 33 -20.74 -17.34 0.06
N ASP F 34 -20.50 -16.34 -0.77
CA ASP F 34 -21.13 -16.22 -2.10
C ASP F 34 -20.13 -16.84 -3.07
N VAL F 35 -20.27 -18.14 -3.28
CA VAL F 35 -19.37 -18.86 -4.17
C VAL F 35 -19.93 -18.86 -5.57
N VAL F 36 -19.05 -18.70 -6.56
CA VAL F 36 -19.44 -18.71 -7.96
C VAL F 36 -18.41 -19.47 -8.78
N ARG F 37 -18.88 -20.58 -9.37
CA ARG F 37 -18.07 -21.42 -10.21
C ARG F 37 -17.95 -20.81 -11.59
N VAL F 38 -16.76 -20.90 -12.18
CA VAL F 38 -16.54 -20.37 -13.51
C VAL F 38 -15.97 -21.49 -14.37
N ARG F 39 -16.73 -21.92 -15.38
CA ARG F 39 -16.27 -23.01 -16.26
C ARG F 39 -16.83 -22.96 -17.66
N ARG F 40 -16.11 -23.56 -18.61
CA ARG F 40 -16.55 -23.60 -19.99
C ARG F 40 -17.90 -24.30 -20.06
N PRO F 41 -18.72 -23.96 -21.04
CA PRO F 41 -20.05 -24.54 -21.24
C PRO F 41 -20.04 -26.01 -21.64
N GLY F 42 -19.12 -26.39 -22.53
CA GLY F 42 -19.05 -27.76 -22.97
C GLY F 42 -18.62 -28.75 -21.91
N GLY F 43 -18.65 -28.31 -20.64
CA GLY F 43 -18.25 -29.16 -19.54
C GLY F 43 -18.71 -30.60 -19.64
N LEU F 44 -17.79 -31.52 -19.40
CA LEU F 44 -18.10 -32.95 -19.46
C LEU F 44 -18.10 -33.51 -18.03
N THR F 45 -18.54 -32.70 -17.07
CA THR F 45 -18.57 -33.11 -15.66
C THR F 45 -19.53 -34.26 -15.39
N MET F 46 -19.18 -35.07 -14.40
CA MET F 46 -20.01 -36.20 -14.01
C MET F 46 -20.06 -36.24 -12.50
N PRO F 47 -21.26 -36.19 -11.92
CA PRO F 47 -22.56 -36.09 -12.58
C PRO F 47 -22.85 -34.66 -12.95
N SER F 48 -24.05 -34.46 -13.47
CA SER F 48 -24.52 -33.15 -13.86
C SER F 48 -24.41 -32.21 -12.67
N GLU F 49 -23.80 -31.04 -12.86
CA GLU F 49 -23.63 -30.07 -11.80
C GLU F 49 -24.85 -29.90 -10.90
N ASP F 50 -26.03 -29.85 -11.50
CA ASP F 50 -27.26 -29.68 -10.74
C ASP F 50 -27.59 -30.86 -9.86
N ARG F 51 -26.70 -31.84 -9.82
CA ARG F 51 -26.88 -33.04 -9.01
C ARG F 51 -25.61 -33.36 -8.22
N ASP F 52 -24.71 -32.39 -8.10
CA ASP F 52 -23.46 -32.58 -7.38
C ASP F 52 -23.47 -31.82 -6.05
N LEU F 53 -23.66 -32.57 -4.97
CA LEU F 53 -23.69 -32.02 -3.62
C LEU F 53 -22.52 -31.07 -3.32
N LEU F 54 -21.45 -31.16 -4.10
CA LEU F 54 -20.29 -30.31 -3.86
C LEU F 54 -20.51 -28.92 -4.45
N HIS F 55 -21.64 -28.73 -5.10
CA HIS F 55 -21.90 -27.42 -5.67
C HIS F 55 -23.10 -26.73 -5.06
N ARG F 56 -23.79 -27.43 -4.16
CA ARG F 56 -24.95 -26.85 -3.49
C ARG F 56 -24.65 -25.43 -2.98
N GLY F 57 -25.64 -24.54 -3.15
CA GLY F 57 -25.53 -23.15 -2.69
C GLY F 57 -24.60 -22.27 -3.49
N LYS F 58 -24.03 -22.82 -4.55
CA LYS F 58 -23.09 -22.09 -5.41
C LYS F 58 -23.81 -21.64 -6.67
N ARG F 59 -23.12 -20.91 -7.52
CA ARG F 59 -23.71 -20.45 -8.77
C ARG F 59 -22.77 -20.73 -9.91
N ILE F 60 -23.26 -21.46 -10.90
CA ILE F 60 -22.45 -21.79 -12.05
C ILE F 60 -22.52 -20.67 -13.07
N VAL F 61 -21.41 -20.42 -13.75
CA VAL F 61 -21.33 -19.36 -14.76
C VAL F 61 -20.47 -19.76 -15.94
N ASP F 62 -21.08 -19.83 -17.12
CA ASP F 62 -20.35 -20.19 -18.34
C ASP F 62 -19.32 -19.07 -18.61
N LEU F 63 -18.08 -19.45 -18.92
CA LEU F 63 -17.05 -18.44 -19.19
C LEU F 63 -15.71 -19.04 -19.59
N ASP F 64 -15.58 -19.40 -20.86
CA ASP F 64 -14.34 -19.96 -21.37
C ASP F 64 -13.23 -18.96 -21.13
N VAL F 65 -12.05 -19.46 -20.78
CA VAL F 65 -10.92 -18.59 -20.51
C VAL F 65 -9.78 -18.90 -21.48
N PRO F 69 -10.56 -15.56 -23.65
CA PRO F 69 -11.49 -14.59 -23.06
C PRO F 69 -11.11 -14.28 -21.62
N GLN F 70 -10.19 -13.33 -21.46
CA GLN F 70 -9.68 -12.94 -20.14
C GLN F 70 -10.58 -11.97 -19.37
N ALA F 71 -11.77 -11.74 -19.92
CA ALA F 71 -12.73 -10.83 -19.29
C ALA F 71 -13.07 -11.20 -17.84
N MET F 72 -12.40 -12.21 -17.28
CA MET F 72 -12.68 -12.62 -15.91
C MET F 72 -11.86 -11.82 -14.91
N LEU F 73 -10.74 -11.28 -15.36
CA LEU F 73 -9.92 -10.46 -14.49
C LEU F 73 -10.83 -9.39 -13.92
N GLU F 74 -11.81 -8.99 -14.74
CA GLU F 74 -12.76 -7.96 -14.38
C GLU F 74 -13.68 -8.45 -13.25
N LEU F 75 -13.80 -9.76 -13.13
CA LEU F 75 -14.66 -10.35 -12.12
C LEU F 75 -13.91 -10.49 -10.78
N ALA F 76 -12.69 -11.00 -10.84
CA ALA F 76 -11.88 -11.18 -9.65
C ALA F 76 -11.78 -9.88 -8.87
N ALA F 77 -11.54 -8.80 -9.59
CA ALA F 77 -11.40 -7.48 -8.99
C ALA F 77 -12.51 -7.12 -8.04
N LYS F 78 -13.65 -7.77 -8.19
CA LYS F 78 -14.79 -7.47 -7.33
C LYS F 78 -14.92 -8.55 -6.26
N ALA F 79 -14.23 -9.67 -6.48
CA ALA F 79 -14.27 -10.81 -5.58
C ALA F 79 -13.22 -10.74 -4.48
N ASP F 80 -13.46 -11.50 -3.41
CA ASP F 80 -12.53 -11.57 -2.28
C ASP F 80 -11.57 -12.75 -2.44
N VAL F 81 -12.08 -13.88 -2.90
CA VAL F 81 -11.25 -15.06 -3.05
C VAL F 81 -11.34 -15.69 -4.44
N LEU F 82 -10.23 -16.24 -4.90
CA LEU F 82 -10.16 -16.91 -6.18
C LEU F 82 -9.60 -18.30 -5.90
N LEU F 83 -10.41 -19.34 -6.08
CA LEU F 83 -9.97 -20.69 -5.81
C LEU F 83 -9.43 -21.40 -7.05
N ASP F 84 -8.12 -21.32 -7.28
CA ASP F 84 -7.52 -21.96 -8.43
C ASP F 84 -7.38 -23.46 -8.16
N CYS F 85 -7.92 -24.27 -9.07
CA CYS F 85 -7.86 -25.73 -8.93
C CYS F 85 -7.20 -26.36 -10.15
N PHE F 86 -6.56 -25.57 -11.01
CA PHE F 86 -5.89 -26.09 -12.20
C PHE F 86 -4.44 -26.42 -11.88
N ARG F 87 -3.77 -27.10 -12.79
CA ARG F 87 -2.37 -27.45 -12.58
C ARG F 87 -1.60 -26.14 -12.34
N PRO F 88 -0.40 -26.23 -11.78
CA PRO F 88 0.38 -25.01 -11.54
C PRO F 88 0.75 -24.44 -12.89
N GLY F 89 0.66 -23.12 -13.02
CA GLY F 89 0.99 -22.49 -14.27
C GLY F 89 -0.20 -22.22 -15.19
N THR F 90 -0.98 -23.26 -15.49
CA THR F 90 -2.14 -23.12 -16.37
C THR F 90 -2.97 -21.91 -16.02
N CYS F 91 -3.09 -21.64 -14.73
CA CYS F 91 -3.88 -20.51 -14.29
C CYS F 91 -3.27 -19.19 -14.75
N GLU F 92 -1.94 -19.08 -14.70
CA GLU F 92 -1.25 -17.86 -15.13
C GLU F 92 -0.86 -17.90 -16.61
N ARG F 93 -1.08 -19.05 -17.23
CA ARG F 93 -0.77 -19.23 -18.64
C ARG F 93 -1.88 -18.49 -19.38
N LEU F 94 -3.00 -18.30 -18.70
CA LEU F 94 -4.13 -17.58 -19.27
C LEU F 94 -4.05 -16.17 -18.69
N GLY F 95 -5.06 -15.35 -18.99
CA GLY F 95 -5.06 -14.00 -18.48
C GLY F 95 -4.87 -13.95 -16.97
N ILE F 96 -5.69 -14.72 -16.26
CA ILE F 96 -5.63 -14.79 -14.80
C ILE F 96 -4.27 -15.24 -14.26
N GLY F 97 -4.03 -14.95 -12.98
CA GLY F 97 -2.78 -15.31 -12.33
C GLY F 97 -2.56 -14.42 -11.12
N PRO F 98 -1.77 -14.87 -10.13
CA PRO F 98 -1.47 -14.10 -8.91
C PRO F 98 -1.06 -12.67 -9.20
N ASP F 99 -0.19 -12.51 -10.20
CA ASP F 99 0.31 -11.19 -10.58
C ASP F 99 -0.80 -10.30 -11.13
N ASP F 100 -1.39 -10.73 -12.24
CA ASP F 100 -2.46 -9.99 -12.90
C ASP F 100 -3.60 -9.62 -11.95
N CYS F 101 -4.07 -10.58 -11.16
CA CYS F 101 -5.15 -10.31 -10.22
C CYS F 101 -4.72 -9.24 -9.22
N ALA F 102 -3.47 -9.33 -8.75
CA ALA F 102 -2.95 -8.37 -7.77
C ALA F 102 -3.18 -6.93 -8.23
N SER F 103 -2.89 -6.67 -9.50
CA SER F 103 -3.05 -5.36 -10.08
C SER F 103 -4.49 -4.90 -10.03
N VAL F 104 -5.40 -5.76 -10.49
CA VAL F 104 -6.81 -5.40 -10.49
C VAL F 104 -7.43 -5.39 -9.10
N ASN F 105 -6.89 -6.18 -8.18
CA ASN F 105 -7.40 -6.23 -6.81
C ASN F 105 -6.40 -6.78 -5.77
N PRO F 106 -5.76 -5.88 -5.01
CA PRO F 106 -4.78 -6.28 -4.00
C PRO F 106 -5.43 -6.84 -2.74
N ARG F 107 -6.76 -6.87 -2.71
CA ARG F 107 -7.49 -7.39 -1.56
C ARG F 107 -7.81 -8.86 -1.77
N LEU F 108 -7.54 -9.35 -2.98
CA LEU F 108 -7.81 -10.74 -3.36
C LEU F 108 -6.99 -11.80 -2.63
N ILE F 109 -7.65 -12.92 -2.37
CA ILE F 109 -7.03 -14.07 -1.72
C ILE F 109 -6.88 -15.13 -2.80
N PHE F 110 -5.67 -15.29 -3.34
CA PHE F 110 -5.41 -16.27 -4.40
C PHE F 110 -5.05 -17.64 -3.82
N ALA F 111 -6.06 -18.47 -3.60
CA ALA F 111 -5.86 -19.81 -3.04
C ALA F 111 -5.59 -20.81 -4.16
N ARG F 112 -4.78 -21.82 -3.89
CA ARG F 112 -4.46 -22.80 -4.92
C ARG F 112 -4.29 -24.20 -4.33
N ILE F 113 -5.20 -25.12 -4.66
CA ILE F 113 -5.08 -26.48 -4.14
C ILE F 113 -4.42 -27.37 -5.18
N THR F 114 -3.36 -28.06 -4.77
CA THR F 114 -2.62 -28.93 -5.66
C THR F 114 -2.16 -30.15 -4.91
N GLY F 115 -1.92 -31.23 -5.65
CA GLY F 115 -1.44 -32.44 -5.02
C GLY F 115 0.03 -32.31 -4.71
N TRP F 116 0.78 -31.75 -5.65
CA TRP F 116 2.22 -31.59 -5.49
C TRP F 116 2.65 -30.19 -5.05
N GLY F 117 1.75 -29.22 -5.17
CA GLY F 117 2.07 -27.85 -4.79
C GLY F 117 2.56 -27.09 -6.02
N GLN F 118 2.92 -25.82 -5.86
CA GLN F 118 3.38 -25.04 -6.99
C GLN F 118 4.82 -25.35 -7.40
N ASP F 119 5.75 -25.25 -6.46
CA ASP F 119 7.17 -25.51 -6.72
C ASP F 119 7.49 -26.99 -6.59
N GLY F 120 8.68 -27.38 -7.07
CA GLY F 120 9.09 -28.77 -6.97
C GLY F 120 9.09 -29.49 -8.29
N PRO F 121 9.83 -30.61 -8.40
CA PRO F 121 9.91 -31.39 -9.64
C PRO F 121 8.59 -32.03 -10.06
N LEU F 122 7.92 -32.67 -9.10
CA LEU F 122 6.64 -33.32 -9.36
C LEU F 122 5.49 -32.35 -9.65
N ALA F 123 5.68 -31.07 -9.30
CA ALA F 123 4.67 -30.03 -9.49
C ALA F 123 3.91 -30.15 -10.80
N SER F 124 4.65 -30.39 -11.88
CA SER F 124 4.04 -30.51 -13.20
C SER F 124 3.37 -31.86 -13.42
N THR F 125 3.87 -32.88 -12.73
CA THR F 125 3.32 -34.22 -12.84
C THR F 125 1.85 -34.31 -12.41
N ALA F 126 1.08 -35.16 -13.10
CA ALA F 126 -0.34 -35.36 -12.78
C ALA F 126 -0.50 -36.51 -11.79
N GLY F 127 -1.50 -36.41 -10.93
CA GLY F 127 -1.71 -37.46 -9.96
C GLY F 127 -3.00 -37.31 -9.18
N HIS F 128 -3.30 -38.33 -8.39
CA HIS F 128 -4.51 -38.33 -7.58
C HIS F 128 -4.21 -38.63 -6.13
N ASP F 129 -5.27 -38.67 -5.33
CA ASP F 129 -5.16 -38.93 -3.90
C ASP F 129 -4.23 -40.09 -3.59
N ILE F 130 -4.53 -41.27 -4.11
CA ILE F 130 -3.67 -42.40 -3.84
C ILE F 130 -2.19 -42.05 -4.14
N ASN F 131 -1.92 -41.28 -5.19
CA ASN F 131 -0.55 -40.94 -5.52
C ASN F 131 0.10 -40.05 -4.45
N TYR F 132 -0.52 -38.91 -4.15
CA TYR F 132 0.03 -37.98 -3.15
C TYR F 132 0.32 -38.71 -1.84
N LEU F 133 -0.54 -39.64 -1.47
CA LEU F 133 -0.31 -40.38 -0.24
C LEU F 133 0.93 -41.27 -0.34
N SER F 134 1.30 -41.68 -1.54
CA SER F 134 2.46 -42.57 -1.70
C SER F 134 3.79 -41.92 -1.35
N GLN F 135 3.87 -40.60 -1.53
CA GLN F 135 5.09 -39.86 -1.26
C GLN F 135 5.26 -39.49 0.22
N THR F 136 4.18 -39.17 0.90
CA THR F 136 4.24 -38.79 2.30
C THR F 136 4.58 -39.94 3.22
N GLY F 137 4.35 -41.17 2.76
CA GLY F 137 4.66 -42.31 3.60
C GLY F 137 3.49 -42.74 4.46
N ALA F 138 2.36 -42.05 4.30
CA ALA F 138 1.14 -42.35 5.02
C ALA F 138 0.53 -43.60 4.41
N LEU F 139 0.58 -43.71 3.09
CA LEU F 139 0.00 -44.88 2.43
C LEU F 139 0.73 -46.16 2.83
N ALA F 140 2.06 -46.12 2.84
CA ALA F 140 2.84 -47.30 3.19
C ALA F 140 2.57 -47.80 4.60
N ALA F 141 1.79 -47.04 5.35
CA ALA F 141 1.47 -47.43 6.73
C ALA F 141 0.04 -47.90 6.86
N PHE F 142 -0.61 -48.12 5.71
CA PHE F 142 -1.98 -48.55 5.67
C PHE F 142 -2.18 -50.01 5.27
N GLY F 143 -3.22 -50.62 5.83
CA GLY F 143 -3.57 -52.01 5.48
C GLY F 143 -2.92 -53.18 6.18
N TYR F 144 -3.31 -54.38 5.76
CA TYR F 144 -2.77 -55.60 6.32
C TYR F 144 -1.37 -55.81 5.78
N ALA F 145 -0.55 -56.49 6.56
CA ALA F 145 0.84 -56.77 6.20
C ALA F 145 1.10 -57.46 4.85
N ASP F 146 0.35 -58.52 4.57
CA ASP F 146 0.48 -59.28 3.33
C ASP F 146 0.02 -58.59 2.05
N ARG F 147 -1.26 -58.23 2.00
CA ARG F 147 -1.85 -57.54 0.83
C ARG F 147 -1.25 -56.12 0.69
N PRO F 148 -1.26 -55.56 -0.53
CA PRO F 148 -0.71 -54.21 -0.71
C PRO F 148 -1.53 -53.17 0.03
N PRO F 149 -1.01 -51.94 0.12
CA PRO F 149 -1.75 -50.89 0.82
C PRO F 149 -3.00 -50.54 0.02
N MET F 150 -4.06 -50.20 0.73
CA MET F 150 -5.31 -49.82 0.09
C MET F 150 -5.72 -48.44 0.60
N PRO F 151 -5.94 -47.50 -0.31
CA PRO F 151 -6.33 -46.10 -0.03
C PRO F 151 -7.72 -45.95 0.58
N PRO F 152 -7.86 -45.07 1.59
CA PRO F 152 -9.14 -44.81 2.26
C PRO F 152 -9.97 -43.92 1.35
N LEU F 153 -10.34 -44.46 0.19
CA LEU F 153 -11.08 -43.71 -0.81
C LEU F 153 -10.16 -42.54 -1.16
N ASN F 154 -10.68 -41.32 -1.07
CA ASN F 154 -9.84 -40.19 -1.33
C ASN F 154 -10.08 -39.16 -0.23
N LEU F 155 -10.37 -39.67 0.96
CA LEU F 155 -10.62 -38.81 2.10
C LEU F 155 -9.35 -38.20 2.71
N VAL F 156 -8.26 -38.95 2.74
CA VAL F 156 -7.07 -38.43 3.37
C VAL F 156 -6.42 -37.23 2.70
N ALA F 157 -6.04 -37.36 1.43
CA ALA F 157 -5.37 -36.28 0.70
C ALA F 157 -6.25 -35.21 0.05
N ASP F 158 -7.19 -35.66 -0.78
CA ASP F 158 -8.12 -34.79 -1.47
C ASP F 158 -8.90 -33.87 -0.57
N PHE F 159 -9.51 -34.42 0.47
CA PHE F 159 -10.30 -33.60 1.40
C PHE F 159 -9.69 -33.33 2.75
N GLY F 160 -9.33 -34.38 3.49
CA GLY F 160 -8.75 -34.21 4.81
C GLY F 160 -7.48 -33.39 4.87
N GLY F 161 -6.67 -33.52 3.82
CA GLY F 161 -5.41 -32.80 3.74
C GLY F 161 -5.34 -31.93 2.50
N GLY F 162 -6.45 -31.83 1.77
CA GLY F 162 -6.50 -31.01 0.57
C GLY F 162 -7.56 -29.91 0.70
N SER F 163 -8.82 -30.31 0.59
CA SER F 163 -9.94 -29.37 0.70
C SER F 163 -9.82 -28.56 1.99
N MET F 164 -9.66 -29.25 3.12
CA MET F 164 -9.53 -28.60 4.42
C MET F 164 -8.31 -27.70 4.51
N LEU F 165 -7.22 -28.08 3.84
CA LEU F 165 -6.00 -27.28 3.87
C LEU F 165 -6.22 -25.93 3.19
N VAL F 166 -6.80 -25.95 2.01
CA VAL F 166 -7.05 -24.70 1.32
C VAL F 166 -8.14 -23.96 2.07
N LEU F 167 -9.05 -24.70 2.67
CA LEU F 167 -10.12 -24.07 3.44
C LEU F 167 -9.49 -23.30 4.59
N LEU F 168 -8.55 -23.93 5.31
CA LEU F 168 -7.85 -23.28 6.41
C LEU F 168 -7.06 -22.08 5.86
N GLY F 169 -6.23 -22.34 4.85
CA GLY F 169 -5.45 -21.29 4.24
C GLY F 169 -6.29 -20.07 3.90
N ILE F 170 -7.47 -20.27 3.31
CA ILE F 170 -8.34 -19.14 2.92
C ILE F 170 -8.85 -18.34 4.12
N VAL F 171 -9.65 -18.99 4.95
CA VAL F 171 -10.20 -18.33 6.12
C VAL F 171 -9.07 -17.70 6.90
N VAL F 172 -7.88 -18.28 6.84
CA VAL F 172 -6.77 -17.68 7.57
C VAL F 172 -6.31 -16.45 6.80
N ALA F 173 -6.19 -16.59 5.49
CA ALA F 173 -5.76 -15.49 4.64
C ALA F 173 -6.80 -14.37 4.72
N LEU F 174 -8.02 -14.72 5.12
CA LEU F 174 -9.06 -13.71 5.25
C LEU F 174 -8.80 -12.92 6.52
N TYR F 175 -8.58 -13.63 7.62
CA TYR F 175 -8.32 -12.98 8.91
C TYR F 175 -7.07 -12.11 8.80
N GLU F 176 -6.11 -12.56 8.02
CA GLU F 176 -4.88 -11.80 7.82
C GLU F 176 -5.25 -10.46 7.17
N ARG F 177 -5.64 -10.51 5.91
CA ARG F 177 -6.03 -9.33 5.15
C ARG F 177 -7.07 -8.50 5.89
N GLU F 178 -7.91 -9.16 6.69
CA GLU F 178 -8.94 -8.46 7.44
C GLU F 178 -8.33 -7.59 8.53
N ARG F 179 -7.01 -7.39 8.43
CA ARG F 179 -6.24 -6.59 9.38
C ARG F 179 -5.10 -5.88 8.62
N SER F 180 -4.47 -6.59 7.70
CA SER F 180 -3.37 -6.03 6.91
C SER F 180 -3.97 -5.35 5.68
N GLY F 181 -5.29 -5.43 5.54
CA GLY F 181 -5.94 -4.82 4.41
C GLY F 181 -5.36 -5.27 3.09
N VAL F 182 -4.63 -6.38 3.07
CA VAL F 182 -4.04 -6.87 1.84
C VAL F 182 -4.01 -8.38 1.77
N GLY F 183 -4.59 -8.92 0.71
CA GLY F 183 -4.60 -10.37 0.55
C GLY F 183 -3.25 -10.84 0.06
N GLN F 184 -3.18 -12.11 -0.33
CA GLN F 184 -1.95 -12.69 -0.80
C GLN F 184 -2.22 -14.01 -1.50
N VAL F 185 -1.18 -14.81 -1.67
CA VAL F 185 -1.33 -16.10 -2.31
C VAL F 185 -1.25 -17.22 -1.27
N VAL F 186 -2.12 -18.21 -1.39
CA VAL F 186 -2.15 -19.37 -0.49
C VAL F 186 -1.84 -20.65 -1.31
N ASP F 187 -0.76 -21.33 -0.95
CA ASP F 187 -0.37 -22.57 -1.63
C ASP F 187 -0.72 -23.79 -0.79
N ALA F 188 -1.82 -24.45 -1.16
CA ALA F 188 -2.26 -25.63 -0.45
C ALA F 188 -1.81 -26.87 -1.20
N ALA F 189 -0.77 -27.54 -0.69
CA ALA F 189 -0.27 -28.75 -1.31
C ALA F 189 -0.74 -29.97 -0.50
N MET F 190 -1.48 -30.85 -1.16
CA MET F 190 -1.99 -32.05 -0.50
C MET F 190 -0.90 -32.90 0.15
N VAL F 191 0.24 -33.00 -0.51
CA VAL F 191 1.33 -33.76 0.06
C VAL F 191 1.75 -33.04 1.36
N ASP F 192 1.48 -31.73 1.41
CA ASP F 192 1.80 -30.91 2.58
C ASP F 192 0.81 -31.15 3.70
N GLY F 193 -0.47 -31.06 3.38
CA GLY F 193 -1.52 -31.28 4.38
C GLY F 193 -1.44 -32.68 4.94
N VAL F 194 -1.36 -33.68 4.07
CA VAL F 194 -1.27 -35.05 4.54
C VAL F 194 -0.10 -35.23 5.52
N SER F 195 1.07 -34.68 5.19
CA SER F 195 2.23 -34.80 6.09
C SER F 195 1.95 -34.18 7.46
N VAL F 196 1.18 -33.10 7.47
CA VAL F 196 0.82 -32.41 8.71
C VAL F 196 -0.23 -33.26 9.43
N LEU F 197 -1.05 -33.98 8.67
CA LEU F 197 -2.05 -34.85 9.29
C LEU F 197 -1.33 -36.02 9.93
N ALA F 198 -0.11 -36.26 9.48
CA ALA F 198 0.67 -37.37 10.00
C ALA F 198 1.66 -36.97 11.09
N GLN F 199 1.67 -35.71 11.50
CA GLN F 199 2.63 -35.31 12.53
C GLN F 199 2.75 -36.34 13.65
N MET F 200 1.61 -36.78 14.17
CA MET F 200 1.62 -37.75 15.26
C MET F 200 2.63 -38.85 14.96
N MET F 201 2.53 -39.37 13.74
CA MET F 201 3.40 -40.44 13.29
C MET F 201 4.85 -39.98 13.35
N TRP F 202 5.15 -38.83 12.76
CA TRP F 202 6.53 -38.33 12.80
C TRP F 202 7.02 -38.28 14.25
N THR F 203 6.15 -37.84 15.15
CA THR F 203 6.49 -37.79 16.54
C THR F 203 6.95 -39.16 16.97
N MET F 204 6.13 -40.15 16.63
CA MET F 204 6.41 -41.53 16.94
C MET F 204 7.71 -41.97 16.34
N LYS F 205 7.87 -41.65 15.06
CA LYS F 205 9.06 -42.02 14.31
C LYS F 205 10.35 -41.60 15.03
N GLY F 206 10.42 -40.37 15.51
CA GLY F 206 11.63 -39.93 16.19
C GLY F 206 11.79 -40.55 17.57
N ILE F 207 10.66 -40.90 18.17
CA ILE F 207 10.61 -41.50 19.51
C ILE F 207 10.95 -42.97 19.50
N GLY F 208 10.81 -43.60 18.35
CA GLY F 208 11.11 -45.01 18.28
C GLY F 208 9.92 -45.90 18.59
N SER F 209 8.71 -45.38 18.43
CA SER F 209 7.52 -46.16 18.69
C SER F 209 7.08 -46.94 17.46
N LEU F 210 7.61 -46.57 16.30
CA LEU F 210 7.24 -47.27 15.08
C LEU F 210 8.21 -48.37 14.77
N ARG F 211 7.72 -49.34 13.99
CA ARG F 211 8.53 -50.46 13.57
C ARG F 211 8.55 -50.43 12.06
N ASP F 212 9.14 -51.44 11.44
CA ASP F 212 9.23 -51.46 9.99
C ASP F 212 8.03 -52.10 9.27
N GLN F 213 7.51 -53.20 9.80
CA GLN F 213 6.37 -53.89 9.20
C GLN F 213 5.01 -53.29 9.60
N ARG F 214 3.99 -53.53 8.79
CA ARG F 214 2.68 -52.99 9.11
C ARG F 214 2.04 -53.83 10.19
N GLU F 215 0.87 -53.40 10.67
CA GLU F 215 0.12 -54.08 11.74
C GLU F 215 0.99 -54.30 12.99
N SER F 216 1.79 -53.30 13.33
CA SER F 216 2.69 -53.37 14.47
C SER F 216 2.50 -52.23 15.47
N PHE F 217 2.04 -51.10 14.98
CA PHE F 217 1.79 -49.91 15.81
C PHE F 217 0.47 -50.07 16.58
N LEU F 218 0.05 -49.02 17.27
CA LEU F 218 -1.20 -49.05 18.03
C LEU F 218 -2.42 -48.78 17.16
N LEU F 219 -2.28 -47.88 16.19
CA LEU F 219 -3.40 -47.50 15.33
C LEU F 219 -3.45 -48.08 13.92
N ASP F 220 -2.65 -49.12 13.65
CA ASP F 220 -2.61 -49.74 12.33
C ASP F 220 -3.07 -51.22 12.36
N GLY F 221 -3.76 -51.61 13.42
CA GLY F 221 -4.23 -52.98 13.54
C GLY F 221 -3.28 -53.88 14.32
N GLY F 222 -2.12 -53.35 14.68
CA GLY F 222 -1.15 -54.15 15.42
C GLY F 222 -1.60 -54.41 16.86
N ALA F 223 -2.77 -53.91 17.21
CA ALA F 223 -3.30 -54.11 18.55
C ALA F 223 -4.72 -54.64 18.46
N PRO F 224 -4.93 -55.85 18.98
CA PRO F 224 -6.26 -56.45 18.94
C PRO F 224 -7.33 -55.58 19.59
N PHE F 225 -6.96 -54.70 20.51
CA PHE F 225 -7.99 -53.89 21.13
C PHE F 225 -8.28 -52.59 20.35
N TYR F 226 -7.77 -52.54 19.12
CA TYR F 226 -7.97 -51.40 18.21
C TYR F 226 -8.02 -51.85 16.77
N ARG F 227 -9.16 -52.41 16.37
CA ARG F 227 -9.36 -52.90 15.01
C ARG F 227 -10.79 -53.39 14.86
N CYS F 228 -11.04 -54.10 13.78
CA CYS F 228 -12.38 -54.62 13.57
C CYS F 228 -12.48 -56.13 13.61
N TYR F 229 -13.65 -56.61 14.01
CA TYR F 229 -13.92 -58.03 14.11
C TYR F 229 -15.23 -58.35 13.41
N GLU F 230 -15.23 -59.44 12.65
CA GLU F 230 -16.43 -59.86 11.93
C GLU F 230 -17.39 -60.55 12.89
N THR F 231 -18.68 -60.32 12.69
CA THR F 231 -19.71 -60.90 13.54
C THR F 231 -20.27 -62.16 12.90
N SER F 232 -21.24 -62.78 13.58
CA SER F 232 -21.87 -63.99 13.08
C SER F 232 -22.63 -63.75 11.78
N ASP F 233 -23.39 -62.67 11.72
CA ASP F 233 -24.14 -62.35 10.52
C ASP F 233 -23.30 -61.58 9.52
N GLY F 234 -22.05 -62.00 9.34
CA GLY F 234 -21.12 -61.37 8.39
C GLY F 234 -20.85 -59.87 8.46
N LYS F 235 -21.35 -59.21 9.50
CA LYS F 235 -21.15 -57.78 9.67
C LYS F 235 -19.82 -57.55 10.37
N TYR F 236 -19.61 -56.32 10.85
CA TYR F 236 -18.38 -55.96 11.52
C TYR F 236 -18.63 -55.02 12.68
N MET F 237 -17.77 -55.14 13.69
CA MET F 237 -17.83 -54.30 14.89
C MET F 237 -16.48 -53.58 15.02
N ALA F 238 -16.50 -52.28 15.29
CA ALA F 238 -15.26 -51.52 15.42
C ALA F 238 -14.81 -51.40 16.87
N VAL F 239 -13.62 -51.88 17.18
CA VAL F 239 -13.16 -51.78 18.55
C VAL F 239 -12.03 -50.78 18.72
N GLY F 240 -12.10 -50.03 19.79
CA GLY F 240 -11.04 -49.06 20.02
C GLY F 240 -10.77 -48.92 21.48
N ALA F 241 -10.84 -50.01 22.24
CA ALA F 241 -10.60 -49.91 23.67
C ALA F 241 -9.10 -49.73 23.94
N ILE F 242 -8.62 -48.51 23.84
CA ILE F 242 -7.22 -48.23 24.08
C ILE F 242 -6.93 -48.05 25.56
N GLU F 243 -7.58 -47.08 26.19
CA GLU F 243 -7.38 -46.84 27.63
C GLU F 243 -7.68 -48.13 28.42
N PRO F 244 -6.93 -48.38 29.51
CA PRO F 244 -7.13 -49.58 30.33
C PRO F 244 -8.55 -49.69 30.88
N GLN F 245 -9.14 -48.54 31.22
CA GLN F 245 -10.50 -48.52 31.73
C GLN F 245 -11.48 -49.03 30.67
N PHE F 246 -11.28 -48.59 29.43
CA PHE F 246 -12.14 -49.00 28.33
C PHE F 246 -11.86 -50.44 27.93
N PHE F 247 -10.63 -50.88 28.12
CA PHE F 247 -10.26 -52.25 27.79
C PHE F 247 -11.01 -53.15 28.72
N ALA F 248 -11.29 -52.63 29.91
CA ALA F 248 -12.04 -53.37 30.93
C ALA F 248 -13.45 -53.63 30.42
N ALA F 249 -14.14 -52.56 30.04
CA ALA F 249 -15.50 -52.69 29.52
C ALA F 249 -15.50 -53.65 28.33
N LEU F 250 -14.53 -53.48 27.42
CA LEU F 250 -14.48 -54.35 26.25
C LEU F 250 -14.46 -55.79 26.71
N LEU F 251 -13.58 -56.09 27.66
CA LEU F 251 -13.48 -57.46 28.15
C LEU F 251 -14.75 -57.89 28.89
N SER F 252 -15.40 -56.94 29.56
CA SER F 252 -16.61 -57.21 30.31
C SER F 252 -17.78 -57.63 29.40
N GLY F 253 -18.32 -56.68 28.65
CA GLY F 253 -19.43 -57.00 27.77
C GLY F 253 -19.16 -58.20 26.88
N LEU F 254 -17.89 -58.39 26.54
CA LEU F 254 -17.49 -59.48 25.68
C LEU F 254 -17.62 -60.79 26.44
N GLY F 255 -17.87 -60.68 27.74
CA GLY F 255 -18.02 -61.87 28.57
C GLY F 255 -16.73 -62.63 28.78
N LEU F 256 -15.67 -61.90 29.08
CA LEU F 256 -14.37 -62.53 29.33
C LEU F 256 -13.82 -62.03 30.65
N SER F 257 -13.10 -62.90 31.35
CA SER F 257 -12.50 -62.51 32.62
C SER F 257 -11.11 -62.00 32.32
N ALA F 258 -10.73 -60.93 33.01
CA ALA F 258 -9.42 -60.35 32.81
C ALA F 258 -8.37 -61.47 32.81
N ALA F 259 -8.45 -62.39 33.77
CA ALA F 259 -7.51 -63.49 33.85
C ALA F 259 -7.52 -64.39 32.63
N ASP F 260 -8.62 -64.37 31.88
CA ASP F 260 -8.73 -65.20 30.68
C ASP F 260 -7.92 -64.69 29.51
N VAL F 261 -8.10 -63.42 29.19
CA VAL F 261 -7.40 -62.80 28.09
C VAL F 261 -6.09 -62.18 28.54
N PRO F 262 -5.06 -62.16 27.66
CA PRO F 262 -3.77 -61.58 28.02
C PRO F 262 -3.93 -60.08 28.37
N THR F 263 -2.88 -59.50 28.97
CA THR F 263 -2.93 -58.09 29.34
C THR F 263 -2.47 -57.21 28.19
N GLN F 264 -2.97 -55.98 28.17
CA GLN F 264 -2.61 -55.04 27.13
C GLN F 264 -1.10 -54.93 27.01
N LEU F 265 -0.42 -55.02 28.14
CA LEU F 265 1.03 -54.92 28.18
C LEU F 265 1.72 -56.13 27.56
N ASP F 266 1.09 -57.29 27.62
CA ASP F 266 1.69 -58.49 27.06
C ASP F 266 1.63 -58.50 25.54
N VAL F 267 2.30 -57.55 24.90
CA VAL F 267 2.31 -57.50 23.42
C VAL F 267 2.54 -58.86 22.80
N ALA F 268 3.49 -59.60 23.36
CA ALA F 268 3.84 -60.92 22.87
C ALA F 268 2.66 -61.87 22.79
N GLY F 269 1.64 -61.62 23.59
CA GLY F 269 0.47 -62.47 23.58
C GLY F 269 -0.69 -61.88 22.80
N TYR F 270 -0.41 -60.84 22.01
CA TYR F 270 -1.44 -60.19 21.20
C TYR F 270 -2.06 -61.18 20.22
N PRO F 271 -1.25 -61.85 19.41
CA PRO F 271 -1.83 -62.80 18.45
C PRO F 271 -2.88 -63.67 19.14
N GLN F 272 -2.66 -63.98 20.40
CA GLN F 272 -3.59 -64.80 21.16
C GLN F 272 -4.83 -63.99 21.52
N MET F 273 -4.61 -62.77 22.01
CA MET F 273 -5.71 -61.89 22.39
C MET F 273 -6.63 -61.67 21.19
N TYR F 274 -6.03 -61.66 20.00
CA TYR F 274 -6.77 -61.49 18.76
C TYR F 274 -7.74 -62.61 18.53
N ASP F 275 -7.25 -63.84 18.72
CA ASP F 275 -8.07 -65.01 18.54
C ASP F 275 -9.24 -64.99 19.54
N ILE F 276 -8.94 -64.74 20.80
CA ILE F 276 -9.98 -64.68 21.81
C ILE F 276 -11.01 -63.62 21.44
N PHE F 277 -10.56 -62.48 20.94
CA PHE F 277 -11.52 -61.45 20.55
C PHE F 277 -12.32 -61.87 19.34
N ALA F 278 -11.66 -62.36 18.31
CA ALA F 278 -12.35 -62.79 17.09
C ALA F 278 -13.38 -63.84 17.42
N GLU F 279 -12.98 -64.81 18.25
CA GLU F 279 -13.86 -65.91 18.66
C GLU F 279 -15.18 -65.37 19.16
N ARG F 280 -15.15 -64.72 20.31
CA ARG F 280 -16.35 -64.16 20.93
C ARG F 280 -17.14 -63.24 20.00
N PHE F 281 -16.48 -62.28 19.37
CA PHE F 281 -17.14 -61.34 18.48
C PHE F 281 -17.93 -62.01 17.34
N ALA F 282 -17.40 -63.12 16.83
CA ALA F 282 -18.05 -63.83 15.74
C ALA F 282 -19.19 -64.77 16.17
N SER F 283 -19.43 -64.87 17.47
CA SER F 283 -20.48 -65.74 18.00
C SER F 283 -21.82 -65.04 18.21
N ARG F 284 -21.93 -63.82 17.71
CA ARG F 284 -23.18 -63.07 17.85
C ARG F 284 -23.33 -62.11 16.67
N THR F 285 -24.53 -61.55 16.50
CA THR F 285 -24.78 -60.63 15.39
C THR F 285 -24.44 -59.20 15.80
N ARG F 286 -24.12 -58.37 14.81
CA ARG F 286 -23.78 -56.98 15.06
C ARG F 286 -24.84 -56.34 15.96
N ASP F 287 -26.10 -56.61 15.65
CA ASP F 287 -27.19 -56.06 16.42
C ASP F 287 -27.03 -56.38 17.92
N GLU F 288 -27.00 -57.68 18.25
CA GLU F 288 -26.85 -58.14 19.62
C GLU F 288 -25.67 -57.42 20.27
N TRP F 289 -24.51 -57.50 19.62
CA TRP F 289 -23.29 -56.86 20.12
C TRP F 289 -23.54 -55.39 20.39
N THR F 290 -24.17 -54.70 19.44
CA THR F 290 -24.47 -53.28 19.57
C THR F 290 -25.27 -53.01 20.82
N ARG F 291 -26.14 -53.96 21.17
CA ARG F 291 -26.99 -53.84 22.36
C ARG F 291 -26.12 -53.98 23.61
N VAL F 292 -25.30 -55.02 23.62
CA VAL F 292 -24.41 -55.28 24.74
C VAL F 292 -23.57 -54.05 25.10
N PHE F 293 -22.63 -53.70 24.22
CA PHE F 293 -21.72 -52.55 24.43
C PHE F 293 -22.37 -51.19 24.29
N ALA F 294 -23.68 -51.17 24.03
CA ALA F 294 -24.40 -49.92 23.87
C ALA F 294 -24.30 -49.07 25.14
N GLY F 295 -24.00 -47.78 24.95
CA GLY F 295 -23.91 -46.84 26.05
C GLY F 295 -22.71 -46.96 26.99
N THR F 296 -21.98 -48.07 26.92
CA THR F 296 -20.81 -48.27 27.79
C THR F 296 -19.55 -47.66 27.19
N ASP F 297 -18.63 -47.24 28.04
CA ASP F 297 -17.41 -46.65 27.53
C ASP F 297 -16.46 -47.69 26.97
N ALA F 298 -17.01 -48.83 26.51
CA ALA F 298 -16.20 -49.91 25.96
C ALA F 298 -15.54 -49.55 24.64
N CYS F 299 -16.01 -48.47 24.02
CA CYS F 299 -15.48 -48.06 22.73
C CYS F 299 -15.70 -49.15 21.71
N VAL F 300 -16.91 -49.73 21.74
CA VAL F 300 -17.31 -50.78 20.80
C VAL F 300 -18.58 -50.32 20.10
N THR F 301 -18.46 -50.12 18.80
CA THR F 301 -19.57 -49.66 17.98
C THR F 301 -19.69 -50.50 16.71
N PRO F 302 -20.88 -50.48 16.09
CA PRO F 302 -21.17 -51.21 14.86
C PRO F 302 -20.72 -50.44 13.64
N VAL F 303 -20.06 -51.14 12.73
CA VAL F 303 -19.61 -50.53 11.50
C VAL F 303 -20.85 -50.40 10.63
N LEU F 304 -21.34 -49.19 10.43
CA LEU F 304 -22.54 -48.99 9.62
C LEU F 304 -22.20 -48.67 8.18
N ALA F 305 -23.07 -49.02 7.24
CA ALA F 305 -22.81 -48.70 5.84
C ALA F 305 -23.47 -47.35 5.54
N TRP F 306 -23.14 -46.78 4.39
CA TRP F 306 -23.71 -45.49 4.02
C TRP F 306 -25.20 -45.44 4.33
N SER F 307 -25.93 -46.40 3.76
CA SER F 307 -27.37 -46.50 3.94
C SER F 307 -27.73 -46.54 5.42
N GLU F 308 -27.10 -47.44 6.17
CA GLU F 308 -27.34 -47.59 7.60
C GLU F 308 -27.01 -46.33 8.41
N ALA F 309 -25.94 -45.64 8.01
CA ALA F 309 -25.52 -44.44 8.71
C ALA F 309 -26.57 -43.34 8.63
N ALA F 310 -27.09 -43.13 7.44
CA ALA F 310 -28.09 -42.08 7.21
C ALA F 310 -29.30 -42.19 8.12
N ASN F 311 -29.55 -43.40 8.63
CA ASN F 311 -30.69 -43.62 9.51
C ASN F 311 -30.24 -43.89 10.95
N ASN F 312 -28.94 -43.66 11.22
CA ASN F 312 -28.40 -43.86 12.56
C ASN F 312 -29.04 -42.90 13.56
N ASP F 313 -29.33 -43.40 14.76
CA ASP F 313 -29.94 -42.58 15.79
C ASP F 313 -29.15 -41.32 16.12
N HIS F 314 -27.88 -41.48 16.48
CA HIS F 314 -27.06 -40.35 16.83
C HIS F 314 -26.97 -39.33 15.69
N LEU F 315 -26.43 -39.76 14.55
CA LEU F 315 -26.28 -38.87 13.39
C LEU F 315 -27.57 -38.14 12.97
N LYS F 316 -28.72 -38.71 13.33
CA LYS F 316 -30.02 -38.11 13.04
C LYS F 316 -30.30 -37.04 14.07
N ALA F 317 -30.18 -37.39 15.35
CA ALA F 317 -30.40 -36.43 16.40
C ALA F 317 -29.61 -35.15 16.13
N ARG F 318 -28.29 -35.27 16.02
CA ARG F 318 -27.47 -34.10 15.76
C ARG F 318 -27.64 -33.64 14.33
N SER F 319 -28.50 -34.34 13.60
CA SER F 319 -28.75 -34.01 12.21
C SER F 319 -27.45 -33.79 11.41
N THR F 320 -26.60 -34.82 11.40
CA THR F 320 -25.34 -34.76 10.66
C THR F 320 -25.62 -35.09 9.20
N VAL F 321 -26.29 -36.23 8.98
CA VAL F 321 -26.68 -36.67 7.65
C VAL F 321 -28.17 -36.42 7.54
N ILE F 322 -28.52 -35.36 6.83
CA ILE F 322 -29.91 -34.95 6.66
C ILE F 322 -30.35 -35.15 5.22
N THR F 323 -31.66 -35.23 5.02
CA THR F 323 -32.22 -35.39 3.67
C THR F 323 -32.72 -34.02 3.21
N ALA F 324 -31.87 -33.28 2.48
CA ALA F 324 -32.24 -31.95 1.98
C ALA F 324 -32.86 -32.08 0.60
N HIS F 325 -33.91 -31.28 0.37
CA HIS F 325 -34.65 -31.28 -0.88
C HIS F 325 -33.98 -32.11 -1.94
N GLY F 326 -34.36 -33.38 -1.97
CA GLY F 326 -33.80 -34.28 -2.93
C GLY F 326 -33.28 -35.53 -2.28
N VAL F 327 -31.96 -35.64 -2.17
CA VAL F 327 -31.35 -36.83 -1.57
C VAL F 327 -30.52 -36.59 -0.30
N GLN F 328 -30.09 -37.69 0.29
CA GLN F 328 -29.28 -37.71 1.50
C GLN F 328 -27.91 -37.10 1.29
N GLN F 329 -27.48 -36.28 2.24
CA GLN F 329 -26.19 -35.59 2.21
C GLN F 329 -25.69 -35.20 3.63
N ALA F 330 -24.52 -34.56 3.72
CA ALA F 330 -23.95 -34.17 5.03
C ALA F 330 -24.18 -32.72 5.38
N ALA F 331 -24.75 -32.46 6.54
CA ALA F 331 -25.02 -31.11 6.99
C ALA F 331 -23.73 -30.31 7.13
N PRO F 332 -23.81 -28.98 7.02
CA PRO F 332 -22.65 -28.08 7.15
C PRO F 332 -21.89 -28.35 8.44
N ALA F 333 -20.62 -27.95 8.48
CA ALA F 333 -19.78 -28.13 9.66
C ALA F 333 -18.53 -27.24 9.57
N PRO F 334 -17.99 -26.82 10.74
CA PRO F 334 -18.50 -27.11 12.08
C PRO F 334 -19.71 -26.25 12.38
N ARG F 335 -20.23 -26.42 13.59
CA ARG F 335 -21.41 -25.68 14.00
C ARG F 335 -21.10 -24.49 14.87
N PHE F 336 -21.73 -23.35 14.55
CA PHE F 336 -21.56 -22.10 15.26
C PHE F 336 -22.82 -21.79 16.08
N SER F 337 -22.63 -21.20 17.25
CA SER F 337 -23.71 -20.87 18.18
C SER F 337 -24.48 -19.59 17.89
N ARG F 338 -23.80 -18.53 17.48
CA ARG F 338 -24.49 -17.26 17.19
C ARG F 338 -24.75 -16.98 15.69
N THR F 339 -23.88 -17.48 14.82
CA THR F 339 -24.04 -17.27 13.38
C THR F 339 -23.98 -18.60 12.66
N PRO F 340 -24.88 -19.53 13.02
CA PRO F 340 -24.89 -20.85 12.39
C PRO F 340 -25.06 -20.80 10.88
N ALA F 341 -24.99 -21.98 10.26
CA ALA F 341 -25.14 -22.09 8.83
C ALA F 341 -26.62 -22.19 8.52
N GLY F 342 -27.03 -21.47 7.47
CA GLY F 342 -28.43 -21.50 7.09
C GLY F 342 -28.77 -22.87 6.53
N PRO F 343 -30.05 -23.14 6.28
CA PRO F 343 -30.41 -24.46 5.73
C PRO F 343 -29.70 -24.69 4.39
N VAL F 344 -29.42 -25.94 4.05
CA VAL F 344 -28.74 -26.23 2.80
C VAL F 344 -29.56 -26.00 1.55
N ARG F 345 -29.02 -25.20 0.63
CA ARG F 345 -29.69 -24.95 -0.64
C ARG F 345 -29.25 -26.07 -1.58
N PRO F 346 -29.94 -26.21 -2.72
CA PRO F 346 -29.61 -27.25 -3.68
C PRO F 346 -28.55 -26.78 -4.65
N PRO F 347 -27.97 -27.71 -5.42
CA PRO F 347 -26.94 -27.35 -6.40
C PRO F 347 -27.63 -26.57 -7.49
N PRO F 348 -26.87 -25.75 -8.21
CA PRO F 348 -27.39 -24.93 -9.31
C PRO F 348 -28.26 -25.72 -10.30
N ALA F 349 -29.55 -25.39 -10.33
CA ALA F 349 -30.47 -26.05 -11.23
C ALA F 349 -30.15 -25.62 -12.66
N ALA F 350 -29.58 -24.42 -12.80
CA ALA F 350 -29.20 -23.87 -14.10
C ALA F 350 -28.19 -22.75 -13.94
N ALA F 351 -27.28 -22.62 -14.91
CA ALA F 351 -26.26 -21.59 -14.85
C ALA F 351 -26.90 -20.22 -14.80
N THR F 352 -26.33 -19.32 -14.01
CA THR F 352 -26.87 -17.97 -13.91
C THR F 352 -26.06 -17.14 -14.89
N PRO F 353 -26.71 -16.19 -15.60
CA PRO F 353 -26.08 -15.31 -16.60
C PRO F 353 -24.63 -14.94 -16.33
N ILE F 354 -24.41 -13.72 -15.85
CA ILE F 354 -23.08 -13.27 -15.55
C ILE F 354 -23.18 -11.81 -15.19
N ASP F 355 -24.12 -11.13 -15.83
CA ASP F 355 -24.30 -9.73 -15.52
C ASP F 355 -25.28 -9.66 -14.37
N GLU F 356 -25.76 -10.82 -13.93
CA GLU F 356 -26.71 -10.88 -12.83
C GLU F 356 -26.00 -11.22 -11.52
N ILE F 357 -24.69 -10.99 -11.49
CA ILE F 357 -23.86 -11.26 -10.32
C ILE F 357 -24.36 -10.65 -9.02
N ASN F 358 -23.64 -9.62 -8.56
CA ASN F 358 -23.98 -8.93 -7.32
C ASN F 358 -22.77 -8.09 -6.97
N TRP F 359 -21.62 -8.47 -7.51
CA TRP F 359 -20.38 -7.77 -7.23
C TRP F 359 -20.06 -6.71 -8.28
#